data_8TLR
# 
_entry.id   8TLR 
# 
_audit_conform.dict_name       mmcif_pdbx.dic 
_audit_conform.dict_version    5.399 
_audit_conform.dict_location   http://mmcif.pdb.org/dictionaries/ascii/mmcif_pdbx.dic 
# 
loop_
_database_2.database_id 
_database_2.database_code 
_database_2.pdbx_database_accession 
_database_2.pdbx_DOI 
PDB   8TLR         pdb_00008tlr 10.2210/pdb8tlr/pdb 
WWPDB D_1000275955 ?            ?                   
# 
loop_
_pdbx_audit_revision_history.ordinal 
_pdbx_audit_revision_history.data_content_type 
_pdbx_audit_revision_history.major_revision 
_pdbx_audit_revision_history.minor_revision 
_pdbx_audit_revision_history.revision_date 
1 'Structure model' 1 0 2024-07-31 
2 'Structure model' 1 1 2024-09-25 
3 'Structure model' 1 2 2024-10-23 
4 'Structure model' 1 3 2024-11-13 
5 'Structure model' 1 4 2024-11-20 
# 
_pdbx_audit_revision_details.ordinal             1 
_pdbx_audit_revision_details.revision_ordinal    1 
_pdbx_audit_revision_details.data_content_type   'Structure model' 
_pdbx_audit_revision_details.provider            repository 
_pdbx_audit_revision_details.type                'Initial release' 
_pdbx_audit_revision_details.description         ? 
_pdbx_audit_revision_details.details             ? 
# 
loop_
_pdbx_audit_revision_group.ordinal 
_pdbx_audit_revision_group.revision_ordinal 
_pdbx_audit_revision_group.data_content_type 
_pdbx_audit_revision_group.group 
1 2 'Structure model' 'Database references' 
2 3 'Structure model' 'Structure summary'   
3 4 'Structure model' 'Database references' 
4 5 'Structure model' 'Database references' 
# 
loop_
_pdbx_audit_revision_category.ordinal 
_pdbx_audit_revision_category.revision_ordinal 
_pdbx_audit_revision_category.data_content_type 
_pdbx_audit_revision_category.category 
1 2 'Structure model' citation                  
2 2 'Structure model' citation_author           
3 3 'Structure model' pdbx_entry_details        
4 3 'Structure model' pdbx_modification_feature 
5 4 'Structure model' citation                  
6 5 'Structure model' citation                  
# 
loop_
_pdbx_audit_revision_item.ordinal 
_pdbx_audit_revision_item.revision_ordinal 
_pdbx_audit_revision_item.data_content_type 
_pdbx_audit_revision_item.item 
1  2 'Structure model' '_citation.journal_abbrev'                     
2  2 'Structure model' '_citation.journal_id_CSD'                     
3  2 'Structure model' '_citation.journal_id_ISSN'                    
4  2 'Structure model' '_citation.pdbx_database_id_DOI'               
5  2 'Structure model' '_citation.pdbx_database_id_PubMed'            
6  2 'Structure model' '_citation.title'                              
7  2 'Structure model' '_citation.year'                               
8  3 'Structure model' '_pdbx_entry_details.has_protein_modification' 
9  4 'Structure model' '_citation.journal_volume'                     
10 4 'Structure model' '_citation.page_first'                         
11 4 'Structure model' '_citation.page_last'                          
12 5 'Structure model' '_citation.page_last'                          
# 
_pdbx_database_status.status_code                     REL 
_pdbx_database_status.status_code_sf                  REL 
_pdbx_database_status.status_code_mr                  ? 
_pdbx_database_status.entry_id                        8TLR 
_pdbx_database_status.recvd_initial_deposition_date   2023-07-27 
_pdbx_database_status.SG_entry                        N 
_pdbx_database_status.deposit_site                    RCSB 
_pdbx_database_status.process_site                    RCSB 
_pdbx_database_status.status_code_cs                  ? 
_pdbx_database_status.status_code_nmr_data            ? 
_pdbx_database_status.methods_development_category    ? 
_pdbx_database_status.pdb_format_compatible           Y 
# 
_pdbx_contact_author.id                 2 
_pdbx_contact_author.email              Kevan.Shokat@ucsf.edu 
_pdbx_contact_author.name_first         Kevan 
_pdbx_contact_author.name_last          Shokat 
_pdbx_contact_author.name_mi            M 
_pdbx_contact_author.role               'principal investigator/group leader' 
_pdbx_contact_author.identifier_ORCID   0000-0001-8590-7741 
# 
loop_
_audit_author.name 
_audit_author.pdbx_ordinal 
_audit_author.identifier_ORCID 
'Morstein, J.' 1 0000-0002-6940-288X 
'Guiley, K.Z.' 2 0000-0002-8149-4262 
'Shokat, K.M.' 3 0000-0001-8590-7741 
# 
_citation.abstract                  ? 
_citation.abstract_id_CAS           ? 
_citation.book_id_ISBN              ? 
_citation.book_publisher            ? 
_citation.book_publisher_city       ? 
_citation.book_title                ? 
_citation.coordinate_linkage        ? 
_citation.country                   ? 
_citation.database_id_Medline       ? 
_citation.details                   ? 
_citation.id                        primary 
_citation.journal_abbrev            Cell 
_citation.journal_id_ASTM           ? 
_citation.journal_id_CSD            ? 
_citation.journal_id_ISSN           1097-4172 
_citation.journal_full              ? 
_citation.journal_issue             ? 
_citation.journal_volume            187 
_citation.language                  ? 
_citation.page_first                6379 
_citation.page_last                 ? 
_citation.title                     'Targeting Ras-, Rho-, and Rab-family GTPases via a conserved cryptic pocket.' 
_citation.year                      2024 
_citation.database_id_CSD           ? 
_citation.pdbx_database_id_DOI      10.1016/j.cell.2024.08.017 
_citation.pdbx_database_id_PubMed   39255801 
_citation.pdbx_database_id_patent   ? 
_citation.unpublished_flag          ? 
# 
loop_
_citation_author.citation_id 
_citation_author.name 
_citation_author.ordinal 
_citation_author.identifier_ORCID 
primary 'Morstein, J.'     1  ? 
primary 'Bowcut, V.'       2  ? 
primary 'Fernando, M.'     3  ? 
primary 'Yang, Y.'         4  ? 
primary 'Zhu, L.'          5  ? 
primary 'Jenkins, M.L.'    6  ? 
primary 'Evans, J.T.'      7  ? 
primary 'Guiley, K.Z.'     8  ? 
primary 'Peacock, D.M.'    9  ? 
primary 'Krahnke, S.'      10 ? 
primary 'Lin, Z.'          11 ? 
primary 'Taran, K.A.'      12 ? 
primary 'Huang, B.J.'      13 ? 
primary 'Stephen, A.G.'    14 ? 
primary 'Burke, J.E.'      15 ? 
primary 'Lightstone, F.C.' 16 ? 
primary 'Shokat, K.M.'     17 ? 
# 
loop_
_entity.id 
_entity.type 
_entity.src_method 
_entity.pdbx_description 
_entity.formula_weight 
_entity.pdbx_number_of_molecules 
_entity.pdbx_ec 
_entity.pdbx_mutation 
_entity.pdbx_fragment 
_entity.details 
1 polymer     man 'GTPase HRas'              18921.283 1   ? G12C ? ? 
2 non-polymer syn "GUANOSINE-5'-DIPHOSPHATE" 443.201   1   ? ?    ? ? 
3 non-polymer syn 'AMG 510 (bound form)'     562.610   1   ? ?    ? ? 
4 non-polymer syn 'MAGNESIUM ION'            24.305    1   ? ?    ? ? 
5 water       nat water                      18.015    107 ? ?    ? ? 
# 
_entity_poly.entity_id                      1 
_entity_poly.type                           'polypeptide(L)' 
_entity_poly.nstd_linkage                   no 
_entity_poly.nstd_monomer                   no 
_entity_poly.pdbx_seq_one_letter_code       
;MTEYKLVVVGACGVGKSALTIQLIQNHFVDEYDPTIEDSYRKQVVIDGETCLLDILDTAGQEEYSAMRDQYMRTGEGFLC
VFAINNTKSFEDIHQYREQIKRVKDSDDVPMVLVGNKCDLAARTVESRQAQDLARSYGIPYIETSAKTRQGVEDAFYTLV
REIRQH
;
_entity_poly.pdbx_seq_one_letter_code_can   
;MTEYKLVVVGACGVGKSALTIQLIQNHFVDEYDPTIEDSYRKQVVIDGETCLLDILDTAGQEEYSAMRDQYMRTGEGFLC
VFAINNTKSFEDIHQYREQIKRVKDSDDVPMVLVGNKCDLAARTVESRQAQDLARSYGIPYIETSAKTRQGVEDAFYTLV
REIRQH
;
_entity_poly.pdbx_strand_id                 A 
_entity_poly.pdbx_target_identifier         ? 
# 
loop_
_pdbx_entity_nonpoly.entity_id 
_pdbx_entity_nonpoly.name 
_pdbx_entity_nonpoly.comp_id 
2 "GUANOSINE-5'-DIPHOSPHATE" GDP 
3 'AMG 510 (bound form)'     MOV 
4 'MAGNESIUM ION'            MG  
5 water                      HOH 
# 
loop_
_entity_poly_seq.entity_id 
_entity_poly_seq.num 
_entity_poly_seq.mon_id 
_entity_poly_seq.hetero 
1 1   MET n 
1 2   THR n 
1 3   GLU n 
1 4   TYR n 
1 5   LYS n 
1 6   LEU n 
1 7   VAL n 
1 8   VAL n 
1 9   VAL n 
1 10  GLY n 
1 11  ALA n 
1 12  CYS n 
1 13  GLY n 
1 14  VAL n 
1 15  GLY n 
1 16  LYS n 
1 17  SER n 
1 18  ALA n 
1 19  LEU n 
1 20  THR n 
1 21  ILE n 
1 22  GLN n 
1 23  LEU n 
1 24  ILE n 
1 25  GLN n 
1 26  ASN n 
1 27  HIS n 
1 28  PHE n 
1 29  VAL n 
1 30  ASP n 
1 31  GLU n 
1 32  TYR n 
1 33  ASP n 
1 34  PRO n 
1 35  THR n 
1 36  ILE n 
1 37  GLU n 
1 38  ASP n 
1 39  SER n 
1 40  TYR n 
1 41  ARG n 
1 42  LYS n 
1 43  GLN n 
1 44  VAL n 
1 45  VAL n 
1 46  ILE n 
1 47  ASP n 
1 48  GLY n 
1 49  GLU n 
1 50  THR n 
1 51  CYS n 
1 52  LEU n 
1 53  LEU n 
1 54  ASP n 
1 55  ILE n 
1 56  LEU n 
1 57  ASP n 
1 58  THR n 
1 59  ALA n 
1 60  GLY n 
1 61  GLN n 
1 62  GLU n 
1 63  GLU n 
1 64  TYR n 
1 65  SER n 
1 66  ALA n 
1 67  MET n 
1 68  ARG n 
1 69  ASP n 
1 70  GLN n 
1 71  TYR n 
1 72  MET n 
1 73  ARG n 
1 74  THR n 
1 75  GLY n 
1 76  GLU n 
1 77  GLY n 
1 78  PHE n 
1 79  LEU n 
1 80  CYS n 
1 81  VAL n 
1 82  PHE n 
1 83  ALA n 
1 84  ILE n 
1 85  ASN n 
1 86  ASN n 
1 87  THR n 
1 88  LYS n 
1 89  SER n 
1 90  PHE n 
1 91  GLU n 
1 92  ASP n 
1 93  ILE n 
1 94  HIS n 
1 95  GLN n 
1 96  TYR n 
1 97  ARG n 
1 98  GLU n 
1 99  GLN n 
1 100 ILE n 
1 101 LYS n 
1 102 ARG n 
1 103 VAL n 
1 104 LYS n 
1 105 ASP n 
1 106 SER n 
1 107 ASP n 
1 108 ASP n 
1 109 VAL n 
1 110 PRO n 
1 111 MET n 
1 112 VAL n 
1 113 LEU n 
1 114 VAL n 
1 115 GLY n 
1 116 ASN n 
1 117 LYS n 
1 118 CYS n 
1 119 ASP n 
1 120 LEU n 
1 121 ALA n 
1 122 ALA n 
1 123 ARG n 
1 124 THR n 
1 125 VAL n 
1 126 GLU n 
1 127 SER n 
1 128 ARG n 
1 129 GLN n 
1 130 ALA n 
1 131 GLN n 
1 132 ASP n 
1 133 LEU n 
1 134 ALA n 
1 135 ARG n 
1 136 SER n 
1 137 TYR n 
1 138 GLY n 
1 139 ILE n 
1 140 PRO n 
1 141 TYR n 
1 142 ILE n 
1 143 GLU n 
1 144 THR n 
1 145 SER n 
1 146 ALA n 
1 147 LYS n 
1 148 THR n 
1 149 ARG n 
1 150 GLN n 
1 151 GLY n 
1 152 VAL n 
1 153 GLU n 
1 154 ASP n 
1 155 ALA n 
1 156 PHE n 
1 157 TYR n 
1 158 THR n 
1 159 LEU n 
1 160 VAL n 
1 161 ARG n 
1 162 GLU n 
1 163 ILE n 
1 164 ARG n 
1 165 GLN n 
1 166 HIS n 
# 
_entity_src_gen.entity_id                          1 
_entity_src_gen.pdbx_src_id                        1 
_entity_src_gen.pdbx_alt_source_flag               sample 
_entity_src_gen.pdbx_seq_type                      'Biological sequence' 
_entity_src_gen.pdbx_beg_seq_num                   1 
_entity_src_gen.pdbx_end_seq_num                   166 
_entity_src_gen.gene_src_common_name               human 
_entity_src_gen.gene_src_genus                     ? 
_entity_src_gen.pdbx_gene_src_gene                 HRAS 
_entity_src_gen.gene_src_species                   ? 
_entity_src_gen.gene_src_strain                    ? 
_entity_src_gen.gene_src_tissue                    ? 
_entity_src_gen.gene_src_tissue_fraction           ? 
_entity_src_gen.gene_src_details                   ? 
_entity_src_gen.pdbx_gene_src_fragment             ? 
_entity_src_gen.pdbx_gene_src_scientific_name      'Homo sapiens' 
_entity_src_gen.pdbx_gene_src_ncbi_taxonomy_id     9606 
_entity_src_gen.pdbx_gene_src_variant              ? 
_entity_src_gen.pdbx_gene_src_cell_line            ? 
_entity_src_gen.pdbx_gene_src_atcc                 ? 
_entity_src_gen.pdbx_gene_src_organ                ? 
_entity_src_gen.pdbx_gene_src_organelle            ? 
_entity_src_gen.pdbx_gene_src_cell                 ? 
_entity_src_gen.pdbx_gene_src_cellular_location    ? 
_entity_src_gen.host_org_common_name               ? 
_entity_src_gen.pdbx_host_org_scientific_name      'Escherichia coli' 
_entity_src_gen.pdbx_host_org_ncbi_taxonomy_id     562 
_entity_src_gen.host_org_genus                     ? 
_entity_src_gen.pdbx_host_org_gene                 ? 
_entity_src_gen.pdbx_host_org_organ                ? 
_entity_src_gen.host_org_species                   ? 
_entity_src_gen.pdbx_host_org_tissue               ? 
_entity_src_gen.pdbx_host_org_tissue_fraction      ? 
_entity_src_gen.pdbx_host_org_strain               ? 
_entity_src_gen.pdbx_host_org_variant              ? 
_entity_src_gen.pdbx_host_org_cell_line            ? 
_entity_src_gen.pdbx_host_org_atcc                 ? 
_entity_src_gen.pdbx_host_org_culture_collection   ? 
_entity_src_gen.pdbx_host_org_cell                 ? 
_entity_src_gen.pdbx_host_org_organelle            ? 
_entity_src_gen.pdbx_host_org_cellular_location    ? 
_entity_src_gen.pdbx_host_org_vector_type          ? 
_entity_src_gen.pdbx_host_org_vector               ? 
_entity_src_gen.host_org_details                   ? 
_entity_src_gen.expression_system_id               ? 
_entity_src_gen.plasmid_name                       ? 
_entity_src_gen.plasmid_details                    ? 
_entity_src_gen.pdbx_description                   ? 
# 
loop_
_chem_comp.id 
_chem_comp.type 
_chem_comp.mon_nstd_flag 
_chem_comp.name 
_chem_comp.pdbx_synonyms 
_chem_comp.formula 
_chem_comp.formula_weight 
ALA 'L-peptide linking' y ALANINE                    ? 'C3 H7 N O2'        89.093  
ARG 'L-peptide linking' y ARGININE                   ? 'C6 H15 N4 O2 1'    175.209 
ASN 'L-peptide linking' y ASPARAGINE                 ? 'C4 H8 N2 O3'       132.118 
ASP 'L-peptide linking' y 'ASPARTIC ACID'            ? 'C4 H7 N O4'        133.103 
CYS 'L-peptide linking' y CYSTEINE                   ? 'C3 H7 N O2 S'      121.158 
GDP 'RNA linking'       n "GUANOSINE-5'-DIPHOSPHATE" ? 'C10 H15 N5 O11 P2' 443.201 
GLN 'L-peptide linking' y GLUTAMINE                  ? 'C5 H10 N2 O3'      146.144 
GLU 'L-peptide linking' y 'GLUTAMIC ACID'            ? 'C5 H9 N O4'        147.129 
GLY 'peptide linking'   y GLYCINE                    ? 'C2 H5 N O2'        75.067  
HIS 'L-peptide linking' y HISTIDINE                  ? 'C6 H10 N3 O2 1'    156.162 
HOH non-polymer         . WATER                      ? 'H2 O'              18.015  
ILE 'L-peptide linking' y ISOLEUCINE                 ? 'C6 H13 N O2'       131.173 
LEU 'L-peptide linking' y LEUCINE                    ? 'C6 H13 N O2'       131.173 
LYS 'L-peptide linking' y LYSINE                     ? 'C6 H15 N2 O2 1'    147.195 
MET 'L-peptide linking' y METHIONINE                 ? 'C5 H11 N O2 S'     149.211 
MG  non-polymer         . 'MAGNESIUM ION'            ? 'Mg 2'              24.305  
MOV non-polymer         . 'AMG 510 (bound form)'     
;6-fluoro-7-(2-fluoro-6-hydroxyphenyl)-4-[(2S)-2-methyl-4-propanoylpiperazin-1-yl]-1-[4-methyl-2-(propan-2-yl)pyridin-3-yl]pyrido[2,3-d]pyrimidin-2(1H)-one
;
'C30 H32 F2 N6 O3'  562.610 
PHE 'L-peptide linking' y PHENYLALANINE              ? 'C9 H11 N O2'       165.189 
PRO 'L-peptide linking' y PROLINE                    ? 'C5 H9 N O2'        115.130 
SER 'L-peptide linking' y SERINE                     ? 'C3 H7 N O3'        105.093 
THR 'L-peptide linking' y THREONINE                  ? 'C4 H9 N O3'        119.119 
TYR 'L-peptide linking' y TYROSINE                   ? 'C9 H11 N O3'       181.189 
VAL 'L-peptide linking' y VALINE                     ? 'C5 H11 N O2'       117.146 
# 
loop_
_pdbx_poly_seq_scheme.asym_id 
_pdbx_poly_seq_scheme.entity_id 
_pdbx_poly_seq_scheme.seq_id 
_pdbx_poly_seq_scheme.mon_id 
_pdbx_poly_seq_scheme.ndb_seq_num 
_pdbx_poly_seq_scheme.pdb_seq_num 
_pdbx_poly_seq_scheme.auth_seq_num 
_pdbx_poly_seq_scheme.pdb_mon_id 
_pdbx_poly_seq_scheme.auth_mon_id 
_pdbx_poly_seq_scheme.pdb_strand_id 
_pdbx_poly_seq_scheme.pdb_ins_code 
_pdbx_poly_seq_scheme.hetero 
A 1 1   MET 1   1   1   MET MET A . n 
A 1 2   THR 2   2   2   THR THR A . n 
A 1 3   GLU 3   3   3   GLU GLU A . n 
A 1 4   TYR 4   4   4   TYR TYR A . n 
A 1 5   LYS 5   5   5   LYS LYS A . n 
A 1 6   LEU 6   6   6   LEU LEU A . n 
A 1 7   VAL 7   7   7   VAL VAL A . n 
A 1 8   VAL 8   8   8   VAL VAL A . n 
A 1 9   VAL 9   9   9   VAL VAL A . n 
A 1 10  GLY 10  10  10  GLY GLY A . n 
A 1 11  ALA 11  11  11  ALA ALA A . n 
A 1 12  CYS 12  12  12  CYS CYS A . n 
A 1 13  GLY 13  13  13  GLY GLY A . n 
A 1 14  VAL 14  14  14  VAL VAL A . n 
A 1 15  GLY 15  15  15  GLY GLY A . n 
A 1 16  LYS 16  16  16  LYS LYS A . n 
A 1 17  SER 17  17  17  SER SER A . n 
A 1 18  ALA 18  18  18  ALA ALA A . n 
A 1 19  LEU 19  19  19  LEU LEU A . n 
A 1 20  THR 20  20  20  THR THR A . n 
A 1 21  ILE 21  21  21  ILE ILE A . n 
A 1 22  GLN 22  22  22  GLN GLN A . n 
A 1 23  LEU 23  23  23  LEU LEU A . n 
A 1 24  ILE 24  24  24  ILE ILE A . n 
A 1 25  GLN 25  25  25  GLN GLN A . n 
A 1 26  ASN 26  26  26  ASN ASN A . n 
A 1 27  HIS 27  27  27  HIS HIS A . n 
A 1 28  PHE 28  28  28  PHE PHE A . n 
A 1 29  VAL 29  29  29  VAL VAL A . n 
A 1 30  ASP 30  30  30  ASP ASP A . n 
A 1 31  GLU 31  31  31  GLU GLU A . n 
A 1 32  TYR 32  32  32  TYR TYR A . n 
A 1 33  ASP 33  33  33  ASP ASP A . n 
A 1 34  PRO 34  34  34  PRO PRO A . n 
A 1 35  THR 35  35  35  THR THR A . n 
A 1 36  ILE 36  36  36  ILE ILE A . n 
A 1 37  GLU 37  37  37  GLU GLU A . n 
A 1 38  ASP 38  38  38  ASP ASP A . n 
A 1 39  SER 39  39  39  SER SER A . n 
A 1 40  TYR 40  40  40  TYR TYR A . n 
A 1 41  ARG 41  41  41  ARG ARG A . n 
A 1 42  LYS 42  42  42  LYS LYS A . n 
A 1 43  GLN 43  43  43  GLN GLN A . n 
A 1 44  VAL 44  44  44  VAL VAL A . n 
A 1 45  VAL 45  45  45  VAL VAL A . n 
A 1 46  ILE 46  46  46  ILE ILE A . n 
A 1 47  ASP 47  47  47  ASP ASP A . n 
A 1 48  GLY 48  48  48  GLY GLY A . n 
A 1 49  GLU 49  49  49  GLU GLU A . n 
A 1 50  THR 50  50  50  THR THR A . n 
A 1 51  CYS 51  51  51  CYS CYS A . n 
A 1 52  LEU 52  52  52  LEU LEU A . n 
A 1 53  LEU 53  53  53  LEU LEU A . n 
A 1 54  ASP 54  54  54  ASP ASP A . n 
A 1 55  ILE 55  55  55  ILE ILE A . n 
A 1 56  LEU 56  56  56  LEU LEU A . n 
A 1 57  ASP 57  57  57  ASP ASP A . n 
A 1 58  THR 58  58  58  THR THR A . n 
A 1 59  ALA 59  59  59  ALA ALA A . n 
A 1 60  GLY 60  60  ?   ?   ?   A . n 
A 1 61  GLN 61  61  ?   ?   ?   A . n 
A 1 62  GLU 62  62  ?   ?   ?   A . n 
A 1 63  GLU 63  63  ?   ?   ?   A . n 
A 1 64  TYR 64  64  ?   ?   ?   A . n 
A 1 65  SER 65  65  ?   ?   ?   A . n 
A 1 66  ALA 66  66  ?   ?   ?   A . n 
A 1 67  MET 67  67  ?   ?   ?   A . n 
A 1 68  ARG 68  68  68  ARG ARG A . n 
A 1 69  ASP 69  69  69  ASP ASP A . n 
A 1 70  GLN 70  70  70  GLN GLN A . n 
A 1 71  TYR 71  71  71  TYR TYR A . n 
A 1 72  MET 72  72  72  MET MET A . n 
A 1 73  ARG 73  73  73  ARG ARG A . n 
A 1 74  THR 74  74  74  THR THR A . n 
A 1 75  GLY 75  75  75  GLY GLY A . n 
A 1 76  GLU 76  76  76  GLU GLU A . n 
A 1 77  GLY 77  77  77  GLY GLY A . n 
A 1 78  PHE 78  78  78  PHE PHE A . n 
A 1 79  LEU 79  79  79  LEU LEU A . n 
A 1 80  CYS 80  80  80  CYS CYS A . n 
A 1 81  VAL 81  81  81  VAL VAL A . n 
A 1 82  PHE 82  82  82  PHE PHE A . n 
A 1 83  ALA 83  83  83  ALA ALA A . n 
A 1 84  ILE 84  84  84  ILE ILE A . n 
A 1 85  ASN 85  85  85  ASN ASN A . n 
A 1 86  ASN 86  86  86  ASN ASN A . n 
A 1 87  THR 87  87  87  THR THR A . n 
A 1 88  LYS 88  88  88  LYS LYS A . n 
A 1 89  SER 89  89  89  SER SER A . n 
A 1 90  PHE 90  90  90  PHE PHE A . n 
A 1 91  GLU 91  91  91  GLU GLU A . n 
A 1 92  ASP 92  92  92  ASP ASP A . n 
A 1 93  ILE 93  93  93  ILE ILE A . n 
A 1 94  HIS 94  94  94  HIS HIS A . n 
A 1 95  GLN 95  95  95  GLN GLN A . n 
A 1 96  TYR 96  96  96  TYR TYR A . n 
A 1 97  ARG 97  97  97  ARG ARG A . n 
A 1 98  GLU 98  98  98  GLU GLU A . n 
A 1 99  GLN 99  99  99  GLN GLN A . n 
A 1 100 ILE 100 100 100 ILE ILE A . n 
A 1 101 LYS 101 101 101 LYS LYS A . n 
A 1 102 ARG 102 102 102 ARG ARG A . n 
A 1 103 VAL 103 103 103 VAL VAL A . n 
A 1 104 LYS 104 104 104 LYS LYS A . n 
A 1 105 ASP 105 105 105 ASP ASP A . n 
A 1 106 SER 106 106 106 SER SER A . n 
A 1 107 ASP 107 107 107 ASP ASP A . n 
A 1 108 ASP 108 108 108 ASP ASP A . n 
A 1 109 VAL 109 109 109 VAL VAL A . n 
A 1 110 PRO 110 110 110 PRO PRO A . n 
A 1 111 MET 111 111 111 MET MET A . n 
A 1 112 VAL 112 112 112 VAL VAL A . n 
A 1 113 LEU 113 113 113 LEU LEU A . n 
A 1 114 VAL 114 114 114 VAL VAL A . n 
A 1 115 GLY 115 115 115 GLY GLY A . n 
A 1 116 ASN 116 116 116 ASN ASN A . n 
A 1 117 LYS 117 117 117 LYS LYS A . n 
A 1 118 CYS 118 118 118 CYS CYS A . n 
A 1 119 ASP 119 119 119 ASP ASP A . n 
A 1 120 LEU 120 120 120 LEU LEU A . n 
A 1 121 ALA 121 121 121 ALA ALA A . n 
A 1 122 ALA 122 122 122 ALA ALA A . n 
A 1 123 ARG 123 123 123 ARG ARG A . n 
A 1 124 THR 124 124 124 THR THR A . n 
A 1 125 VAL 125 125 125 VAL VAL A . n 
A 1 126 GLU 126 126 126 GLU GLU A . n 
A 1 127 SER 127 127 127 SER SER A . n 
A 1 128 ARG 128 128 128 ARG ARG A . n 
A 1 129 GLN 129 129 129 GLN GLN A . n 
A 1 130 ALA 130 130 130 ALA ALA A . n 
A 1 131 GLN 131 131 131 GLN GLN A . n 
A 1 132 ASP 132 132 132 ASP ASP A . n 
A 1 133 LEU 133 133 133 LEU LEU A . n 
A 1 134 ALA 134 134 134 ALA ALA A . n 
A 1 135 ARG 135 135 135 ARG ARG A . n 
A 1 136 SER 136 136 136 SER SER A . n 
A 1 137 TYR 137 137 137 TYR TYR A . n 
A 1 138 GLY 138 138 138 GLY GLY A . n 
A 1 139 ILE 139 139 139 ILE ILE A . n 
A 1 140 PRO 140 140 140 PRO PRO A . n 
A 1 141 TYR 141 141 141 TYR TYR A . n 
A 1 142 ILE 142 142 142 ILE ILE A . n 
A 1 143 GLU 143 143 143 GLU GLU A . n 
A 1 144 THR 144 144 144 THR THR A . n 
A 1 145 SER 145 145 145 SER SER A . n 
A 1 146 ALA 146 146 146 ALA ALA A . n 
A 1 147 LYS 147 147 147 LYS LYS A . n 
A 1 148 THR 148 148 148 THR THR A . n 
A 1 149 ARG 149 149 149 ARG ARG A . n 
A 1 150 GLN 150 150 150 GLN GLN A . n 
A 1 151 GLY 151 151 151 GLY GLY A . n 
A 1 152 VAL 152 152 152 VAL VAL A . n 
A 1 153 GLU 153 153 153 GLU GLU A . n 
A 1 154 ASP 154 154 154 ASP ASP A . n 
A 1 155 ALA 155 155 155 ALA ALA A . n 
A 1 156 PHE 156 156 156 PHE PHE A . n 
A 1 157 TYR 157 157 157 TYR TYR A . n 
A 1 158 THR 158 158 158 THR THR A . n 
A 1 159 LEU 159 159 159 LEU LEU A . n 
A 1 160 VAL 160 160 160 VAL VAL A . n 
A 1 161 ARG 161 161 161 ARG ARG A . n 
A 1 162 GLU 162 162 162 GLU GLU A . n 
A 1 163 ILE 163 163 163 ILE ILE A . n 
A 1 164 ARG 164 164 164 ARG ARG A . n 
A 1 165 GLN 165 165 165 GLN GLN A . n 
A 1 166 HIS 166 166 166 HIS HIS A . n 
# 
loop_
_pdbx_entity_instance_feature.ordinal 
_pdbx_entity_instance_feature.comp_id 
_pdbx_entity_instance_feature.asym_id 
_pdbx_entity_instance_feature.seq_num 
_pdbx_entity_instance_feature.auth_comp_id 
_pdbx_entity_instance_feature.auth_asym_id 
_pdbx_entity_instance_feature.auth_seq_num 
_pdbx_entity_instance_feature.feature_type 
_pdbx_entity_instance_feature.details 
1 MOV ? ? MOV ? ? 'SUBJECT OF INVESTIGATION' ? 
2 MG  ? ? MG  ? ? 'SUBJECT OF INVESTIGATION' ? 
3 GDP ? ? GDP ? ? 'SUBJECT OF INVESTIGATION' ? 
# 
loop_
_pdbx_nonpoly_scheme.asym_id 
_pdbx_nonpoly_scheme.entity_id 
_pdbx_nonpoly_scheme.mon_id 
_pdbx_nonpoly_scheme.ndb_seq_num 
_pdbx_nonpoly_scheme.pdb_seq_num 
_pdbx_nonpoly_scheme.auth_seq_num 
_pdbx_nonpoly_scheme.pdb_mon_id 
_pdbx_nonpoly_scheme.auth_mon_id 
_pdbx_nonpoly_scheme.pdb_strand_id 
_pdbx_nonpoly_scheme.pdb_ins_code 
B 2 GDP 1   201 302 GDP GDP A . 
C 3 MOV 1   202 1   MOV MOV A . 
D 4 MG  1   203 1   MG  MG  A . 
E 5 HOH 1   301 66  HOH HOH A . 
E 5 HOH 2   302 74  HOH HOH A . 
E 5 HOH 3   303 99  HOH HOH A . 
E 5 HOH 4   304 59  HOH HOH A . 
E 5 HOH 5   305 40  HOH HOH A . 
E 5 HOH 6   306 80  HOH HOH A . 
E 5 HOH 7   307 67  HOH HOH A . 
E 5 HOH 8   308 65  HOH HOH A . 
E 5 HOH 9   309 3   HOH HOH A . 
E 5 HOH 10  310 5   HOH HOH A . 
E 5 HOH 11  311 32  HOH HOH A . 
E 5 HOH 12  312 44  HOH HOH A . 
E 5 HOH 13  313 20  HOH HOH A . 
E 5 HOH 14  314 12  HOH HOH A . 
E 5 HOH 15  315 72  HOH HOH A . 
E 5 HOH 16  316 102 HOH HOH A . 
E 5 HOH 17  317 27  HOH HOH A . 
E 5 HOH 18  318 69  HOH HOH A . 
E 5 HOH 19  319 37  HOH HOH A . 
E 5 HOH 20  320 38  HOH HOH A . 
E 5 HOH 21  321 79  HOH HOH A . 
E 5 HOH 22  322 83  HOH HOH A . 
E 5 HOH 23  323 95  HOH HOH A . 
E 5 HOH 24  324 71  HOH HOH A . 
E 5 HOH 25  325 13  HOH HOH A . 
E 5 HOH 26  326 54  HOH HOH A . 
E 5 HOH 27  327 86  HOH HOH A . 
E 5 HOH 28  328 41  HOH HOH A . 
E 5 HOH 29  329 104 HOH HOH A . 
E 5 HOH 30  330 64  HOH HOH A . 
E 5 HOH 31  331 29  HOH HOH A . 
E 5 HOH 32  332 14  HOH HOH A . 
E 5 HOH 33  333 25  HOH HOH A . 
E 5 HOH 34  334 19  HOH HOH A . 
E 5 HOH 35  335 7   HOH HOH A . 
E 5 HOH 36  336 28  HOH HOH A . 
E 5 HOH 37  337 58  HOH HOH A . 
E 5 HOH 38  338 9   HOH HOH A . 
E 5 HOH 39  339 42  HOH HOH A . 
E 5 HOH 40  340 109 HOH HOH A . 
E 5 HOH 41  341 43  HOH HOH A . 
E 5 HOH 42  342 4   HOH HOH A . 
E 5 HOH 43  343 98  HOH HOH A . 
E 5 HOH 44  344 61  HOH HOH A . 
E 5 HOH 45  345 97  HOH HOH A . 
E 5 HOH 46  346 103 HOH HOH A . 
E 5 HOH 47  347 81  HOH HOH A . 
E 5 HOH 48  348 11  HOH HOH A . 
E 5 HOH 49  349 70  HOH HOH A . 
E 5 HOH 50  350 17  HOH HOH A . 
E 5 HOH 51  351 15  HOH HOH A . 
E 5 HOH 52  352 112 HOH HOH A . 
E 5 HOH 53  353 89  HOH HOH A . 
E 5 HOH 54  354 8   HOH HOH A . 
E 5 HOH 55  355 33  HOH HOH A . 
E 5 HOH 56  356 6   HOH HOH A . 
E 5 HOH 57  357 77  HOH HOH A . 
E 5 HOH 58  358 34  HOH HOH A . 
E 5 HOH 59  359 23  HOH HOH A . 
E 5 HOH 60  360 49  HOH HOH A . 
E 5 HOH 61  361 2   HOH HOH A . 
E 5 HOH 62  362 56  HOH HOH A . 
E 5 HOH 63  363 46  HOH HOH A . 
E 5 HOH 64  364 31  HOH HOH A . 
E 5 HOH 65  365 45  HOH HOH A . 
E 5 HOH 66  366 51  HOH HOH A . 
E 5 HOH 67  367 18  HOH HOH A . 
E 5 HOH 68  368 30  HOH HOH A . 
E 5 HOH 69  369 35  HOH HOH A . 
E 5 HOH 70  370 52  HOH HOH A . 
E 5 HOH 71  371 55  HOH HOH A . 
E 5 HOH 72  372 92  HOH HOH A . 
E 5 HOH 73  373 107 HOH HOH A . 
E 5 HOH 74  374 106 HOH HOH A . 
E 5 HOH 75  375 62  HOH HOH A . 
E 5 HOH 76  376 75  HOH HOH A . 
E 5 HOH 77  377 16  HOH HOH A . 
E 5 HOH 78  378 22  HOH HOH A . 
E 5 HOH 79  379 21  HOH HOH A . 
E 5 HOH 80  380 36  HOH HOH A . 
E 5 HOH 81  381 24  HOH HOH A . 
E 5 HOH 82  382 39  HOH HOH A . 
E 5 HOH 83  383 96  HOH HOH A . 
E 5 HOH 84  384 50  HOH HOH A . 
E 5 HOH 85  385 63  HOH HOH A . 
E 5 HOH 86  386 82  HOH HOH A . 
E 5 HOH 87  387 93  HOH HOH A . 
E 5 HOH 88  388 85  HOH HOH A . 
E 5 HOH 89  389 100 HOH HOH A . 
E 5 HOH 90  390 84  HOH HOH A . 
E 5 HOH 91  391 48  HOH HOH A . 
E 5 HOH 92  392 101 HOH HOH A . 
E 5 HOH 93  393 108 HOH HOH A . 
E 5 HOH 94  394 88  HOH HOH A . 
E 5 HOH 95  395 110 HOH HOH A . 
E 5 HOH 96  396 47  HOH HOH A . 
E 5 HOH 97  397 90  HOH HOH A . 
E 5 HOH 98  398 105 HOH HOH A . 
E 5 HOH 99  399 73  HOH HOH A . 
E 5 HOH 100 400 10  HOH HOH A . 
E 5 HOH 101 401 68  HOH HOH A . 
E 5 HOH 102 402 87  HOH HOH A . 
E 5 HOH 103 403 94  HOH HOH A . 
E 5 HOH 104 404 53  HOH HOH A . 
E 5 HOH 105 405 111 HOH HOH A . 
E 5 HOH 106 406 76  HOH HOH A . 
E 5 HOH 107 407 78  HOH HOH A . 
# 
loop_
_software.citation_id 
_software.classification 
_software.compiler_name 
_software.compiler_version 
_software.contact_author 
_software.contact_author_email 
_software.date 
_software.description 
_software.dependencies 
_software.hardware 
_software.language 
_software.location 
_software.mods 
_software.name 
_software.os 
_software.os_version 
_software.type 
_software.version 
_software.pdbx_ordinal 
? 'data collection' ? ? ? ? ? ? ? ? ? ? ? Blu-Ice ? ? ? .           1 
? 'data reduction'  ? ? ? ? ? ? ? ? ? ? ? iMOSFLM ? ? ? .           2 
? 'data scaling'    ? ? ? ? ? ? ? ? ? ? ? Aimless ? ? ? .           3 
? phasing           ? ? ? ? ? ? ? ? ? ? ? PHENIX  ? ? ? 1.10-1-2155 4 
? refinement        ? ? ? ? ? ? ? ? ? ? ? PHENIX  ? ? ? 1.10-1-2155 5 
# 
_cell.angle_alpha                  90.000 
_cell.angle_alpha_esd              ? 
_cell.angle_beta                   90.000 
_cell.angle_beta_esd               ? 
_cell.angle_gamma                  120.000 
_cell.angle_gamma_esd              ? 
_cell.entry_id                     8TLR 
_cell.details                      ? 
_cell.formula_units_Z              ? 
_cell.length_a                     92.449 
_cell.length_a_esd                 ? 
_cell.length_b                     92.449 
_cell.length_b_esd                 ? 
_cell.length_c                     119.711 
_cell.length_c_esd                 ? 
_cell.volume                       886070.314 
_cell.volume_esd                   ? 
_cell.Z_PDB                        18 
_cell.reciprocal_angle_alpha       ? 
_cell.reciprocal_angle_beta        ? 
_cell.reciprocal_angle_gamma       ? 
_cell.reciprocal_angle_alpha_esd   ? 
_cell.reciprocal_angle_beta_esd    ? 
_cell.reciprocal_angle_gamma_esd   ? 
_cell.reciprocal_length_a          ? 
_cell.reciprocal_length_b          ? 
_cell.reciprocal_length_c          ? 
_cell.reciprocal_length_a_esd      ? 
_cell.reciprocal_length_b_esd      ? 
_cell.reciprocal_length_c_esd      ? 
_cell.pdbx_unique_axis             ? 
_cell.pdbx_esd_method              ? 
# 
_symmetry.entry_id                         8TLR 
_symmetry.cell_setting                     ? 
_symmetry.Int_Tables_number                155 
_symmetry.space_group_name_Hall            
;R 3 2"
;
_symmetry.space_group_name_H-M             'H 3 2' 
_symmetry.pdbx_full_space_group_name_H-M   ? 
# 
_exptl.absorpt_coefficient_mu     ? 
_exptl.absorpt_correction_T_max   ? 
_exptl.absorpt_correction_T_min   ? 
_exptl.absorpt_correction_type    ? 
_exptl.absorpt_process_details    ? 
_exptl.entry_id                   8TLR 
_exptl.crystals_number            1 
_exptl.details                    ? 
_exptl.method                     'X-RAY DIFFRACTION' 
_exptl.method_details             ? 
# 
_exptl_crystal.colour                       ? 
_exptl_crystal.density_diffrn               ? 
_exptl_crystal.density_Matthews             2.73 
_exptl_crystal.density_method               ? 
_exptl_crystal.density_percent_sol          54.96 
_exptl_crystal.description                  ? 
_exptl_crystal.F_000                        ? 
_exptl_crystal.id                           1 
_exptl_crystal.preparation                  ? 
_exptl_crystal.size_max                     ? 
_exptl_crystal.size_mid                     ? 
_exptl_crystal.size_min                     ? 
_exptl_crystal.size_rad                     ? 
_exptl_crystal.colour_lustre                ? 
_exptl_crystal.colour_modifier              ? 
_exptl_crystal.colour_primary               ? 
_exptl_crystal.density_meas                 ? 
_exptl_crystal.density_meas_esd             ? 
_exptl_crystal.density_meas_gt              ? 
_exptl_crystal.density_meas_lt              ? 
_exptl_crystal.density_meas_temp            ? 
_exptl_crystal.density_meas_temp_esd        ? 
_exptl_crystal.density_meas_temp_gt         ? 
_exptl_crystal.density_meas_temp_lt         ? 
_exptl_crystal.pdbx_crystal_image_url       ? 
_exptl_crystal.pdbx_crystal_image_format    ? 
_exptl_crystal.pdbx_mosaicity               ? 
_exptl_crystal.pdbx_mosaicity_esd           ? 
_exptl_crystal.pdbx_mosaic_method           ? 
_exptl_crystal.pdbx_mosaic_block_size       ? 
_exptl_crystal.pdbx_mosaic_block_size_esd   ? 
# 
_exptl_crystal_grow.apparatus       ? 
_exptl_crystal_grow.atmosphere      ? 
_exptl_crystal_grow.crystal_id      1 
_exptl_crystal_grow.details         ? 
_exptl_crystal_grow.method          'VAPOR DIFFUSION, HANGING DROP' 
_exptl_crystal_grow.method_ref      ? 
_exptl_crystal_grow.pH              6.5 
_exptl_crystal_grow.pressure        ? 
_exptl_crystal_grow.pressure_esd    ? 
_exptl_crystal_grow.seeding         ? 
_exptl_crystal_grow.seeding_ref     ? 
_exptl_crystal_grow.temp_details    ? 
_exptl_crystal_grow.temp_esd        ? 
_exptl_crystal_grow.time            ? 
_exptl_crystal_grow.pdbx_details    
;0.1 M MES
30% PEG 4000
;
_exptl_crystal_grow.pdbx_pH_range   ? 
_exptl_crystal_grow.temp            293 
# 
_diffrn.ambient_environment              ? 
_diffrn.ambient_temp                     77.36 
_diffrn.ambient_temp_details             ? 
_diffrn.ambient_temp_esd                 ? 
_diffrn.crystal_id                       1 
_diffrn.crystal_support                  ? 
_diffrn.crystal_treatment                ? 
_diffrn.details                          ? 
_diffrn.id                               1 
_diffrn.ambient_pressure                 ? 
_diffrn.ambient_pressure_esd             ? 
_diffrn.ambient_pressure_gt              ? 
_diffrn.ambient_pressure_lt              ? 
_diffrn.ambient_temp_gt                  ? 
_diffrn.ambient_temp_lt                  ? 
_diffrn.pdbx_serial_crystal_experiment   N 
# 
_diffrn_detector.details                      ? 
_diffrn_detector.detector                     CCD 
_diffrn_detector.diffrn_id                    1 
_diffrn_detector.type                         'ADSC QUANTUM 315r' 
_diffrn_detector.area_resol_mean              ? 
_diffrn_detector.dtime                        ? 
_diffrn_detector.pdbx_frames_total            ? 
_diffrn_detector.pdbx_collection_time_total   ? 
_diffrn_detector.pdbx_collection_date         2022-10-06 
_diffrn_detector.pdbx_frequency               ? 
_diffrn_detector.id                           ? 
_diffrn_detector.number_of_axes               ? 
# 
_diffrn_radiation.collimation                      ? 
_diffrn_radiation.diffrn_id                        1 
_diffrn_radiation.filter_edge                      ? 
_diffrn_radiation.inhomogeneity                    ? 
_diffrn_radiation.monochromator                    ? 
_diffrn_radiation.polarisn_norm                    ? 
_diffrn_radiation.polarisn_ratio                   ? 
_diffrn_radiation.probe                            ? 
_diffrn_radiation.type                             ? 
_diffrn_radiation.xray_symbol                      ? 
_diffrn_radiation.wavelength_id                    1 
_diffrn_radiation.pdbx_monochromatic_or_laue_m_l   M 
_diffrn_radiation.pdbx_wavelength_list             ? 
_diffrn_radiation.pdbx_wavelength                  ? 
_diffrn_radiation.pdbx_diffrn_protocol             'SINGLE WAVELENGTH' 
_diffrn_radiation.pdbx_analyzer                    ? 
_diffrn_radiation.pdbx_scattering_type             x-ray 
# 
_diffrn_radiation_wavelength.id           1 
_diffrn_radiation_wavelength.wavelength   1 
_diffrn_radiation_wavelength.wt           1.0 
# 
_diffrn_source.current                     ? 
_diffrn_source.details                     ? 
_diffrn_source.diffrn_id                   1 
_diffrn_source.power                       ? 
_diffrn_source.size                        ? 
_diffrn_source.source                      SYNCHROTRON 
_diffrn_source.target                      ? 
_diffrn_source.type                        'ALS BEAMLINE 8.2.1' 
_diffrn_source.voltage                     ? 
_diffrn_source.take-off_angle              ? 
_diffrn_source.pdbx_wavelength_list        1 
_diffrn_source.pdbx_wavelength             ? 
_diffrn_source.pdbx_synchrotron_beamline   8.2.1 
_diffrn_source.pdbx_synchrotron_site       ALS 
# 
_reflns.B_iso_Wilson_estimate                          14.0826040808 
_reflns.entry_id                                       8TLR 
_reflns.data_reduction_details                         ? 
_reflns.data_reduction_method                          ? 
_reflns.d_resolution_high                              1.7 
_reflns.d_resolution_low                               66.55 
_reflns.details                                        ? 
_reflns.limit_h_max                                    ? 
_reflns.limit_h_min                                    ? 
_reflns.limit_k_max                                    ? 
_reflns.limit_k_min                                    ? 
_reflns.limit_l_max                                    ? 
_reflns.limit_l_min                                    ? 
_reflns.number_all                                     ? 
_reflns.number_obs                                     21565 
_reflns.observed_criterion                             ? 
_reflns.observed_criterion_F_max                       ? 
_reflns.observed_criterion_F_min                       ? 
_reflns.observed_criterion_I_max                       ? 
_reflns.observed_criterion_I_min                       ? 
_reflns.observed_criterion_sigma_F                     ? 
_reflns.observed_criterion_sigma_I                     ? 
_reflns.percent_possible_obs                           99 
_reflns.R_free_details                                 ? 
_reflns.Rmerge_F_all                                   ? 
_reflns.Rmerge_F_obs                                   ? 
_reflns.Friedel_coverage                               ? 
_reflns.number_gt                                      ? 
_reflns.threshold_expression                           ? 
_reflns.pdbx_redundancy                                4.8 
_reflns.pdbx_netI_over_av_sigmaI                       ? 
_reflns.pdbx_netI_over_sigmaI                          15.6 
_reflns.pdbx_res_netI_over_av_sigmaI_2                 ? 
_reflns.pdbx_res_netI_over_sigmaI_2                    ? 
_reflns.pdbx_chi_squared                               ? 
_reflns.pdbx_scaling_rejects                           ? 
_reflns.pdbx_d_res_high_opt                            ? 
_reflns.pdbx_d_res_low_opt                             ? 
_reflns.pdbx_d_res_opt_method                          ? 
_reflns.phase_calculation_details                      ? 
_reflns.pdbx_Rrim_I_all                                ? 
_reflns.pdbx_Rpim_I_all                                ? 
_reflns.pdbx_d_opt                                     ? 
_reflns.pdbx_number_measured_all                       ? 
_reflns.pdbx_diffrn_id                                 1 
_reflns.pdbx_ordinal                                   1 
_reflns.pdbx_CC_half                                   .976 
_reflns.pdbx_CC_star                                   ? 
_reflns.pdbx_R_split                                   ? 
_reflns.pdbx_Rmerge_I_obs                              ? 
_reflns.pdbx_Rmerge_I_all                              ? 
_reflns.pdbx_Rsym_value                                ? 
_reflns.pdbx_CC_split_method                           ? 
_reflns.pdbx_aniso_diffraction_limit_axis_1_ortho[1]   ? 
_reflns.pdbx_aniso_diffraction_limit_axis_1_ortho[2]   ? 
_reflns.pdbx_aniso_diffraction_limit_axis_1_ortho[3]   ? 
_reflns.pdbx_aniso_diffraction_limit_axis_2_ortho[1]   ? 
_reflns.pdbx_aniso_diffraction_limit_axis_2_ortho[2]   ? 
_reflns.pdbx_aniso_diffraction_limit_axis_2_ortho[3]   ? 
_reflns.pdbx_aniso_diffraction_limit_axis_3_ortho[1]   ? 
_reflns.pdbx_aniso_diffraction_limit_axis_3_ortho[2]   ? 
_reflns.pdbx_aniso_diffraction_limit_axis_3_ortho[3]   ? 
_reflns.pdbx_aniso_diffraction_limit_1                 ? 
_reflns.pdbx_aniso_diffraction_limit_2                 ? 
_reflns.pdbx_aniso_diffraction_limit_3                 ? 
_reflns.pdbx_aniso_B_tensor_eigenvector_1_ortho[1]     ? 
_reflns.pdbx_aniso_B_tensor_eigenvector_1_ortho[2]     ? 
_reflns.pdbx_aniso_B_tensor_eigenvector_1_ortho[3]     ? 
_reflns.pdbx_aniso_B_tensor_eigenvector_2_ortho[1]     ? 
_reflns.pdbx_aniso_B_tensor_eigenvector_2_ortho[2]     ? 
_reflns.pdbx_aniso_B_tensor_eigenvector_2_ortho[3]     ? 
_reflns.pdbx_aniso_B_tensor_eigenvector_3_ortho[1]     ? 
_reflns.pdbx_aniso_B_tensor_eigenvector_3_ortho[2]     ? 
_reflns.pdbx_aniso_B_tensor_eigenvector_3_ortho[3]     ? 
_reflns.pdbx_aniso_B_tensor_eigenvalue_1               ? 
_reflns.pdbx_aniso_B_tensor_eigenvalue_2               ? 
_reflns.pdbx_aniso_B_tensor_eigenvalue_3               ? 
_reflns.pdbx_orthogonalization_convention              ? 
_reflns.pdbx_percent_possible_ellipsoidal              ? 
_reflns.pdbx_percent_possible_spherical                ? 
_reflns.pdbx_percent_possible_ellipsoidal_anomalous    ? 
_reflns.pdbx_percent_possible_spherical_anomalous      ? 
_reflns.pdbx_redundancy_anomalous                      ? 
_reflns.pdbx_CC_half_anomalous                         ? 
_reflns.pdbx_absDiff_over_sigma_anomalous              ? 
_reflns.pdbx_percent_possible_anomalous                ? 
_reflns.pdbx_observed_signal_threshold                 ? 
_reflns.pdbx_signal_type                               ? 
_reflns.pdbx_signal_details                            ? 
_reflns.pdbx_signal_software_id                        ? 
# 
_reflns_shell.d_res_high                                    1.7 
_reflns_shell.d_res_low                                     1.73 
_reflns_shell.meanI_over_sigI_all                           ? 
_reflns_shell.meanI_over_sigI_obs                           6.7 
_reflns_shell.number_measured_all                           ? 
_reflns_shell.number_measured_obs                           ? 
_reflns_shell.number_possible                               ? 
_reflns_shell.number_unique_all                             ? 
_reflns_shell.number_unique_obs                             1132 
_reflns_shell.percent_possible_obs                          ? 
_reflns_shell.Rmerge_F_all                                  ? 
_reflns_shell.Rmerge_F_obs                                  ? 
_reflns_shell.meanI_over_sigI_gt                            ? 
_reflns_shell.meanI_over_uI_all                             ? 
_reflns_shell.meanI_over_uI_gt                              ? 
_reflns_shell.number_measured_gt                            ? 
_reflns_shell.number_unique_gt                              ? 
_reflns_shell.percent_possible_gt                           ? 
_reflns_shell.Rmerge_F_gt                                   ? 
_reflns_shell.Rmerge_I_gt                                   ? 
_reflns_shell.pdbx_redundancy                               ? 
_reflns_shell.pdbx_chi_squared                              ? 
_reflns_shell.pdbx_netI_over_sigmaI_all                     ? 
_reflns_shell.pdbx_netI_over_sigmaI_obs                     ? 
_reflns_shell.pdbx_Rrim_I_all                               ? 
_reflns_shell.pdbx_Rpim_I_all                               ? 
_reflns_shell.pdbx_rejects                                  ? 
_reflns_shell.pdbx_ordinal                                  1 
_reflns_shell.pdbx_diffrn_id                                1 
_reflns_shell.pdbx_CC_half                                  .569 
_reflns_shell.pdbx_CC_star                                  ? 
_reflns_shell.pdbx_R_split                                  ? 
_reflns_shell.percent_possible_all                          ? 
_reflns_shell.Rmerge_I_all                                  ? 
_reflns_shell.Rmerge_I_obs                                  ? 
_reflns_shell.pdbx_Rsym_value                               ? 
_reflns_shell.pdbx_percent_possible_ellipsoidal             ? 
_reflns_shell.pdbx_percent_possible_spherical               ? 
_reflns_shell.pdbx_percent_possible_ellipsoidal_anomalous   ? 
_reflns_shell.pdbx_percent_possible_spherical_anomalous     ? 
_reflns_shell.pdbx_redundancy_anomalous                     ? 
_reflns_shell.pdbx_CC_half_anomalous                        ? 
_reflns_shell.pdbx_absDiff_over_sigma_anomalous             ? 
_reflns_shell.pdbx_percent_possible_anomalous               ? 
# 
_refine.aniso_B[1][1]                            ? 
_refine.aniso_B[1][2]                            ? 
_refine.aniso_B[1][3]                            ? 
_refine.aniso_B[2][2]                            ? 
_refine.aniso_B[2][3]                            ? 
_refine.aniso_B[3][3]                            ? 
_refine.B_iso_max                                ? 
_refine.B_iso_mean                               18.66422804 
_refine.B_iso_min                                ? 
_refine.correlation_coeff_Fo_to_Fc               ? 
_refine.correlation_coeff_Fo_to_Fc_free          ? 
_refine.details                                  ? 
_refine.diff_density_max                         ? 
_refine.diff_density_max_esd                     ? 
_refine.diff_density_min                         ? 
_refine.diff_density_min_esd                     ? 
_refine.diff_density_rms                         ? 
_refine.diff_density_rms_esd                     ? 
_refine.entry_id                                 8TLR 
_refine.pdbx_refine_id                           'X-RAY DIFFRACTION' 
_refine.ls_abs_structure_details                 ? 
_refine.ls_abs_structure_Flack                   ? 
_refine.ls_abs_structure_Flack_esd               ? 
_refine.ls_abs_structure_Rogers                  ? 
_refine.ls_abs_structure_Rogers_esd              ? 
_refine.ls_d_res_high                            1.70003947485 
_refine.ls_d_res_low                             37.9650765581 
_refine.ls_extinction_coef                       ? 
_refine.ls_extinction_coef_esd                   ? 
_refine.ls_extinction_expression                 ? 
_refine.ls_extinction_method                     ? 
_refine.ls_goodness_of_fit_all                   ? 
_refine.ls_goodness_of_fit_all_esd               ? 
_refine.ls_goodness_of_fit_obs                   ? 
_refine.ls_goodness_of_fit_obs_esd               ? 
_refine.ls_hydrogen_treatment                    ? 
_refine.ls_matrix_type                           ? 
_refine.ls_number_constraints                    ? 
_refine.ls_number_parameters                     ? 
_refine.ls_number_reflns_all                     ? 
_refine.ls_number_reflns_obs                     21555 
_refine.ls_number_reflns_R_free                  1085 
_refine.ls_number_reflns_R_work                  20470 
_refine.ls_number_restraints                     ? 
_refine.ls_percent_reflns_obs                    98.5551643729 
_refine.ls_percent_reflns_R_free                 5.0336348875 
_refine.ls_R_factor_all                          ? 
_refine.ls_R_factor_obs                          0.185069278418 
_refine.ls_R_factor_R_free                       0.209801834667 
_refine.ls_R_factor_R_free_error                 ? 
_refine.ls_R_factor_R_free_error_details         ? 
_refine.ls_R_factor_R_work                       0.183769867531 
_refine.ls_R_Fsqd_factor_obs                     ? 
_refine.ls_R_I_factor_obs                        ? 
_refine.ls_redundancy_reflns_all                 ? 
_refine.ls_redundancy_reflns_obs                 ? 
_refine.ls_restrained_S_all                      ? 
_refine.ls_restrained_S_obs                      ? 
_refine.ls_shift_over_esd_max                    ? 
_refine.ls_shift_over_esd_mean                   ? 
_refine.ls_structure_factor_coef                 ? 
_refine.ls_weighting_details                     ? 
_refine.ls_weighting_scheme                      ? 
_refine.ls_wR_factor_all                         ? 
_refine.ls_wR_factor_obs                         ? 
_refine.ls_wR_factor_R_free                      ? 
_refine.ls_wR_factor_R_work                      ? 
_refine.occupancy_max                            ? 
_refine.occupancy_min                            ? 
_refine.solvent_model_details                    'FLAT BULK SOLVENT MODEL' 
_refine.solvent_model_param_bsol                 ? 
_refine.solvent_model_param_ksol                 ? 
_refine.pdbx_R_complete                          ? 
_refine.ls_R_factor_gt                           ? 
_refine.ls_goodness_of_fit_gt                    ? 
_refine.ls_goodness_of_fit_ref                   ? 
_refine.ls_shift_over_su_max                     ? 
_refine.ls_shift_over_su_max_lt                  ? 
_refine.ls_shift_over_su_mean                    ? 
_refine.ls_shift_over_su_mean_lt                 ? 
_refine.pdbx_ls_sigma_I                          ? 
_refine.pdbx_ls_sigma_F                          1.38541061756 
_refine.pdbx_ls_sigma_Fsqd                       ? 
_refine.pdbx_data_cutoff_high_absF               ? 
_refine.pdbx_data_cutoff_high_rms_absF           ? 
_refine.pdbx_data_cutoff_low_absF                ? 
_refine.pdbx_isotropic_thermal_model             ? 
_refine.pdbx_ls_cross_valid_method               'FREE R-VALUE' 
_refine.pdbx_method_to_determine_struct          'MOLECULAR REPLACEMENT' 
_refine.pdbx_starting_model                      ? 
_refine.pdbx_stereochemistry_target_values       'GeoStd + Monomer Library + CDL v1.2' 
_refine.pdbx_R_Free_selection_details            ? 
_refine.pdbx_stereochem_target_val_spec_case     ? 
_refine.pdbx_overall_ESU_R                       ? 
_refine.pdbx_overall_ESU_R_Free                  ? 
_refine.pdbx_solvent_vdw_probe_radii             1.11 
_refine.pdbx_solvent_ion_probe_radii             ? 
_refine.pdbx_solvent_shrinkage_radii             0.9 
_refine.pdbx_real_space_R                        ? 
_refine.pdbx_density_correlation                 ? 
_refine.pdbx_pd_number_of_powder_patterns        ? 
_refine.pdbx_pd_number_of_points                 ? 
_refine.pdbx_pd_meas_number_of_points            ? 
_refine.pdbx_pd_proc_ls_prof_R_factor            ? 
_refine.pdbx_pd_proc_ls_prof_wR_factor           ? 
_refine.pdbx_pd_Marquardt_correlation_coeff      ? 
_refine.pdbx_pd_Fsqrd_R_factor                   ? 
_refine.pdbx_pd_ls_matrix_band_width             ? 
_refine.pdbx_overall_phase_error                 19.6749289443 
_refine.pdbx_overall_SU_R_free_Cruickshank_DPI   ? 
_refine.pdbx_overall_SU_R_free_Blow_DPI          ? 
_refine.pdbx_overall_SU_R_Blow_DPI               ? 
_refine.pdbx_TLS_residual_ADP_flag               ? 
_refine.pdbx_diffrn_id                           1 
_refine.overall_SU_B                             ? 
_refine.overall_SU_ML                            0.138899068314 
_refine.overall_SU_R_Cruickshank_DPI             ? 
_refine.overall_SU_R_free                        ? 
_refine.overall_FOM_free_R_set                   ? 
_refine.overall_FOM_work_R_set                   ? 
_refine.pdbx_average_fsc_overall                 ? 
_refine.pdbx_average_fsc_work                    ? 
_refine.pdbx_average_fsc_free                    ? 
# 
_refine_hist.pdbx_refine_id                   'X-RAY DIFFRACTION' 
_refine_hist.cycle_id                         LAST 
_refine_hist.details                          ? 
_refine_hist.d_res_high                       1.70003947485 
_refine_hist.d_res_low                        37.9650765581 
_refine_hist.number_atoms_solvent             107 
_refine_hist.number_atoms_total               1439 
_refine_hist.number_reflns_all                ? 
_refine_hist.number_reflns_obs                ? 
_refine_hist.number_reflns_R_free             ? 
_refine_hist.number_reflns_R_work             ? 
_refine_hist.R_factor_all                     ? 
_refine_hist.R_factor_obs                     ? 
_refine_hist.R_factor_R_free                  ? 
_refine_hist.R_factor_R_work                  ? 
_refine_hist.pdbx_number_residues_total       ? 
_refine_hist.pdbx_B_iso_mean_ligand           ? 
_refine_hist.pdbx_B_iso_mean_solvent          ? 
_refine_hist.pdbx_number_atoms_protein        1290 
_refine_hist.pdbx_number_atoms_nucleic_acid   0 
_refine_hist.pdbx_number_atoms_ligand         42 
_refine_hist.pdbx_number_atoms_lipid          ? 
_refine_hist.pdbx_number_atoms_carb           ? 
_refine_hist.pdbx_pseudo_atom_details         ? 
# 
loop_
_refine_ls_restr.pdbx_refine_id 
_refine_ls_restr.criterion 
_refine_ls_restr.dev_ideal 
_refine_ls_restr.dev_ideal_target 
_refine_ls_restr.number 
_refine_ls_restr.rejects 
_refine_ls_restr.type 
_refine_ls_restr.weight 
_refine_ls_restr.pdbx_restraint_function 
'X-RAY DIFFRACTION' ? 0.00751545451342 ? 1355 ? f_bond_d           ? ? 
'X-RAY DIFFRACTION' ? 1.27306014403    ? 1842 ? f_angle_d          ? ? 
'X-RAY DIFFRACTION' ? 0.0605439186984  ? 202  ? f_chiral_restr     ? ? 
'X-RAY DIFFRACTION' ? 0.00454185563362 ? 231  ? f_plane_restr      ? ? 
'X-RAY DIFFRACTION' ? 20.4251649513    ? 799  ? f_dihedral_angle_d ? ? 
# 
loop_
_refine_ls_shell.pdbx_refine_id 
_refine_ls_shell.d_res_high 
_refine_ls_shell.d_res_low 
_refine_ls_shell.number_reflns_all 
_refine_ls_shell.number_reflns_obs 
_refine_ls_shell.number_reflns_R_free 
_refine_ls_shell.number_reflns_R_work 
_refine_ls_shell.percent_reflns_obs 
_refine_ls_shell.percent_reflns_R_free 
_refine_ls_shell.R_factor_all 
_refine_ls_shell.R_factor_obs 
_refine_ls_shell.R_factor_R_free_error 
_refine_ls_shell.R_factor_R_work 
_refine_ls_shell.redundancy_reflns_all 
_refine_ls_shell.redundancy_reflns_obs 
_refine_ls_shell.wR_factor_all 
_refine_ls_shell.wR_factor_obs 
_refine_ls_shell.wR_factor_R_free 
_refine_ls_shell.wR_factor_R_work 
_refine_ls_shell.pdbx_R_complete 
_refine_ls_shell.pdbx_total_number_of_bins_used 
_refine_ls_shell.pdbx_phase_error 
_refine_ls_shell.pdbx_fsc_work 
_refine_ls_shell.pdbx_fsc_free 
_refine_ls_shell.R_factor_R_free 
'X-RAY DIFFRACTION' 1.70004 1.7774 . . 171 2525 99.8518518519 . . . . 0.189083294754 . . . . . . . . . . . 0.22070476055  
'X-RAY DIFFRACTION' 1.7774  1.8711 . . 155 2528 99.4809047089 . . . . 0.183489413434 . . . . . . . . . . . 0.239553514335 
'X-RAY DIFFRACTION' 1.8711  1.9883 . . 85  2593 99.0018484288 . . . . 0.179272587914 . . . . . . . . . . . 0.179377393216 
'X-RAY DIFFRACTION' 1.9883  2.1419 . . 98  2597 99.3731563422 . . . . 0.181632949213 . . . . . . . . . . . 0.196216756199 
'X-RAY DIFFRACTION' 2.1419  2.3574 . . 145 2533 98.3474109438 . . . . 0.18278666335  . . . . . . . . . . . 0.223748788866 
'X-RAY DIFFRACTION' 2.3574  2.6984 . . 184 2526 99.1584339554 . . . . 0.19510230651  . . . . . . . . . . . 0.225035795897 
'X-RAY DIFFRACTION' 2.6984  3.3994 . . 108 2573 97.5618631732 . . . . 0.194355094728 . . . . . . . . . . . 0.209018550611 
# 
_struct.entry_id                     8TLR 
_struct.title                        'Crystal Structure of human HRAS G12C covalently bound to AMG 510' 
_struct.pdbx_model_details           ? 
_struct.pdbx_formula_weight          ? 
_struct.pdbx_formula_weight_method   ? 
_struct.pdbx_model_type_details      ? 
_struct.pdbx_CASP_flag               N 
# 
_struct_keywords.entry_id        8TLR 
_struct_keywords.text            'HRAS, H-Ras, sotorasib, Ras, ONCOPROTEIN' 
_struct_keywords.pdbx_keywords   ONCOPROTEIN 
# 
loop_
_struct_asym.id 
_struct_asym.pdbx_blank_PDB_chainid_flag 
_struct_asym.pdbx_modified 
_struct_asym.entity_id 
_struct_asym.details 
A N N 1 ? 
B N N 2 ? 
C N N 3 ? 
D N N 4 ? 
E N N 5 ? 
# 
_struct_ref.id                         1 
_struct_ref.db_name                    UNP 
_struct_ref.db_code                    RASH_HUMAN 
_struct_ref.pdbx_db_accession          P01112 
_struct_ref.pdbx_db_isoform            ? 
_struct_ref.entity_id                  1 
_struct_ref.pdbx_seq_one_letter_code   
;MTEYKLVVVGAGGVGKSALTIQLIQNHFVDEYDPTIEDSYRKQVVIDGETCLLDILDTAGQEEYSAMRDQYMRTGEGFLC
VFAINNTKSFEDIHQYREQIKRVKDSDDVPMVLVGNKCDLAARTVESRQAQDLARSYGIPYIETSAKTRQGVEDAFYTLV
REIRQH
;
_struct_ref.pdbx_align_begin           1 
# 
_struct_ref_seq.align_id                      1 
_struct_ref_seq.ref_id                        1 
_struct_ref_seq.pdbx_PDB_id_code              8TLR 
_struct_ref_seq.pdbx_strand_id                A 
_struct_ref_seq.seq_align_beg                 1 
_struct_ref_seq.pdbx_seq_align_beg_ins_code   ? 
_struct_ref_seq.seq_align_end                 166 
_struct_ref_seq.pdbx_seq_align_end_ins_code   ? 
_struct_ref_seq.pdbx_db_accession             P01112 
_struct_ref_seq.db_align_beg                  1 
_struct_ref_seq.pdbx_db_align_beg_ins_code    ? 
_struct_ref_seq.db_align_end                  166 
_struct_ref_seq.pdbx_db_align_end_ins_code    ? 
_struct_ref_seq.pdbx_auth_seq_align_beg       1 
_struct_ref_seq.pdbx_auth_seq_align_end       166 
# 
_struct_ref_seq_dif.align_id                     1 
_struct_ref_seq_dif.pdbx_pdb_id_code             8TLR 
_struct_ref_seq_dif.mon_id                       CYS 
_struct_ref_seq_dif.pdbx_pdb_strand_id           A 
_struct_ref_seq_dif.seq_num                      12 
_struct_ref_seq_dif.pdbx_pdb_ins_code            ? 
_struct_ref_seq_dif.pdbx_seq_db_name             UNP 
_struct_ref_seq_dif.pdbx_seq_db_accession_code   P01112 
_struct_ref_seq_dif.db_mon_id                    GLY 
_struct_ref_seq_dif.pdbx_seq_db_seq_num          12 
_struct_ref_seq_dif.details                      'engineered mutation' 
_struct_ref_seq_dif.pdbx_auth_seq_num            12 
_struct_ref_seq_dif.pdbx_ordinal                 1 
# 
_pdbx_struct_assembly.id                   1 
_pdbx_struct_assembly.details              author_defined_assembly 
_pdbx_struct_assembly.method_details       ? 
_pdbx_struct_assembly.oligomeric_details   monomeric 
_pdbx_struct_assembly.oligomeric_count     1 
# 
_pdbx_struct_assembly_gen.assembly_id       1 
_pdbx_struct_assembly_gen.oper_expression   1 
_pdbx_struct_assembly_gen.asym_id_list      A,B,C,D,E 
# 
_pdbx_struct_oper_list.id                   1 
_pdbx_struct_oper_list.type                 'identity operation' 
_pdbx_struct_oper_list.name                 1_555 
_pdbx_struct_oper_list.symmetry_operation   x,y,z 
_pdbx_struct_oper_list.matrix[1][1]         1.0000000000 
_pdbx_struct_oper_list.matrix[1][2]         0.0000000000 
_pdbx_struct_oper_list.matrix[1][3]         0.0000000000 
_pdbx_struct_oper_list.vector[1]            0.0000000000 
_pdbx_struct_oper_list.matrix[2][1]         0.0000000000 
_pdbx_struct_oper_list.matrix[2][2]         1.0000000000 
_pdbx_struct_oper_list.matrix[2][3]         0.0000000000 
_pdbx_struct_oper_list.vector[2]            0.0000000000 
_pdbx_struct_oper_list.matrix[3][1]         0.0000000000 
_pdbx_struct_oper_list.matrix[3][2]         0.0000000000 
_pdbx_struct_oper_list.matrix[3][3]         1.0000000000 
_pdbx_struct_oper_list.vector[3]            0.0000000000 
# 
loop_
_struct_conf.conf_type_id 
_struct_conf.id 
_struct_conf.pdbx_PDB_helix_id 
_struct_conf.beg_label_comp_id 
_struct_conf.beg_label_asym_id 
_struct_conf.beg_label_seq_id 
_struct_conf.pdbx_beg_PDB_ins_code 
_struct_conf.end_label_comp_id 
_struct_conf.end_label_asym_id 
_struct_conf.end_label_seq_id 
_struct_conf.pdbx_end_PDB_ins_code 
_struct_conf.beg_auth_comp_id 
_struct_conf.beg_auth_asym_id 
_struct_conf.beg_auth_seq_id 
_struct_conf.end_auth_comp_id 
_struct_conf.end_auth_asym_id 
_struct_conf.end_auth_seq_id 
_struct_conf.pdbx_PDB_helix_class 
_struct_conf.details 
_struct_conf.pdbx_PDB_helix_length 
HELX_P HELX_P1 AA1 GLY A 15  ? ASN A 26  ? GLY A 15  ASN A 26  1 ? 12 
HELX_P HELX_P2 AA2 ASP A 69  ? GLY A 75  ? ASP A 69  GLY A 75  1 ? 7  
HELX_P HELX_P3 AA3 ASN A 86  ? ASP A 92  ? ASN A 86  ASP A 92  1 ? 7  
HELX_P HELX_P4 AA4 ASP A 92  ? ASP A 105 ? ASP A 92  ASP A 105 1 ? 14 
HELX_P HELX_P5 AA5 GLU A 126 ? GLY A 138 ? GLU A 126 GLY A 138 1 ? 13 
HELX_P HELX_P6 AA6 GLY A 151 ? GLN A 165 ? GLY A 151 GLN A 165 1 ? 15 
# 
_struct_conf_type.id          HELX_P 
_struct_conf_type.criteria    ? 
_struct_conf_type.reference   ? 
# 
loop_
_struct_conn.id 
_struct_conn.conn_type_id 
_struct_conn.pdbx_leaving_atom_flag 
_struct_conn.pdbx_PDB_id 
_struct_conn.ptnr1_label_asym_id 
_struct_conn.ptnr1_label_comp_id 
_struct_conn.ptnr1_label_seq_id 
_struct_conn.ptnr1_label_atom_id 
_struct_conn.pdbx_ptnr1_label_alt_id 
_struct_conn.pdbx_ptnr1_PDB_ins_code 
_struct_conn.pdbx_ptnr1_standard_comp_id 
_struct_conn.ptnr1_symmetry 
_struct_conn.ptnr2_label_asym_id 
_struct_conn.ptnr2_label_comp_id 
_struct_conn.ptnr2_label_seq_id 
_struct_conn.ptnr2_label_atom_id 
_struct_conn.pdbx_ptnr2_label_alt_id 
_struct_conn.pdbx_ptnr2_PDB_ins_code 
_struct_conn.ptnr1_auth_asym_id 
_struct_conn.ptnr1_auth_comp_id 
_struct_conn.ptnr1_auth_seq_id 
_struct_conn.ptnr2_auth_asym_id 
_struct_conn.ptnr2_auth_comp_id 
_struct_conn.ptnr2_auth_seq_id 
_struct_conn.ptnr2_symmetry 
_struct_conn.pdbx_ptnr3_label_atom_id 
_struct_conn.pdbx_ptnr3_label_seq_id 
_struct_conn.pdbx_ptnr3_label_comp_id 
_struct_conn.pdbx_ptnr3_label_asym_id 
_struct_conn.pdbx_ptnr3_label_alt_id 
_struct_conn.pdbx_ptnr3_PDB_ins_code 
_struct_conn.details 
_struct_conn.pdbx_dist_value 
_struct_conn.pdbx_value_order 
_struct_conn.pdbx_role 
covale1 covale none ? A CYS 12 SG  ? ? ? 1_555 C MOV . C25 ? ? A CYS 12  A MOV 202 1_555 ? ? ? ? ? ? ? 1.817 ? ? 
metalc1 metalc ?    ? A SER 17 OG  ? ? ? 1_555 D MG  . MG  ? ? A SER 17  A MG  203 1_555 ? ? ? ? ? ? ? 2.121 ? ? 
metalc2 metalc ?    ? B GDP .  O2B ? ? ? 1_555 D MG  . MG  ? ? A GDP 201 A MG  203 1_555 ? ? ? ? ? ? ? 2.100 ? ? 
metalc3 metalc ?    ? D MG  .  MG  ? ? ? 1_555 E HOH . O   ? ? A MG  203 A HOH 309 1_555 ? ? ? ? ? ? ? 2.178 ? ? 
metalc4 metalc ?    ? D MG  .  MG  ? ? ? 1_555 E HOH . O   ? ? A MG  203 A HOH 310 1_555 ? ? ? ? ? ? ? 2.189 ? ? 
metalc5 metalc ?    ? D MG  .  MG  ? ? ? 1_555 E HOH . O   ? ? A MG  203 A HOH 325 1_555 ? ? ? ? ? ? ? 2.147 ? ? 
metalc6 metalc ?    ? D MG  .  MG  ? ? ? 1_555 E HOH . O   ? ? A MG  203 A HOH 348 1_555 ? ? ? ? ? ? ? 2.127 ? ? 
# 
loop_
_struct_conn_type.id 
_struct_conn_type.criteria 
_struct_conn_type.reference 
covale ? ? 
metalc ? ? 
# 
loop_
_pdbx_struct_conn_angle.id 
_pdbx_struct_conn_angle.ptnr1_label_atom_id 
_pdbx_struct_conn_angle.ptnr1_label_alt_id 
_pdbx_struct_conn_angle.ptnr1_label_asym_id 
_pdbx_struct_conn_angle.ptnr1_label_comp_id 
_pdbx_struct_conn_angle.ptnr1_label_seq_id 
_pdbx_struct_conn_angle.ptnr1_auth_atom_id 
_pdbx_struct_conn_angle.ptnr1_auth_asym_id 
_pdbx_struct_conn_angle.ptnr1_auth_comp_id 
_pdbx_struct_conn_angle.ptnr1_auth_seq_id 
_pdbx_struct_conn_angle.ptnr1_PDB_ins_code 
_pdbx_struct_conn_angle.ptnr1_symmetry 
_pdbx_struct_conn_angle.ptnr2_label_atom_id 
_pdbx_struct_conn_angle.ptnr2_label_alt_id 
_pdbx_struct_conn_angle.ptnr2_label_asym_id 
_pdbx_struct_conn_angle.ptnr2_label_comp_id 
_pdbx_struct_conn_angle.ptnr2_label_seq_id 
_pdbx_struct_conn_angle.ptnr2_auth_atom_id 
_pdbx_struct_conn_angle.ptnr2_auth_asym_id 
_pdbx_struct_conn_angle.ptnr2_auth_comp_id 
_pdbx_struct_conn_angle.ptnr2_auth_seq_id 
_pdbx_struct_conn_angle.ptnr2_PDB_ins_code 
_pdbx_struct_conn_angle.ptnr2_symmetry 
_pdbx_struct_conn_angle.ptnr3_label_atom_id 
_pdbx_struct_conn_angle.ptnr3_label_alt_id 
_pdbx_struct_conn_angle.ptnr3_label_asym_id 
_pdbx_struct_conn_angle.ptnr3_label_comp_id 
_pdbx_struct_conn_angle.ptnr3_label_seq_id 
_pdbx_struct_conn_angle.ptnr3_auth_atom_id 
_pdbx_struct_conn_angle.ptnr3_auth_asym_id 
_pdbx_struct_conn_angle.ptnr3_auth_comp_id 
_pdbx_struct_conn_angle.ptnr3_auth_seq_id 
_pdbx_struct_conn_angle.ptnr3_PDB_ins_code 
_pdbx_struct_conn_angle.ptnr3_symmetry 
_pdbx_struct_conn_angle.value 
_pdbx_struct_conn_angle.value_esd 
1  OG  ? A SER 17 ? A SER 17  ? 1_555 MG ? D MG . ? A MG 203 ? 1_555 O2B ? B GDP . ? A GDP 201 ? 1_555 92.6  ? 
2  OG  ? A SER 17 ? A SER 17  ? 1_555 MG ? D MG . ? A MG 203 ? 1_555 O   ? E HOH . ? A HOH 309 ? 1_555 81.8  ? 
3  O2B ? B GDP .  ? A GDP 201 ? 1_555 MG ? D MG . ? A MG 203 ? 1_555 O   ? E HOH . ? A HOH 309 ? 1_555 93.0  ? 
4  OG  ? A SER 17 ? A SER 17  ? 1_555 MG ? D MG . ? A MG 203 ? 1_555 O   ? E HOH . ? A HOH 310 ? 1_555 94.0  ? 
5  O2B ? B GDP .  ? A GDP 201 ? 1_555 MG ? D MG . ? A MG 203 ? 1_555 O   ? E HOH . ? A HOH 310 ? 1_555 88.6  ? 
6  O   ? E HOH .  ? A HOH 309 ? 1_555 MG ? D MG . ? A MG 203 ? 1_555 O   ? E HOH . ? A HOH 310 ? 1_555 175.6 ? 
7  OG  ? A SER 17 ? A SER 17  ? 1_555 MG ? D MG . ? A MG 203 ? 1_555 O   ? E HOH . ? A HOH 325 ? 1_555 90.1  ? 
8  O2B ? B GDP .  ? A GDP 201 ? 1_555 MG ? D MG . ? A MG 203 ? 1_555 O   ? E HOH . ? A HOH 325 ? 1_555 174.1 ? 
9  O   ? E HOH .  ? A HOH 309 ? 1_555 MG ? D MG . ? A MG 203 ? 1_555 O   ? E HOH . ? A HOH 325 ? 1_555 92.5  ? 
10 O   ? E HOH .  ? A HOH 310 ? 1_555 MG ? D MG . ? A MG 203 ? 1_555 O   ? E HOH . ? A HOH 325 ? 1_555 86.0  ? 
11 OG  ? A SER 17 ? A SER 17  ? 1_555 MG ? D MG . ? A MG 203 ? 1_555 O   ? E HOH . ? A HOH 348 ? 1_555 171.8 ? 
12 O2B ? B GDP .  ? A GDP 201 ? 1_555 MG ? D MG . ? A MG 203 ? 1_555 O   ? E HOH . ? A HOH 348 ? 1_555 88.7  ? 
13 O   ? E HOH .  ? A HOH 309 ? 1_555 MG ? D MG . ? A MG 203 ? 1_555 O   ? E HOH . ? A HOH 348 ? 1_555 90.1  ? 
14 O   ? E HOH .  ? A HOH 310 ? 1_555 MG ? D MG . ? A MG 203 ? 1_555 O   ? E HOH . ? A HOH 348 ? 1_555 94.0  ? 
15 O   ? E HOH .  ? A HOH 325 ? 1_555 MG ? D MG . ? A MG 203 ? 1_555 O   ? E HOH . ? A HOH 348 ? 1_555 89.4  ? 
# 
_pdbx_modification_feature.ordinal                            1 
_pdbx_modification_feature.label_comp_id                      MOV 
_pdbx_modification_feature.label_asym_id                      C 
_pdbx_modification_feature.label_seq_id                       . 
_pdbx_modification_feature.label_alt_id                       ? 
_pdbx_modification_feature.modified_residue_label_comp_id     CYS 
_pdbx_modification_feature.modified_residue_label_asym_id     A 
_pdbx_modification_feature.modified_residue_label_seq_id      12 
_pdbx_modification_feature.modified_residue_label_alt_id      ? 
_pdbx_modification_feature.auth_comp_id                       MOV 
_pdbx_modification_feature.auth_asym_id                       A 
_pdbx_modification_feature.auth_seq_id                        202 
_pdbx_modification_feature.PDB_ins_code                       ? 
_pdbx_modification_feature.symmetry                           1_555 
_pdbx_modification_feature.modified_residue_auth_comp_id      CYS 
_pdbx_modification_feature.modified_residue_auth_asym_id      A 
_pdbx_modification_feature.modified_residue_auth_seq_id       12 
_pdbx_modification_feature.modified_residue_PDB_ins_code      ? 
_pdbx_modification_feature.modified_residue_symmetry          1_555 
_pdbx_modification_feature.comp_id_linking_atom               C25 
_pdbx_modification_feature.modified_residue_id_linking_atom   SG 
_pdbx_modification_feature.modified_residue_id                CYS 
_pdbx_modification_feature.ref_pcm_id                         1 
_pdbx_modification_feature.ref_comp_id                        MOV 
_pdbx_modification_feature.type                               None 
_pdbx_modification_feature.category                           'Covalent chemical modification' 
# 
_struct_sheet.id               AA1 
_struct_sheet.type             ? 
_struct_sheet.number_strands   6 
_struct_sheet.details          ? 
# 
loop_
_struct_sheet_order.sheet_id 
_struct_sheet_order.range_id_1 
_struct_sheet_order.range_id_2 
_struct_sheet_order.offset 
_struct_sheet_order.sense 
AA1 1 2 ? anti-parallel 
AA1 2 3 ? parallel      
AA1 3 4 ? parallel      
AA1 4 5 ? parallel      
AA1 5 6 ? parallel      
# 
loop_
_struct_sheet_range.sheet_id 
_struct_sheet_range.id 
_struct_sheet_range.beg_label_comp_id 
_struct_sheet_range.beg_label_asym_id 
_struct_sheet_range.beg_label_seq_id 
_struct_sheet_range.pdbx_beg_PDB_ins_code 
_struct_sheet_range.end_label_comp_id 
_struct_sheet_range.end_label_asym_id 
_struct_sheet_range.end_label_seq_id 
_struct_sheet_range.pdbx_end_PDB_ins_code 
_struct_sheet_range.beg_auth_comp_id 
_struct_sheet_range.beg_auth_asym_id 
_struct_sheet_range.beg_auth_seq_id 
_struct_sheet_range.end_auth_comp_id 
_struct_sheet_range.end_auth_asym_id 
_struct_sheet_range.end_auth_seq_id 
AA1 1 ASP A 38  ? ILE A 46  ? ASP A 38  ILE A 46  
AA1 2 GLU A 49  ? ASP A 57  ? GLU A 49  ASP A 57  
AA1 3 THR A 2   ? VAL A 9   ? THR A 2   VAL A 9   
AA1 4 GLY A 77  ? ALA A 83  ? GLY A 77  ALA A 83  
AA1 5 MET A 111 ? ASN A 116 ? MET A 111 ASN A 116 
AA1 6 TYR A 141 ? GLU A 143 ? TYR A 141 GLU A 143 
# 
loop_
_pdbx_struct_sheet_hbond.sheet_id 
_pdbx_struct_sheet_hbond.range_id_1 
_pdbx_struct_sheet_hbond.range_id_2 
_pdbx_struct_sheet_hbond.range_1_label_atom_id 
_pdbx_struct_sheet_hbond.range_1_label_comp_id 
_pdbx_struct_sheet_hbond.range_1_label_asym_id 
_pdbx_struct_sheet_hbond.range_1_label_seq_id 
_pdbx_struct_sheet_hbond.range_1_PDB_ins_code 
_pdbx_struct_sheet_hbond.range_1_auth_atom_id 
_pdbx_struct_sheet_hbond.range_1_auth_comp_id 
_pdbx_struct_sheet_hbond.range_1_auth_asym_id 
_pdbx_struct_sheet_hbond.range_1_auth_seq_id 
_pdbx_struct_sheet_hbond.range_2_label_atom_id 
_pdbx_struct_sheet_hbond.range_2_label_comp_id 
_pdbx_struct_sheet_hbond.range_2_label_asym_id 
_pdbx_struct_sheet_hbond.range_2_label_seq_id 
_pdbx_struct_sheet_hbond.range_2_PDB_ins_code 
_pdbx_struct_sheet_hbond.range_2_auth_atom_id 
_pdbx_struct_sheet_hbond.range_2_auth_comp_id 
_pdbx_struct_sheet_hbond.range_2_auth_asym_id 
_pdbx_struct_sheet_hbond.range_2_auth_seq_id 
AA1 1 2 N VAL A 44  ? N VAL A 44  O CYS A 51  ? O CYS A 51  
AA1 2 3 O LEU A 56  ? O LEU A 56  N VAL A 8   ? N VAL A 8   
AA1 3 4 N VAL A 9   ? N VAL A 9   O VAL A 81  ? O VAL A 81  
AA1 4 5 N PHE A 82  ? N PHE A 82  O ASN A 116 ? O ASN A 116 
AA1 5 6 N LEU A 113 ? N LEU A 113 O ILE A 142 ? O ILE A 142 
# 
_pdbx_entry_details.entry_id                   8TLR 
_pdbx_entry_details.has_ligand_of_interest     Y 
_pdbx_entry_details.compound_details           ? 
_pdbx_entry_details.source_details             ? 
_pdbx_entry_details.nonpolymer_details         ? 
_pdbx_entry_details.sequence_details           ? 
_pdbx_entry_details.has_protein_modification   Y 
# 
_pdbx_validate_close_contact.id               1 
_pdbx_validate_close_contact.PDB_model_num    1 
_pdbx_validate_close_contact.auth_atom_id_1   O 
_pdbx_validate_close_contact.auth_asym_id_1   A 
_pdbx_validate_close_contact.auth_comp_id_1   HOH 
_pdbx_validate_close_contact.auth_seq_id_1    380 
_pdbx_validate_close_contact.PDB_ins_code_1   ? 
_pdbx_validate_close_contact.label_alt_id_1   ? 
_pdbx_validate_close_contact.auth_atom_id_2   O 
_pdbx_validate_close_contact.auth_asym_id_2   A 
_pdbx_validate_close_contact.auth_comp_id_2   HOH 
_pdbx_validate_close_contact.auth_seq_id_2    388 
_pdbx_validate_close_contact.PDB_ins_code_2   ? 
_pdbx_validate_close_contact.label_alt_id_2   ? 
_pdbx_validate_close_contact.dist             2.18 
# 
loop_
_pdbx_validate_torsion.id 
_pdbx_validate_torsion.PDB_model_num 
_pdbx_validate_torsion.auth_comp_id 
_pdbx_validate_torsion.auth_asym_id 
_pdbx_validate_torsion.auth_seq_id 
_pdbx_validate_torsion.PDB_ins_code 
_pdbx_validate_torsion.label_alt_id 
_pdbx_validate_torsion.phi 
_pdbx_validate_torsion.psi 
1 1 ASP A 33  ? ? -39.29  114.65 
2 1 ASP A 108 ? ? -116.05 69.20  
3 1 ARG A 149 ? ? 79.84   -1.92  
# 
loop_
_pdbx_struct_special_symmetry.id 
_pdbx_struct_special_symmetry.PDB_model_num 
_pdbx_struct_special_symmetry.auth_asym_id 
_pdbx_struct_special_symmetry.auth_comp_id 
_pdbx_struct_special_symmetry.auth_seq_id 
_pdbx_struct_special_symmetry.PDB_ins_code 
_pdbx_struct_special_symmetry.label_asym_id 
_pdbx_struct_special_symmetry.label_comp_id 
_pdbx_struct_special_symmetry.label_seq_id 
1 1 A HOH 378 ? E HOH . 
2 1 A HOH 392 ? E HOH . 
3 1 A HOH 400 ? E HOH . 
4 1 A HOH 401 ? E HOH . 
5 1 A HOH 404 ? E HOH . 
# 
loop_
_space_group_symop.id 
_space_group_symop.operation_xyz 
1  x,y,z                  
2  -y,x-y,z               
3  -x+y,-x,z              
4  x-y,-y,-z              
5  -x,-x+y,-z             
6  y,x,-z                 
7  x+1/3,y+2/3,z+2/3      
8  -y+1/3,x-y+2/3,z+2/3   
9  -x+y+1/3,-x+2/3,z+2/3  
10 x-y+1/3,-y+2/3,-z+2/3  
11 -x+1/3,-x+y+2/3,-z+2/3 
12 y+1/3,x+2/3,-z+2/3     
13 x+2/3,y+1/3,z+1/3      
14 -y+2/3,x-y+1/3,z+1/3   
15 -x+y+2/3,-x+1/3,z+1/3  
16 x-y+2/3,-y+1/3,-z+1/3  
17 -x+2/3,-x+y+1/3,-z+1/3 
18 y+2/3,x+1/3,-z+1/3     
# 
loop_
_pdbx_distant_solvent_atoms.id 
_pdbx_distant_solvent_atoms.PDB_model_num 
_pdbx_distant_solvent_atoms.auth_atom_id 
_pdbx_distant_solvent_atoms.label_alt_id 
_pdbx_distant_solvent_atoms.auth_asym_id 
_pdbx_distant_solvent_atoms.auth_comp_id 
_pdbx_distant_solvent_atoms.auth_seq_id 
_pdbx_distant_solvent_atoms.PDB_ins_code 
_pdbx_distant_solvent_atoms.neighbor_macromolecule_distance 
_pdbx_distant_solvent_atoms.neighbor_ligand_distance 
1 1 O ? A HOH 405 ? 6.28 . 
2 1 O ? A HOH 406 ? 7.20 . 
3 1 O ? A HOH 407 ? 7.21 . 
# 
loop_
_pdbx_unobs_or_zero_occ_residues.id 
_pdbx_unobs_or_zero_occ_residues.PDB_model_num 
_pdbx_unobs_or_zero_occ_residues.polymer_flag 
_pdbx_unobs_or_zero_occ_residues.occupancy_flag 
_pdbx_unobs_or_zero_occ_residues.auth_asym_id 
_pdbx_unobs_or_zero_occ_residues.auth_comp_id 
_pdbx_unobs_or_zero_occ_residues.auth_seq_id 
_pdbx_unobs_or_zero_occ_residues.PDB_ins_code 
_pdbx_unobs_or_zero_occ_residues.label_asym_id 
_pdbx_unobs_or_zero_occ_residues.label_comp_id 
_pdbx_unobs_or_zero_occ_residues.label_seq_id 
1 1 Y 1 A GLY 60 ? A GLY 60 
2 1 Y 1 A GLN 61 ? A GLN 61 
3 1 Y 1 A GLU 62 ? A GLU 62 
4 1 Y 1 A GLU 63 ? A GLU 63 
5 1 Y 1 A TYR 64 ? A TYR 64 
6 1 Y 1 A SER 65 ? A SER 65 
7 1 Y 1 A ALA 66 ? A ALA 66 
8 1 Y 1 A MET 67 ? A MET 67 
# 
loop_
_chem_comp_atom.comp_id 
_chem_comp_atom.atom_id 
_chem_comp_atom.type_symbol 
_chem_comp_atom.pdbx_aromatic_flag 
_chem_comp_atom.pdbx_stereo_config 
_chem_comp_atom.pdbx_ordinal 
ALA N      N  N N 1   
ALA CA     C  N S 2   
ALA C      C  N N 3   
ALA O      O  N N 4   
ALA CB     C  N N 5   
ALA OXT    O  N N 6   
ALA H      H  N N 7   
ALA H2     H  N N 8   
ALA HA     H  N N 9   
ALA HB1    H  N N 10  
ALA HB2    H  N N 11  
ALA HB3    H  N N 12  
ALA HXT    H  N N 13  
ARG N      N  N N 14  
ARG CA     C  N S 15  
ARG C      C  N N 16  
ARG O      O  N N 17  
ARG CB     C  N N 18  
ARG CG     C  N N 19  
ARG CD     C  N N 20  
ARG NE     N  N N 21  
ARG CZ     C  N N 22  
ARG NH1    N  N N 23  
ARG NH2    N  N N 24  
ARG OXT    O  N N 25  
ARG H      H  N N 26  
ARG H2     H  N N 27  
ARG HA     H  N N 28  
ARG HB2    H  N N 29  
ARG HB3    H  N N 30  
ARG HG2    H  N N 31  
ARG HG3    H  N N 32  
ARG HD2    H  N N 33  
ARG HD3    H  N N 34  
ARG HE     H  N N 35  
ARG HH11   H  N N 36  
ARG HH12   H  N N 37  
ARG HH21   H  N N 38  
ARG HH22   H  N N 39  
ARG HXT    H  N N 40  
ASN N      N  N N 41  
ASN CA     C  N S 42  
ASN C      C  N N 43  
ASN O      O  N N 44  
ASN CB     C  N N 45  
ASN CG     C  N N 46  
ASN OD1    O  N N 47  
ASN ND2    N  N N 48  
ASN OXT    O  N N 49  
ASN H      H  N N 50  
ASN H2     H  N N 51  
ASN HA     H  N N 52  
ASN HB2    H  N N 53  
ASN HB3    H  N N 54  
ASN HD21   H  N N 55  
ASN HD22   H  N N 56  
ASN HXT    H  N N 57  
ASP N      N  N N 58  
ASP CA     C  N S 59  
ASP C      C  N N 60  
ASP O      O  N N 61  
ASP CB     C  N N 62  
ASP CG     C  N N 63  
ASP OD1    O  N N 64  
ASP OD2    O  N N 65  
ASP OXT    O  N N 66  
ASP H      H  N N 67  
ASP H2     H  N N 68  
ASP HA     H  N N 69  
ASP HB2    H  N N 70  
ASP HB3    H  N N 71  
ASP HD2    H  N N 72  
ASP HXT    H  N N 73  
CYS N      N  N N 74  
CYS CA     C  N R 75  
CYS C      C  N N 76  
CYS O      O  N N 77  
CYS CB     C  N N 78  
CYS SG     S  N N 79  
CYS OXT    O  N N 80  
CYS H      H  N N 81  
CYS H2     H  N N 82  
CYS HA     H  N N 83  
CYS HB2    H  N N 84  
CYS HB3    H  N N 85  
CYS HG     H  N N 86  
CYS HXT    H  N N 87  
GDP PB     P  N N 88  
GDP O1B    O  N N 89  
GDP O2B    O  N N 90  
GDP O3B    O  N N 91  
GDP O3A    O  N N 92  
GDP PA     P  N N 93  
GDP O1A    O  N N 94  
GDP O2A    O  N N 95  
GDP "O5'"  O  N N 96  
GDP "C5'"  C  N N 97  
GDP "C4'"  C  N R 98  
GDP "O4'"  O  N N 99  
GDP "C3'"  C  N S 100 
GDP "O3'"  O  N N 101 
GDP "C2'"  C  N R 102 
GDP "O2'"  O  N N 103 
GDP "C1'"  C  N R 104 
GDP N9     N  Y N 105 
GDP C8     C  Y N 106 
GDP N7     N  Y N 107 
GDP C5     C  Y N 108 
GDP C6     C  N N 109 
GDP O6     O  N N 110 
GDP N1     N  N N 111 
GDP C2     C  N N 112 
GDP N2     N  N N 113 
GDP N3     N  N N 114 
GDP C4     C  Y N 115 
GDP HOB2   H  N N 116 
GDP HOB3   H  N N 117 
GDP HOA2   H  N N 118 
GDP "H5'"  H  N N 119 
GDP "H5''" H  N N 120 
GDP "H4'"  H  N N 121 
GDP "H3'"  H  N N 122 
GDP "HO3'" H  N N 123 
GDP "H2'"  H  N N 124 
GDP "HO2'" H  N N 125 
GDP "H1'"  H  N N 126 
GDP H8     H  N N 127 
GDP HN1    H  N N 128 
GDP HN21   H  N N 129 
GDP HN22   H  N N 130 
GLN N      N  N N 131 
GLN CA     C  N S 132 
GLN C      C  N N 133 
GLN O      O  N N 134 
GLN CB     C  N N 135 
GLN CG     C  N N 136 
GLN CD     C  N N 137 
GLN OE1    O  N N 138 
GLN NE2    N  N N 139 
GLN OXT    O  N N 140 
GLN H      H  N N 141 
GLN H2     H  N N 142 
GLN HA     H  N N 143 
GLN HB2    H  N N 144 
GLN HB3    H  N N 145 
GLN HG2    H  N N 146 
GLN HG3    H  N N 147 
GLN HE21   H  N N 148 
GLN HE22   H  N N 149 
GLN HXT    H  N N 150 
GLU N      N  N N 151 
GLU CA     C  N S 152 
GLU C      C  N N 153 
GLU O      O  N N 154 
GLU CB     C  N N 155 
GLU CG     C  N N 156 
GLU CD     C  N N 157 
GLU OE1    O  N N 158 
GLU OE2    O  N N 159 
GLU OXT    O  N N 160 
GLU H      H  N N 161 
GLU H2     H  N N 162 
GLU HA     H  N N 163 
GLU HB2    H  N N 164 
GLU HB3    H  N N 165 
GLU HG2    H  N N 166 
GLU HG3    H  N N 167 
GLU HE2    H  N N 168 
GLU HXT    H  N N 169 
GLY N      N  N N 170 
GLY CA     C  N N 171 
GLY C      C  N N 172 
GLY O      O  N N 173 
GLY OXT    O  N N 174 
GLY H      H  N N 175 
GLY H2     H  N N 176 
GLY HA2    H  N N 177 
GLY HA3    H  N N 178 
GLY HXT    H  N N 179 
HIS N      N  N N 180 
HIS CA     C  N S 181 
HIS C      C  N N 182 
HIS O      O  N N 183 
HIS CB     C  N N 184 
HIS CG     C  Y N 185 
HIS ND1    N  Y N 186 
HIS CD2    C  Y N 187 
HIS CE1    C  Y N 188 
HIS NE2    N  Y N 189 
HIS OXT    O  N N 190 
HIS H      H  N N 191 
HIS H2     H  N N 192 
HIS HA     H  N N 193 
HIS HB2    H  N N 194 
HIS HB3    H  N N 195 
HIS HD1    H  N N 196 
HIS HD2    H  N N 197 
HIS HE1    H  N N 198 
HIS HE2    H  N N 199 
HIS HXT    H  N N 200 
HOH O      O  N N 201 
HOH H1     H  N N 202 
HOH H2     H  N N 203 
ILE N      N  N N 204 
ILE CA     C  N S 205 
ILE C      C  N N 206 
ILE O      O  N N 207 
ILE CB     C  N S 208 
ILE CG1    C  N N 209 
ILE CG2    C  N N 210 
ILE CD1    C  N N 211 
ILE OXT    O  N N 212 
ILE H      H  N N 213 
ILE H2     H  N N 214 
ILE HA     H  N N 215 
ILE HB     H  N N 216 
ILE HG12   H  N N 217 
ILE HG13   H  N N 218 
ILE HG21   H  N N 219 
ILE HG22   H  N N 220 
ILE HG23   H  N N 221 
ILE HD11   H  N N 222 
ILE HD12   H  N N 223 
ILE HD13   H  N N 224 
ILE HXT    H  N N 225 
LEU N      N  N N 226 
LEU CA     C  N S 227 
LEU C      C  N N 228 
LEU O      O  N N 229 
LEU CB     C  N N 230 
LEU CG     C  N N 231 
LEU CD1    C  N N 232 
LEU CD2    C  N N 233 
LEU OXT    O  N N 234 
LEU H      H  N N 235 
LEU H2     H  N N 236 
LEU HA     H  N N 237 
LEU HB2    H  N N 238 
LEU HB3    H  N N 239 
LEU HG     H  N N 240 
LEU HD11   H  N N 241 
LEU HD12   H  N N 242 
LEU HD13   H  N N 243 
LEU HD21   H  N N 244 
LEU HD22   H  N N 245 
LEU HD23   H  N N 246 
LEU HXT    H  N N 247 
LYS N      N  N N 248 
LYS CA     C  N S 249 
LYS C      C  N N 250 
LYS O      O  N N 251 
LYS CB     C  N N 252 
LYS CG     C  N N 253 
LYS CD     C  N N 254 
LYS CE     C  N N 255 
LYS NZ     N  N N 256 
LYS OXT    O  N N 257 
LYS H      H  N N 258 
LYS H2     H  N N 259 
LYS HA     H  N N 260 
LYS HB2    H  N N 261 
LYS HB3    H  N N 262 
LYS HG2    H  N N 263 
LYS HG3    H  N N 264 
LYS HD2    H  N N 265 
LYS HD3    H  N N 266 
LYS HE2    H  N N 267 
LYS HE3    H  N N 268 
LYS HZ1    H  N N 269 
LYS HZ2    H  N N 270 
LYS HZ3    H  N N 271 
LYS HXT    H  N N 272 
MET N      N  N N 273 
MET CA     C  N S 274 
MET C      C  N N 275 
MET O      O  N N 276 
MET CB     C  N N 277 
MET CG     C  N N 278 
MET SD     S  N N 279 
MET CE     C  N N 280 
MET OXT    O  N N 281 
MET H      H  N N 282 
MET H2     H  N N 283 
MET HA     H  N N 284 
MET HB2    H  N N 285 
MET HB3    H  N N 286 
MET HG2    H  N N 287 
MET HG3    H  N N 288 
MET HE1    H  N N 289 
MET HE2    H  N N 290 
MET HE3    H  N N 291 
MET HXT    H  N N 292 
MG  MG     MG N N 293 
MOV C21    C  N N 294 
MOV C20    C  N S 295 
MOV C19    C  N N 296 
MOV N6     N  N N 297 
MOV C23    C  N N 298 
MOV O2     O  N N 299 
MOV C24    C  N N 300 
MOV C25    C  N N 301 
MOV C18    C  N N 302 
MOV C17    C  N N 303 
MOV N2     N  N N 304 
MOV C7     C  N N 305 
MOV N3     N  N N 306 
MOV C8     C  N N 307 
MOV O1     O  N N 308 
MOV N4     N  N N 309 
MOV C9     C  Y N 310 
MOV C13    C  Y N 311 
MOV C22    C  N N 312 
MOV C12    C  Y N 313 
MOV C11    C  Y N 314 
MOV N5     N  Y N 315 
MOV C10    C  Y N 316 
MOV C14    C  N N 317 
MOV C16    C  N N 318 
MOV C15    C  N N 319 
MOV C2     C  Y N 320 
MOV N1     N  Y N 321 
MOV C1     C  Y N 322 
MOV C5     C  Y N 323 
MOV C4     C  Y N 324 
MOV F1     F  N N 325 
MOV C3     C  Y N 326 
MOV C6     C  Y N 327 
MOV C30    C  Y N 328 
MOV F2     F  N N 329 
MOV C29    C  Y N 330 
MOV C28    C  Y N 331 
MOV C27    C  Y N 332 
MOV C26    C  Y N 333 
MOV O3     O  N N 334 
MOV H1     H  N N 335 
MOV H2     H  N N 336 
MOV H3     H  N N 337 
MOV H4     H  N N 338 
MOV H5     H  N N 339 
MOV H6     H  N N 340 
MOV H7     H  N N 341 
MOV H8     H  N N 342 
MOV H9     H  N N 343 
MOV H10    H  N N 344 
MOV H11    H  N N 345 
MOV H12    H  N N 346 
MOV H13    H  N N 347 
MOV H14    H  N N 348 
MOV H15    H  N N 349 
MOV H16    H  N N 350 
MOV H17    H  N N 351 
MOV H18    H  N N 352 
MOV H19    H  N N 353 
MOV H20    H  N N 354 
MOV H21    H  N N 355 
MOV H22    H  N N 356 
MOV H23    H  N N 357 
MOV H24    H  N N 358 
MOV H25    H  N N 359 
MOV H26    H  N N 360 
MOV H27    H  N N 361 
MOV H28    H  N N 362 
MOV H29    H  N N 363 
MOV H30    H  N N 364 
MOV H31    H  N N 365 
MOV H32    H  N N 366 
PHE N      N  N N 367 
PHE CA     C  N S 368 
PHE C      C  N N 369 
PHE O      O  N N 370 
PHE CB     C  N N 371 
PHE CG     C  Y N 372 
PHE CD1    C  Y N 373 
PHE CD2    C  Y N 374 
PHE CE1    C  Y N 375 
PHE CE2    C  Y N 376 
PHE CZ     C  Y N 377 
PHE OXT    O  N N 378 
PHE H      H  N N 379 
PHE H2     H  N N 380 
PHE HA     H  N N 381 
PHE HB2    H  N N 382 
PHE HB3    H  N N 383 
PHE HD1    H  N N 384 
PHE HD2    H  N N 385 
PHE HE1    H  N N 386 
PHE HE2    H  N N 387 
PHE HZ     H  N N 388 
PHE HXT    H  N N 389 
PRO N      N  N N 390 
PRO CA     C  N S 391 
PRO C      C  N N 392 
PRO O      O  N N 393 
PRO CB     C  N N 394 
PRO CG     C  N N 395 
PRO CD     C  N N 396 
PRO OXT    O  N N 397 
PRO H      H  N N 398 
PRO HA     H  N N 399 
PRO HB2    H  N N 400 
PRO HB3    H  N N 401 
PRO HG2    H  N N 402 
PRO HG3    H  N N 403 
PRO HD2    H  N N 404 
PRO HD3    H  N N 405 
PRO HXT    H  N N 406 
SER N      N  N N 407 
SER CA     C  N S 408 
SER C      C  N N 409 
SER O      O  N N 410 
SER CB     C  N N 411 
SER OG     O  N N 412 
SER OXT    O  N N 413 
SER H      H  N N 414 
SER H2     H  N N 415 
SER HA     H  N N 416 
SER HB2    H  N N 417 
SER HB3    H  N N 418 
SER HG     H  N N 419 
SER HXT    H  N N 420 
THR N      N  N N 421 
THR CA     C  N S 422 
THR C      C  N N 423 
THR O      O  N N 424 
THR CB     C  N R 425 
THR OG1    O  N N 426 
THR CG2    C  N N 427 
THR OXT    O  N N 428 
THR H      H  N N 429 
THR H2     H  N N 430 
THR HA     H  N N 431 
THR HB     H  N N 432 
THR HG1    H  N N 433 
THR HG21   H  N N 434 
THR HG22   H  N N 435 
THR HG23   H  N N 436 
THR HXT    H  N N 437 
TYR N      N  N N 438 
TYR CA     C  N S 439 
TYR C      C  N N 440 
TYR O      O  N N 441 
TYR CB     C  N N 442 
TYR CG     C  Y N 443 
TYR CD1    C  Y N 444 
TYR CD2    C  Y N 445 
TYR CE1    C  Y N 446 
TYR CE2    C  Y N 447 
TYR CZ     C  Y N 448 
TYR OH     O  N N 449 
TYR OXT    O  N N 450 
TYR H      H  N N 451 
TYR H2     H  N N 452 
TYR HA     H  N N 453 
TYR HB2    H  N N 454 
TYR HB3    H  N N 455 
TYR HD1    H  N N 456 
TYR HD2    H  N N 457 
TYR HE1    H  N N 458 
TYR HE2    H  N N 459 
TYR HH     H  N N 460 
TYR HXT    H  N N 461 
VAL N      N  N N 462 
VAL CA     C  N S 463 
VAL C      C  N N 464 
VAL O      O  N N 465 
VAL CB     C  N N 466 
VAL CG1    C  N N 467 
VAL CG2    C  N N 468 
VAL OXT    O  N N 469 
VAL H      H  N N 470 
VAL H2     H  N N 471 
VAL HA     H  N N 472 
VAL HB     H  N N 473 
VAL HG11   H  N N 474 
VAL HG12   H  N N 475 
VAL HG13   H  N N 476 
VAL HG21   H  N N 477 
VAL HG22   H  N N 478 
VAL HG23   H  N N 479 
VAL HXT    H  N N 480 
# 
loop_
_chem_comp_bond.comp_id 
_chem_comp_bond.atom_id_1 
_chem_comp_bond.atom_id_2 
_chem_comp_bond.value_order 
_chem_comp_bond.pdbx_aromatic_flag 
_chem_comp_bond.pdbx_stereo_config 
_chem_comp_bond.pdbx_ordinal 
ALA N     CA     sing N N 1   
ALA N     H      sing N N 2   
ALA N     H2     sing N N 3   
ALA CA    C      sing N N 4   
ALA CA    CB     sing N N 5   
ALA CA    HA     sing N N 6   
ALA C     O      doub N N 7   
ALA C     OXT    sing N N 8   
ALA CB    HB1    sing N N 9   
ALA CB    HB2    sing N N 10  
ALA CB    HB3    sing N N 11  
ALA OXT   HXT    sing N N 12  
ARG N     CA     sing N N 13  
ARG N     H      sing N N 14  
ARG N     H2     sing N N 15  
ARG CA    C      sing N N 16  
ARG CA    CB     sing N N 17  
ARG CA    HA     sing N N 18  
ARG C     O      doub N N 19  
ARG C     OXT    sing N N 20  
ARG CB    CG     sing N N 21  
ARG CB    HB2    sing N N 22  
ARG CB    HB3    sing N N 23  
ARG CG    CD     sing N N 24  
ARG CG    HG2    sing N N 25  
ARG CG    HG3    sing N N 26  
ARG CD    NE     sing N N 27  
ARG CD    HD2    sing N N 28  
ARG CD    HD3    sing N N 29  
ARG NE    CZ     sing N N 30  
ARG NE    HE     sing N N 31  
ARG CZ    NH1    sing N N 32  
ARG CZ    NH2    doub N N 33  
ARG NH1   HH11   sing N N 34  
ARG NH1   HH12   sing N N 35  
ARG NH2   HH21   sing N N 36  
ARG NH2   HH22   sing N N 37  
ARG OXT   HXT    sing N N 38  
ASN N     CA     sing N N 39  
ASN N     H      sing N N 40  
ASN N     H2     sing N N 41  
ASN CA    C      sing N N 42  
ASN CA    CB     sing N N 43  
ASN CA    HA     sing N N 44  
ASN C     O      doub N N 45  
ASN C     OXT    sing N N 46  
ASN CB    CG     sing N N 47  
ASN CB    HB2    sing N N 48  
ASN CB    HB3    sing N N 49  
ASN CG    OD1    doub N N 50  
ASN CG    ND2    sing N N 51  
ASN ND2   HD21   sing N N 52  
ASN ND2   HD22   sing N N 53  
ASN OXT   HXT    sing N N 54  
ASP N     CA     sing N N 55  
ASP N     H      sing N N 56  
ASP N     H2     sing N N 57  
ASP CA    C      sing N N 58  
ASP CA    CB     sing N N 59  
ASP CA    HA     sing N N 60  
ASP C     O      doub N N 61  
ASP C     OXT    sing N N 62  
ASP CB    CG     sing N N 63  
ASP CB    HB2    sing N N 64  
ASP CB    HB3    sing N N 65  
ASP CG    OD1    doub N N 66  
ASP CG    OD2    sing N N 67  
ASP OD2   HD2    sing N N 68  
ASP OXT   HXT    sing N N 69  
CYS N     CA     sing N N 70  
CYS N     H      sing N N 71  
CYS N     H2     sing N N 72  
CYS CA    C      sing N N 73  
CYS CA    CB     sing N N 74  
CYS CA    HA     sing N N 75  
CYS C     O      doub N N 76  
CYS C     OXT    sing N N 77  
CYS CB    SG     sing N N 78  
CYS CB    HB2    sing N N 79  
CYS CB    HB3    sing N N 80  
CYS SG    HG     sing N N 81  
CYS OXT   HXT    sing N N 82  
GDP PB    O1B    doub N N 83  
GDP PB    O2B    sing N N 84  
GDP PB    O3B    sing N N 85  
GDP PB    O3A    sing N N 86  
GDP O2B   HOB2   sing N N 87  
GDP O3B   HOB3   sing N N 88  
GDP O3A   PA     sing N N 89  
GDP PA    O1A    doub N N 90  
GDP PA    O2A    sing N N 91  
GDP PA    "O5'"  sing N N 92  
GDP O2A   HOA2   sing N N 93  
GDP "O5'" "C5'"  sing N N 94  
GDP "C5'" "C4'"  sing N N 95  
GDP "C5'" "H5'"  sing N N 96  
GDP "C5'" "H5''" sing N N 97  
GDP "C4'" "O4'"  sing N N 98  
GDP "C4'" "C3'"  sing N N 99  
GDP "C4'" "H4'"  sing N N 100 
GDP "O4'" "C1'"  sing N N 101 
GDP "C3'" "O3'"  sing N N 102 
GDP "C3'" "C2'"  sing N N 103 
GDP "C3'" "H3'"  sing N N 104 
GDP "O3'" "HO3'" sing N N 105 
GDP "C2'" "O2'"  sing N N 106 
GDP "C2'" "C1'"  sing N N 107 
GDP "C2'" "H2'"  sing N N 108 
GDP "O2'" "HO2'" sing N N 109 
GDP "C1'" N9     sing N N 110 
GDP "C1'" "H1'"  sing N N 111 
GDP N9    C8     sing Y N 112 
GDP N9    C4     sing Y N 113 
GDP C8    N7     doub Y N 114 
GDP C8    H8     sing N N 115 
GDP N7    C5     sing Y N 116 
GDP C5    C6     sing N N 117 
GDP C5    C4     doub Y N 118 
GDP C6    O6     doub N N 119 
GDP C6    N1     sing N N 120 
GDP N1    C2     sing N N 121 
GDP N1    HN1    sing N N 122 
GDP C2    N2     sing N N 123 
GDP C2    N3     doub N N 124 
GDP N2    HN21   sing N N 125 
GDP N2    HN22   sing N N 126 
GDP N3    C4     sing N N 127 
GLN N     CA     sing N N 128 
GLN N     H      sing N N 129 
GLN N     H2     sing N N 130 
GLN CA    C      sing N N 131 
GLN CA    CB     sing N N 132 
GLN CA    HA     sing N N 133 
GLN C     O      doub N N 134 
GLN C     OXT    sing N N 135 
GLN CB    CG     sing N N 136 
GLN CB    HB2    sing N N 137 
GLN CB    HB3    sing N N 138 
GLN CG    CD     sing N N 139 
GLN CG    HG2    sing N N 140 
GLN CG    HG3    sing N N 141 
GLN CD    OE1    doub N N 142 
GLN CD    NE2    sing N N 143 
GLN NE2   HE21   sing N N 144 
GLN NE2   HE22   sing N N 145 
GLN OXT   HXT    sing N N 146 
GLU N     CA     sing N N 147 
GLU N     H      sing N N 148 
GLU N     H2     sing N N 149 
GLU CA    C      sing N N 150 
GLU CA    CB     sing N N 151 
GLU CA    HA     sing N N 152 
GLU C     O      doub N N 153 
GLU C     OXT    sing N N 154 
GLU CB    CG     sing N N 155 
GLU CB    HB2    sing N N 156 
GLU CB    HB3    sing N N 157 
GLU CG    CD     sing N N 158 
GLU CG    HG2    sing N N 159 
GLU CG    HG3    sing N N 160 
GLU CD    OE1    doub N N 161 
GLU CD    OE2    sing N N 162 
GLU OE2   HE2    sing N N 163 
GLU OXT   HXT    sing N N 164 
GLY N     CA     sing N N 165 
GLY N     H      sing N N 166 
GLY N     H2     sing N N 167 
GLY CA    C      sing N N 168 
GLY CA    HA2    sing N N 169 
GLY CA    HA3    sing N N 170 
GLY C     O      doub N N 171 
GLY C     OXT    sing N N 172 
GLY OXT   HXT    sing N N 173 
HIS N     CA     sing N N 174 
HIS N     H      sing N N 175 
HIS N     H2     sing N N 176 
HIS CA    C      sing N N 177 
HIS CA    CB     sing N N 178 
HIS CA    HA     sing N N 179 
HIS C     O      doub N N 180 
HIS C     OXT    sing N N 181 
HIS CB    CG     sing N N 182 
HIS CB    HB2    sing N N 183 
HIS CB    HB3    sing N N 184 
HIS CG    ND1    sing Y N 185 
HIS CG    CD2    doub Y N 186 
HIS ND1   CE1    doub Y N 187 
HIS ND1   HD1    sing N N 188 
HIS CD2   NE2    sing Y N 189 
HIS CD2   HD2    sing N N 190 
HIS CE1   NE2    sing Y N 191 
HIS CE1   HE1    sing N N 192 
HIS NE2   HE2    sing N N 193 
HIS OXT   HXT    sing N N 194 
HOH O     H1     sing N N 195 
HOH O     H2     sing N N 196 
ILE N     CA     sing N N 197 
ILE N     H      sing N N 198 
ILE N     H2     sing N N 199 
ILE CA    C      sing N N 200 
ILE CA    CB     sing N N 201 
ILE CA    HA     sing N N 202 
ILE C     O      doub N N 203 
ILE C     OXT    sing N N 204 
ILE CB    CG1    sing N N 205 
ILE CB    CG2    sing N N 206 
ILE CB    HB     sing N N 207 
ILE CG1   CD1    sing N N 208 
ILE CG1   HG12   sing N N 209 
ILE CG1   HG13   sing N N 210 
ILE CG2   HG21   sing N N 211 
ILE CG2   HG22   sing N N 212 
ILE CG2   HG23   sing N N 213 
ILE CD1   HD11   sing N N 214 
ILE CD1   HD12   sing N N 215 
ILE CD1   HD13   sing N N 216 
ILE OXT   HXT    sing N N 217 
LEU N     CA     sing N N 218 
LEU N     H      sing N N 219 
LEU N     H2     sing N N 220 
LEU CA    C      sing N N 221 
LEU CA    CB     sing N N 222 
LEU CA    HA     sing N N 223 
LEU C     O      doub N N 224 
LEU C     OXT    sing N N 225 
LEU CB    CG     sing N N 226 
LEU CB    HB2    sing N N 227 
LEU CB    HB3    sing N N 228 
LEU CG    CD1    sing N N 229 
LEU CG    CD2    sing N N 230 
LEU CG    HG     sing N N 231 
LEU CD1   HD11   sing N N 232 
LEU CD1   HD12   sing N N 233 
LEU CD1   HD13   sing N N 234 
LEU CD2   HD21   sing N N 235 
LEU CD2   HD22   sing N N 236 
LEU CD2   HD23   sing N N 237 
LEU OXT   HXT    sing N N 238 
LYS N     CA     sing N N 239 
LYS N     H      sing N N 240 
LYS N     H2     sing N N 241 
LYS CA    C      sing N N 242 
LYS CA    CB     sing N N 243 
LYS CA    HA     sing N N 244 
LYS C     O      doub N N 245 
LYS C     OXT    sing N N 246 
LYS CB    CG     sing N N 247 
LYS CB    HB2    sing N N 248 
LYS CB    HB3    sing N N 249 
LYS CG    CD     sing N N 250 
LYS CG    HG2    sing N N 251 
LYS CG    HG3    sing N N 252 
LYS CD    CE     sing N N 253 
LYS CD    HD2    sing N N 254 
LYS CD    HD3    sing N N 255 
LYS CE    NZ     sing N N 256 
LYS CE    HE2    sing N N 257 
LYS CE    HE3    sing N N 258 
LYS NZ    HZ1    sing N N 259 
LYS NZ    HZ2    sing N N 260 
LYS NZ    HZ3    sing N N 261 
LYS OXT   HXT    sing N N 262 
MET N     CA     sing N N 263 
MET N     H      sing N N 264 
MET N     H2     sing N N 265 
MET CA    C      sing N N 266 
MET CA    CB     sing N N 267 
MET CA    HA     sing N N 268 
MET C     O      doub N N 269 
MET C     OXT    sing N N 270 
MET CB    CG     sing N N 271 
MET CB    HB2    sing N N 272 
MET CB    HB3    sing N N 273 
MET CG    SD     sing N N 274 
MET CG    HG2    sing N N 275 
MET CG    HG3    sing N N 276 
MET SD    CE     sing N N 277 
MET CE    HE1    sing N N 278 
MET CE    HE2    sing N N 279 
MET CE    HE3    sing N N 280 
MET OXT   HXT    sing N N 281 
MOV C22   C13    sing N N 282 
MOV O3    C26    sing N N 283 
MOV C27   C26    doub Y N 284 
MOV C27   C28    sing Y N 285 
MOV C26   C6     sing Y N 286 
MOV C13   C12    doub Y N 287 
MOV C13   C9     sing Y N 288 
MOV C12   C11    sing Y N 289 
MOV C19   C20    sing N N 290 
MOV C19   N6     sing N N 291 
MOV C28   C29    doub Y N 292 
MOV C6    C3     sing N N 293 
MOV C6    C30    doub Y N 294 
MOV F1    C4     sing N N 295 
MOV C3    C4     doub Y N 296 
MOV C3    N1     sing Y N 297 
MOV C4    C5     sing Y N 298 
MOV N1    C2     doub Y N 299 
MOV C5    C1     doub Y N 300 
MOV C2    C1     sing Y N 301 
MOV C2    N4     sing N N 302 
MOV C20   N2     sing N N 303 
MOV C20   C21    sing N N 304 
MOV C1    C7     sing N N 305 
MOV C9    N4     sing N N 306 
MOV C9    C10    doub Y N 307 
MOV C11   N5     doub Y N 308 
MOV N4    C8     sing N N 309 
MOV C7    N3     doub N N 310 
MOV C7    N2     sing N N 311 
MOV C8    N3     sing N N 312 
MOV C8    O1     doub N N 313 
MOV N2    C17    sing N N 314 
MOV C24   C23    sing N N 315 
MOV C24   C25    sing N N 316 
MOV C17   C18    sing N N 317 
MOV N6    C23    sing N N 318 
MOV N6    C18    sing N N 319 
MOV C29   C30    sing Y N 320 
MOV C30   F2     sing N N 321 
MOV C23   O2     doub N N 322 
MOV N5    C10    sing Y N 323 
MOV C10   C14    sing N N 324 
MOV C14   C16    sing N N 325 
MOV C14   C15    sing N N 326 
MOV C21   H1     sing N N 327 
MOV C21   H2     sing N N 328 
MOV C21   H3     sing N N 329 
MOV C20   H4     sing N N 330 
MOV C19   H5     sing N N 331 
MOV C19   H6     sing N N 332 
MOV C24   H7     sing N N 333 
MOV C24   H8     sing N N 334 
MOV C25   H9     sing N N 335 
MOV C25   H10    sing N N 336 
MOV C25   H11    sing N N 337 
MOV C18   H12    sing N N 338 
MOV C18   H13    sing N N 339 
MOV C17   H14    sing N N 340 
MOV C17   H15    sing N N 341 
MOV C22   H16    sing N N 342 
MOV C22   H17    sing N N 343 
MOV C22   H18    sing N N 344 
MOV C12   H19    sing N N 345 
MOV C11   H20    sing N N 346 
MOV C14   H21    sing N N 347 
MOV C16   H22    sing N N 348 
MOV C16   H23    sing N N 349 
MOV C16   H24    sing N N 350 
MOV C15   H25    sing N N 351 
MOV C15   H26    sing N N 352 
MOV C15   H27    sing N N 353 
MOV C5    H28    sing N N 354 
MOV C29   H29    sing N N 355 
MOV C28   H30    sing N N 356 
MOV C27   H31    sing N N 357 
MOV O3    H32    sing N N 358 
PHE N     CA     sing N N 359 
PHE N     H      sing N N 360 
PHE N     H2     sing N N 361 
PHE CA    C      sing N N 362 
PHE CA    CB     sing N N 363 
PHE CA    HA     sing N N 364 
PHE C     O      doub N N 365 
PHE C     OXT    sing N N 366 
PHE CB    CG     sing N N 367 
PHE CB    HB2    sing N N 368 
PHE CB    HB3    sing N N 369 
PHE CG    CD1    doub Y N 370 
PHE CG    CD2    sing Y N 371 
PHE CD1   CE1    sing Y N 372 
PHE CD1   HD1    sing N N 373 
PHE CD2   CE2    doub Y N 374 
PHE CD2   HD2    sing N N 375 
PHE CE1   CZ     doub Y N 376 
PHE CE1   HE1    sing N N 377 
PHE CE2   CZ     sing Y N 378 
PHE CE2   HE2    sing N N 379 
PHE CZ    HZ     sing N N 380 
PHE OXT   HXT    sing N N 381 
PRO N     CA     sing N N 382 
PRO N     CD     sing N N 383 
PRO N     H      sing N N 384 
PRO CA    C      sing N N 385 
PRO CA    CB     sing N N 386 
PRO CA    HA     sing N N 387 
PRO C     O      doub N N 388 
PRO C     OXT    sing N N 389 
PRO CB    CG     sing N N 390 
PRO CB    HB2    sing N N 391 
PRO CB    HB3    sing N N 392 
PRO CG    CD     sing N N 393 
PRO CG    HG2    sing N N 394 
PRO CG    HG3    sing N N 395 
PRO CD    HD2    sing N N 396 
PRO CD    HD3    sing N N 397 
PRO OXT   HXT    sing N N 398 
SER N     CA     sing N N 399 
SER N     H      sing N N 400 
SER N     H2     sing N N 401 
SER CA    C      sing N N 402 
SER CA    CB     sing N N 403 
SER CA    HA     sing N N 404 
SER C     O      doub N N 405 
SER C     OXT    sing N N 406 
SER CB    OG     sing N N 407 
SER CB    HB2    sing N N 408 
SER CB    HB3    sing N N 409 
SER OG    HG     sing N N 410 
SER OXT   HXT    sing N N 411 
THR N     CA     sing N N 412 
THR N     H      sing N N 413 
THR N     H2     sing N N 414 
THR CA    C      sing N N 415 
THR CA    CB     sing N N 416 
THR CA    HA     sing N N 417 
THR C     O      doub N N 418 
THR C     OXT    sing N N 419 
THR CB    OG1    sing N N 420 
THR CB    CG2    sing N N 421 
THR CB    HB     sing N N 422 
THR OG1   HG1    sing N N 423 
THR CG2   HG21   sing N N 424 
THR CG2   HG22   sing N N 425 
THR CG2   HG23   sing N N 426 
THR OXT   HXT    sing N N 427 
TYR N     CA     sing N N 428 
TYR N     H      sing N N 429 
TYR N     H2     sing N N 430 
TYR CA    C      sing N N 431 
TYR CA    CB     sing N N 432 
TYR CA    HA     sing N N 433 
TYR C     O      doub N N 434 
TYR C     OXT    sing N N 435 
TYR CB    CG     sing N N 436 
TYR CB    HB2    sing N N 437 
TYR CB    HB3    sing N N 438 
TYR CG    CD1    doub Y N 439 
TYR CG    CD2    sing Y N 440 
TYR CD1   CE1    sing Y N 441 
TYR CD1   HD1    sing N N 442 
TYR CD2   CE2    doub Y N 443 
TYR CD2   HD2    sing N N 444 
TYR CE1   CZ     doub Y N 445 
TYR CE1   HE1    sing N N 446 
TYR CE2   CZ     sing Y N 447 
TYR CE2   HE2    sing N N 448 
TYR CZ    OH     sing N N 449 
TYR OH    HH     sing N N 450 
TYR OXT   HXT    sing N N 451 
VAL N     CA     sing N N 452 
VAL N     H      sing N N 453 
VAL N     H2     sing N N 454 
VAL CA    C      sing N N 455 
VAL CA    CB     sing N N 456 
VAL CA    HA     sing N N 457 
VAL C     O      doub N N 458 
VAL C     OXT    sing N N 459 
VAL CB    CG1    sing N N 460 
VAL CB    CG2    sing N N 461 
VAL CB    HB     sing N N 462 
VAL CG1   HG11   sing N N 463 
VAL CG1   HG12   sing N N 464 
VAL CG1   HG13   sing N N 465 
VAL CG2   HG21   sing N N 466 
VAL CG2   HG22   sing N N 467 
VAL CG2   HG23   sing N N 468 
VAL OXT   HXT    sing N N 469 
# 
loop_
_pdbx_audit_support.funding_organization 
_pdbx_audit_support.country 
_pdbx_audit_support.grant_number 
_pdbx_audit_support.ordinal 
'National Institutes of Health/National Cancer Institute (NIH/NCI)' 'United States' K99CA277358  1 
'National Institutes of Health/National Cancer Institute (NIH/NCI)' 'United States' 5R01CA244550 2 
'Howard Hughes Medical Institute (HHMI)'                            'United States' ?            3 
# 
_pdbx_initial_refinement_model.id               1 
_pdbx_initial_refinement_model.entity_id_list   ? 
_pdbx_initial_refinement_model.type             'experimental model' 
_pdbx_initial_refinement_model.source_name      PDB 
_pdbx_initial_refinement_model.accession_code   6OIM 
_pdbx_initial_refinement_model.details          ? 
# 
_space_group.name_H-M_alt     'R 3 2 :H' 
_space_group.name_Hall        
;R 3 2"
;
_space_group.IT_number        155 
_space_group.crystal_system   trigonal 
_space_group.id               1 
# 
_atom_sites.entry_id                    8TLR 
_atom_sites.Cartn_transf_matrix[1][1]   ? 
_atom_sites.Cartn_transf_matrix[1][2]   ? 
_atom_sites.Cartn_transf_matrix[1][3]   ? 
_atom_sites.Cartn_transf_matrix[2][1]   ? 
_atom_sites.Cartn_transf_matrix[2][2]   ? 
_atom_sites.Cartn_transf_matrix[2][3]   ? 
_atom_sites.Cartn_transf_matrix[3][1]   ? 
_atom_sites.Cartn_transf_matrix[3][2]   ? 
_atom_sites.Cartn_transf_matrix[3][3]   ? 
_atom_sites.Cartn_transf_vector[1]      ? 
_atom_sites.Cartn_transf_vector[2]      ? 
_atom_sites.Cartn_transf_vector[3]      ? 
_atom_sites.fract_transf_matrix[1][1]   -0.00236431 
_atom_sites.fract_transf_matrix[1][2]   -0.00033839 
_atom_sites.fract_transf_matrix[1][3]   0.01225981 
_atom_sites.fract_transf_matrix[2][1]   0.00685824 
_atom_sites.fract_transf_matrix[2][2]   -0.00727696 
_atom_sites.fract_transf_matrix[2][3]   0.00748401 
_atom_sites.fract_transf_matrix[3][1]   0.00535921 
_atom_sites.fract_transf_matrix[3][2]   0.00629239 
_atom_sites.fract_transf_matrix[3][3]   0.00120720 
_atom_sites.fract_transf_vector[1]      0.174722 
_atom_sites.fract_transf_vector[2]      0.403645 
_atom_sites.fract_transf_vector[3]      -0.069182 
_atom_sites.solution_primary            ? 
_atom_sites.solution_secondary          ? 
_atom_sites.solution_hydrogens          ? 
_atom_sites.special_details             ? 
# 
loop_
_atom_type.symbol 
_atom_type.scat_dispersion_real 
_atom_type.scat_dispersion_imag 
_atom_type.scat_Cromer_Mann_a1 
_atom_type.scat_Cromer_Mann_a2 
_atom_type.scat_Cromer_Mann_b1 
_atom_type.scat_Cromer_Mann_b2 
_atom_type.scat_Cromer_Mann_c 
_atom_type.scat_source 
_atom_type.scat_dispersion_source 
C   ? ? 3.54356 2.42580 25.62398 1.50364  0.0 
;2-Gaussian fit: Grosse-Kunstleve RW, Sauter NK, Adams PD: Newsletter of the IUCr Commission on Crystallographic Computing 2004, 3, 22-31.
;
? 
F   ? ? 4.90428 4.07044 12.99538 1.63651  0.0 
;2-Gaussian fit: Grosse-Kunstleve RW, Sauter NK, Adams PD: Newsletter of the IUCr Commission on Crystallographic Computing 2004, 3, 22-31.
;
? 
MG  ? ? 9.41153 2.53737 2.59044  63.03566 0.0 
;2-Gaussian fit: Grosse-Kunstleve RW, Sauter NK, Adams PD: Newsletter of the IUCr Commission on Crystallographic Computing 2004, 3, 22-31.
;
? 
N   ? ? 4.01032 2.96436 19.97189 1.75589  0.0 
;2-Gaussian fit: Grosse-Kunstleve RW, Sauter NK, Adams PD: Newsletter of the IUCr Commission on Crystallographic Computing 2004, 3, 22-31.
;
? 
O   ? ? 4.49882 3.47563 15.80542 1.70748  0.0 
;2-Gaussian fit: Grosse-Kunstleve RW, Sauter NK, Adams PD: Newsletter of the IUCr Commission on Crystallographic Computing 2004, 3, 22-31.
;
? 
O1- ? ? 5.12366 3.84317 3.49406  27.47979 0.0 
;2-Gaussian fit: Grosse-Kunstleve RW, Sauter NK, Adams PD: Newsletter of the IUCr Commission on Crystallographic Computing 2004, 3, 22-31.
;
? 
P   ? ? 9.51135 5.44231 1.42069  35.72801 0.0 
;2-Gaussian fit: Grosse-Kunstleve RW, Sauter NK, Adams PD: Newsletter of the IUCr Commission on Crystallographic Computing 2004, 3, 22-31.
;
? 
S   ? ? 9.55732 6.39887 1.23737  29.19336 0.0 
;2-Gaussian fit: Grosse-Kunstleve RW, Sauter NK, Adams PD: Newsletter of the IUCr Commission on Crystallographic Computing 2004, 3, 22-31.
;
? 
# 
loop_
_atom_site.group_PDB 
_atom_site.id 
_atom_site.type_symbol 
_atom_site.label_atom_id 
_atom_site.label_alt_id 
_atom_site.label_comp_id 
_atom_site.label_asym_id 
_atom_site.label_entity_id 
_atom_site.label_seq_id 
_atom_site.pdbx_PDB_ins_code 
_atom_site.Cartn_x 
_atom_site.Cartn_y 
_atom_site.Cartn_z 
_atom_site.occupancy 
_atom_site.B_iso_or_equiv 
_atom_site.pdbx_formal_charge 
_atom_site.auth_seq_id 
_atom_site.auth_comp_id 
_atom_site.auth_asym_id 
_atom_site.auth_atom_id 
_atom_site.pdbx_PDB_model_num 
ATOM   1    N  N     . MET A 1 1   ? -11.19723 14.39696  -15.72073 1.000 50.55292 ?  1   MET A N     1 
ATOM   2    C  CA    . MET A 1 1   ? -10.33184 13.32714  -15.23403 1.000 41.95043 ?  1   MET A CA    1 
ATOM   3    C  C     . MET A 1 1   ? -9.99112  13.47551  -13.74808 1.000 38.93645 ?  1   MET A C     1 
ATOM   4    O  O     . MET A 1 1   ? -9.51362  14.51102  -13.27869 1.000 34.83230 ?  1   MET A O     1 
ATOM   5    C  CB    . MET A 1 1   ? -9.05094  13.26493  -16.05739 1.000 42.98590 ?  1   MET A CB    1 
ATOM   6    C  CG    . MET A 1 1   ? -7.98199  12.39151  -15.44287 1.000 35.02362 ?  1   MET A CG    1 
ATOM   7    S  SD    . MET A 1 1   ? -6.42018  13.26816  -15.31109 1.000 51.82588 ?  1   MET A SD    1 
ATOM   8    C  CE    . MET A 1 1   ? -5.36629  12.19094  -16.25512 1.000 24.75805 ?  1   MET A CE    1 
ATOM   9    N  N     . THR A 1 2   ? -10.22371 12.39619  -13.02141 1.000 39.20410 ?  2   THR A N     1 
ATOM   10   C  CA    . THR A 1 2   ? -10.16256 12.39342  -11.57444 1.000 26.13357 ?  2   THR A CA    1 
ATOM   11   C  C     . THR A 1 2   ? -8.71497  12.28703  -11.09282 1.000 27.39862 ?  2   THR A C     1 
ATOM   12   O  O     . THR A 1 2   ? -7.80595  11.92346  -11.84223 1.000 30.08711 ?  2   THR A O     1 
ATOM   13   C  CB    . THR A 1 2   ? -11.00491 11.22741  -11.06308 1.000 29.45724 ?  2   THR A CB    1 
ATOM   14   O  OG1   . THR A 1 2   ? -12.19560 11.15396  -11.86114 1.000 36.83676 ?  2   THR A OG1   1 
ATOM   15   C  CG2   . THR A 1 2   ? -11.38971 11.41948  -9.61522  1.000 27.78917 ?  2   THR A CG2   1 
ATOM   16   N  N     . GLU A 1 3   ? -8.50166  12.63495  -9.82848  1.000 21.28426 ?  3   GLU A N     1 
ATOM   17   C  CA    . GLU A 1 3   ? -7.23489  12.36061  -9.17119  1.000 23.34523 ?  3   GLU A CA    1 
ATOM   18   C  C     . GLU A 1 3   ? -7.50651  11.59977  -7.88670  1.000 19.46608 ?  3   GLU A C     1 
ATOM   19   O  O     . GLU A 1 3   ? -8.51670  11.82484  -7.21614  1.000 19.00546 ?  3   GLU A O     1 
ATOM   20   C  CB    . GLU A 1 3   ? -6.44904  13.63835  -8.86420  1.000 24.46776 ?  3   GLU A CB    1 
ATOM   21   C  CG    . GLU A 1 3   ? -6.32390  14.55916  -10.07206 1.000 31.84550 ?  3   GLU A CG    1 
ATOM   22   C  CD    . GLU A 1 3   ? -5.09537  15.44373  -10.01758 1.000 41.06202 ?  3   GLU A CD    1 
ATOM   23   O  OE1   . GLU A 1 3   ? -4.53256  15.61635  -8.91466  1.000 43.66919 ?  3   GLU A OE1   1 
ATOM   24   O  OE2   . GLU A 1 3   ? -4.69988  15.96968  -11.08359 1.000 49.80226 -1 3   GLU A OE2   1 
ATOM   25   N  N     . TYR A 1 4   ? -6.58736  10.70252  -7.54595  1.000 15.22608 ?  4   TYR A N     1 
ATOM   26   C  CA    . TYR A 1 4   ? -6.64691  9.98136   -6.28289  1.000 15.97292 ?  4   TYR A CA    1 
ATOM   27   C  C     . TYR A 1 4   ? -5.30059  10.11478  -5.59492  1.000 16.69384 ?  4   TYR A C     1 
ATOM   28   O  O     . TYR A 1 4   ? -4.26503  9.80506   -6.19129  1.000 18.26360 ?  4   TYR A O     1 
ATOM   29   C  CB    . TYR A 1 4   ? -7.00742  8.50164   -6.49207  1.000 14.52983 ?  4   TYR A CB    1 
ATOM   30   C  CG    . TYR A 1 4   ? -8.38104  8.27706   -7.10211  1.000 14.98229 ?  4   TYR A CG    1 
ATOM   31   C  CD1   . TYR A 1 4   ? -9.51292  8.20523   -6.29915  1.000 16.46922 ?  4   TYR A CD1   1 
ATOM   32   C  CD2   . TYR A 1 4   ? -8.54933  8.14990   -8.47028  1.000 17.27269 ?  4   TYR A CD2   1 
ATOM   33   C  CE1   . TYR A 1 4   ? -10.76390 8.00935   -6.84285  1.000 18.11875 ?  4   TYR A CE1   1 
ATOM   34   C  CE2   . TYR A 1 4   ? -9.80031  7.94800   -9.02681  1.000 17.50587 ?  4   TYR A CE2   1 
ATOM   35   C  CZ    . TYR A 1 4   ? -10.90670 7.88309   -8.20954  1.000 17.38151 ?  4   TYR A CZ    1 
ATOM   36   O  OH    . TYR A 1 4   ? -12.15707 7.68196   -8.74822  1.000 17.90403 ?  4   TYR A OH    1 
ATOM   37   N  N     . LYS A 1 5   ? -5.31511  10.57493  -4.34416  1.000 16.06552 ?  5   LYS A N     1 
ATOM   38   C  CA    . LYS A 1 5   ? -4.10082  10.78581  -3.56626  1.000 14.40193 ?  5   LYS A CA    1 
ATOM   39   C  C     . LYS A 1 5   ? -3.89405  9.57736   -2.66340  1.000 14.94870 ?  5   LYS A C     1 
ATOM   40   O  O     . LYS A 1 5   ? -4.67450  9.35213   -1.73344  1.000 15.32308 ?  5   LYS A O     1 
ATOM   41   C  CB    . LYS A 1 5   ? -4.20339  12.05763  -2.73466  1.000 18.28667 ?  5   LYS A CB    1 
ATOM   42   C  CG    . LYS A 1 5   ? -2.88356  12.66825  -2.38362  1.000 21.61836 ?  5   LYS A CG    1 
ATOM   43   C  CD    . LYS A 1 5   ? -3.07904  14.13764  -2.00350  1.000 29.26173 ?  5   LYS A CD    1 
ATOM   44   C  CE    . LYS A 1 5   ? -1.90934  15.00082  -2.46386  1.000 35.02041 ?  5   LYS A CE    1 
ATOM   45   N  NZ    . LYS A 1 5   ? -1.86035  16.31420  -1.75442  1.000 36.76885 1  5   LYS A NZ    1 
ATOM   46   N  N     . LEU A 1 6   ? -2.85452  8.80328   -2.94312  1.000 12.81973 ?  6   LEU A N     1 
ATOM   47   C  CA    . LEU A 1 6   ? -2.58284  7.56265   -2.23528  1.000 11.82241 ?  6   LEU A CA    1 
ATOM   48   C  C     . LEU A 1 6   ? -1.27639  7.69295   -1.46993  1.000 11.49159 ?  6   LEU A C     1 
ATOM   49   O  O     . LEU A 1 6   ? -0.34325  8.36702   -1.91379  1.000 12.87660 ?  6   LEU A O     1 
ATOM   50   C  CB    . LEU A 1 6   ? -2.50293  6.38721   -3.21707  1.000 10.72292 ?  6   LEU A CB    1 
ATOM   51   C  CG    . LEU A 1 6   ? -3.56210  6.29202   -4.31405  1.000 13.34557 ?  6   LEU A CG    1 
ATOM   52   C  CD1   . LEU A 1 6   ? -3.32796  5.02288   -5.11451  1.000 14.01887 ?  6   LEU A CD1   1 
ATOM   53   C  CD2   . LEU A 1 6   ? -4.96408  6.29978   -3.72878  1.000 16.84658 ?  6   LEU A CD2   1 
ATOM   54   N  N     . VAL A 1 7   ? -1.20655  7.04742   -0.30516  1.000 10.85394 ?  7   VAL A N     1 
ATOM   55   C  CA    . VAL A 1 7   ? -0.00412  7.05387   0.51640   1.000 11.16978 ?  7   VAL A CA    1 
ATOM   56   C  C     . VAL A 1 7   ? 0.37140   5.61675   0.84372   1.000 11.58155 ?  7   VAL A C     1 
ATOM   57   O  O     . VAL A 1 7   ? -0.46460  4.84973   1.33125   1.000 12.99719 ?  7   VAL A O     1 
ATOM   58   C  CB    . VAL A 1 7   ? -0.20015  7.86379   1.80840   1.000 11.60378 ?  7   VAL A CB    1 
ATOM   59   C  CG1   . VAL A 1 7   ? 1.09209   7.89580   2.61340   1.000 13.66901 ?  7   VAL A CG1   1 
ATOM   60   C  CG2   . VAL A 1 7   ? -0.67366  9.27893   1.46271   1.000 13.49062 ?  7   VAL A CG2   1 
ATOM   61   N  N     . VAL A 1 8   ? 1.62589   5.26554   0.60161   1.000 9.08247  ?  8   VAL A N     1 
ATOM   62   C  CA    . VAL A 1 8   ? 2.13683   3.91649   0.84689   1.000 9.79777  ?  8   VAL A CA    1 
ATOM   63   C  C     . VAL A 1 8   ? 2.96861   3.94699   2.12568   1.000 11.46276 ?  8   VAL A C     1 
ATOM   64   O  O     . VAL A 1 8   ? 3.99916   4.63479   2.19490   1.000 11.21064 ?  8   VAL A O     1 
ATOM   65   C  CB    . VAL A 1 8   ? 2.96883   3.41291   -0.34306  1.000 11.16691 ?  8   VAL A CB    1 
ATOM   66   C  CG1   . VAL A 1 8   ? 3.43398   1.95915   -0.12228  1.000 10.87218 ?  8   VAL A CG1   1 
ATOM   67   C  CG2   . VAL A 1 8   ? 2.18342   3.55575   -1.63480  1.000 10.13904 ?  8   VAL A CG2   1 
ATOM   68   N  N     . VAL A 1 9   ? 2.54539   3.18666   3.13877   1.000 9.94805  ?  9   VAL A N     1 
ATOM   69   C  CA    . VAL A 1 9   ? 3.20365   3.21080   4.44050   1.000 8.45707  ?  9   VAL A CA    1 
ATOM   70   C  C     . VAL A 1 9   ? 3.55464   1.79137   4.85305   1.000 10.02160 ?  9   VAL A C     1 
ATOM   71   O  O     . VAL A 1 9   ? 3.09880   0.81130   4.25999   1.000 10.35792 ?  9   VAL A O     1 
ATOM   72   C  CB    . VAL A 1 9   ? 2.34867   3.90444   5.53014   1.000 10.05259 ?  9   VAL A CB    1 
ATOM   73   C  CG1   . VAL A 1 9   ? 1.95310   5.31263   5.08512   1.000 11.68510 ?  9   VAL A CG1   1 
ATOM   74   C  CG2   . VAL A 1 9   ? 1.10206   3.09429   5.87940   1.000 10.56833 ?  9   VAL A CG2   1 
ATOM   75   N  N     . GLY A 1 10  ? 4.38484   1.70208   5.88704   1.000 10.97436 ?  10  GLY A N     1 
ATOM   76   C  CA    . GLY A 1 10  ? 4.87278   0.43190   6.39145   1.000 10.14620 ?  10  GLY A CA    1 
ATOM   77   C  C     . GLY A 1 10  ? 6.33393   0.48204   6.76788   1.000 10.61458 ?  10  GLY A C     1 
ATOM   78   O  O     . GLY A 1 10  ? 7.05601   1.41826   6.40274   1.000 10.89132 ?  10  GLY A O     1 
ATOM   79   N  N     . ALA A 1 11  ? 6.79256   -0.57321  7.44371   1.000 9.60090  ?  11  ALA A N     1 
ATOM   80   C  CA    . ALA A 1 11  ? 8.15062   -0.61758  7.96403   1.000 11.02806 ?  11  ALA A CA    1 
ATOM   81   C  C     . ALA A 1 11  ? 9.19484   -0.60058  6.84271   1.000 12.27568 ?  11  ALA A C     1 
ATOM   82   O  O     . ALA A 1 11  ? 8.92085   -0.88932  5.67201   1.000 11.79856 ?  11  ALA A O     1 
ATOM   83   C  CB    . ALA A 1 11  ? 8.33287   -1.85909  8.83832   1.000 12.86166 ?  11  ALA A CB    1 
ATOM   84   N  N     . CYS A 1 12  ? 10.42073  -0.25613  7.23270   1.000 13.62058 ?  12  CYS A N     1 
ATOM   85   C  CA    . CYS A 1 12  ? 11.57427  -0.32887  6.34064   1.000 16.73424 ?  12  CYS A CA    1 
ATOM   86   C  C     . CYS A 1 12  ? 11.71311  -1.69691  5.70036   1.000 14.34301 ?  12  CYS A C     1 
ATOM   87   O  O     . CYS A 1 12  ? 11.65699  -2.72390  6.38261   1.000 15.12363 ?  12  CYS A O     1 
ATOM   88   C  CB    . CYS A 1 12  ? 12.84565  -0.03897  7.12913   1.000 19.28475 ?  12  CYS A CB    1 
ATOM   89   S  SG    . CYS A 1 12  ? 13.18728  1.66092   7.31349   1.000 28.60062 ?  12  CYS A SG    1 
ATOM   90   N  N     . GLY A 1 13  ? 11.95917  -1.70266  4.39253   1.000 11.86801 ?  13  GLY A N     1 
ATOM   91   C  CA    . GLY A 1 13  ? 12.35321  -2.90373  3.71091   1.000 12.15830 ?  13  GLY A CA    1 
ATOM   92   C  C     . GLY A 1 13  ? 11.22826  -3.81562  3.29823   1.000 12.73695 ?  13  GLY A C     1 
ATOM   93   O  O     . GLY A 1 13  ? 11.50515  -4.92715  2.83349   1.000 14.71235 ?  13  GLY A O     1 
ATOM   94   N  N     . VAL A 1 14  ? 9.96751   -3.38213  3.43029   1.000 9.52468  ?  14  VAL A N     1 
ATOM   95   C  CA    . VAL A 1 14  ? 8.86346   -4.26617  3.06320   1.000 10.39368 ?  14  VAL A CA    1 
ATOM   96   C  C     . VAL A 1 14  ? 8.56289   -4.25424  1.57482   1.000 10.14929 ?  14  VAL A C     1 
ATOM   97   O  O     . VAL A 1 14  ? 7.86934   -5.15579  1.09617   1.000 10.56407 ?  14  VAL A O     1 
ATOM   98   C  CB    . VAL A 1 14  ? 7.57887   -3.92260  3.83933   1.000 7.79290  ?  14  VAL A CB    1 
ATOM   99   C  CG1   . VAL A 1 14  ? 7.84300   -4.07597  5.33386   1.000 10.05250 ?  14  VAL A CG1   1 
ATOM   100  C  CG2   . VAL A 1 14  ? 7.08445   -2.51074  3.51846   1.000 9.45960  ?  14  VAL A CG2   1 
ATOM   101  N  N     . GLY A 1 15  ? 9.08269   -3.28861  0.83728   1.000 9.62242  ?  15  GLY A N     1 
ATOM   102  C  CA    . GLY A 1 15  ? 8.82682   -3.16206  -0.58492  1.000 10.47709 ?  15  GLY A CA    1 
ATOM   103  C  C     . GLY A 1 15  ? 7.93473   -1.98634  -0.98765  1.000 12.64290 ?  15  GLY A C     1 
ATOM   104  O  O     . GLY A 1 15  ? 7.32997   -2.03653  -2.07480  1.000 9.53203  ?  15  GLY A O     1 
ATOM   105  N  N     . LYS A 1 16  ? 7.83840   -0.94522  -0.16127  1.000 9.75771  ?  16  LYS A N     1 
ATOM   106  C  CA    . LYS A 1 16  ? 7.02894   0.21580   -0.52124  1.000 9.22399  ?  16  LYS A CA    1 
ATOM   107  C  C     . LYS A 1 16  ? 7.52192   0.81406   -1.82737  1.000 11.59753 ?  16  LYS A C     1 
ATOM   108  O  O     . LYS A 1 16  ? 6.73900   1.07052   -2.74440  1.000 10.75353 ?  16  LYS A O     1 
ATOM   109  C  CB    . LYS A 1 16  ? 7.07417   1.27367   0.57841   1.000 10.37541 ?  16  LYS A CB    1 
ATOM   110  C  CG    . LYS A 1 16  ? 6.46326   0.82093   1.91201   1.000 10.53725 ?  16  LYS A CG    1 
ATOM   111  C  CD    . LYS A 1 16  ? 6.45614   1.95128   2.93885   1.000 9.90290  ?  16  LYS A CD    1 
ATOM   112  C  CE    . LYS A 1 16  ? 7.86465   2.46222   3.28212   1.000 12.34846 ?  16  LYS A CE    1 
ATOM   113  N  NZ    . LYS A 1 16  ? 8.74942   1.38171   3.84621   1.000 10.63220 1  16  LYS A NZ    1 
ATOM   114  N  N     . SER A 1 17  ? 8.83107   1.01110   -1.93691  1.000 11.47741 ?  17  SER A N     1 
ATOM   115  C  CA    . SER A 1 17  ? 9.37110   1.60850   -3.15219  1.000 11.90988 ?  17  SER A CA    1 
ATOM   116  C  C     . SER A 1 17  ? 9.27008   0.64990   -4.32848  1.000 13.23772 ?  17  SER A C     1 
ATOM   117  O  O     . SER A 1 17  ? 8.87246   1.04435   -5.43305  1.000 11.91044 ?  17  SER A O     1 
ATOM   118  C  CB    . SER A 1 17  ? 10.81804  2.02636   -2.91694  1.000 12.46540 ?  17  SER A CB    1 
ATOM   119  O  OG    . SER A 1 17  ? 10.88315  3.06834   -1.96253  1.000 11.72620 ?  17  SER A OG    1 
ATOM   120  N  N     . ALA A 1 18  ? 9.63492   -0.61566  -4.11244  1.000 11.81058 ?  18  ALA A N     1 
ATOM   121  C  CA    . ALA A 1 18  ? 9.57054   -1.59958  -5.18316  1.000 12.00319 ?  18  ALA A CA    1 
ATOM   122  C  C     . ALA A 1 18  ? 8.15804   -1.73373  -5.72798  1.000 10.78780 ?  18  ALA A C     1 
ATOM   123  O  O     . ALA A 1 18  ? 7.96339   -1.86479  -6.94302  1.000 12.62339 ?  18  ALA A O     1 
ATOM   124  C  CB    . ALA A 1 18  ? 10.08678  -2.95052  -4.67811  1.000 11.80267 ?  18  ALA A CB    1 
ATOM   125  N  N     . LEU A 1 19  ? 7.15777   -1.69967  -4.84667  1.000 11.18438 ?  19  LEU A N     1 
ATOM   126  C  CA    . LEU A 1 19  ? 5.77638   -1.78346  -5.30322  1.000 10.16811 ?  19  LEU A CA    1 
ATOM   127  C  C     . LEU A 1 19  ? 5.41244   -0.58296  -6.15405  1.000 12.64777 ?  19  LEU A C     1 
ATOM   128  O  O     . LEU A 1 19  ? 4.76674   -0.72306  -7.19702  1.000 13.50607 ?  19  LEU A O     1 
ATOM   129  C  CB    . LEU A 1 19  ? 4.82486   -1.87237  -4.11403  1.000 10.75948 ?  19  LEU A CB    1 
ATOM   130  C  CG    . LEU A 1 19  ? 4.71721   -3.27672  -3.53072  1.000 10.72538 ?  19  LEU A CG    1 
ATOM   131  C  CD1   . LEU A 1 19  ? 3.98276   -3.22509  -2.19052  1.000 13.25418 ?  19  LEU A CD1   1 
ATOM   132  C  CD2   . LEU A 1 19  ? 4.00145   -4.20892  -4.49528  1.000 13.75640 ?  19  LEU A CD2   1 
ATOM   133  N  N     . THR A 1 20  ? 5.80473   0.60764   -5.70532  1.000 12.03900 ?  20  THR A N     1 
ATOM   134  C  CA    . THR A 1 20  ? 5.46072   1.82204   -6.42835  1.000 12.81619 ?  20  THR A CA    1 
ATOM   135  C  C     . THR A 1 20  ? 6.16456   1.84970   -7.77788  1.000 14.48818 ?  20  THR A C     1 
ATOM   136  O  O     . THR A 1 20  ? 5.54886   2.15601   -8.80076  1.000 15.60093 ?  20  THR A O     1 
ATOM   137  C  CB    . THR A 1 20  ? 5.82643   3.04779   -5.58941  1.000 13.73540 ?  20  THR A CB    1 
ATOM   138  O  OG1   . THR A 1 20  ? 5.15744   2.98189   -4.31828  1.000 14.98837 ?  20  THR A OG1   1 
ATOM   139  C  CG2   . THR A 1 20  ? 5.40644   4.34302   -6.31157  1.000 14.19864 ?  20  THR A CG2   1 
ATOM   140  N  N     . ILE A 1 21  ? 7.43959   1.46846   -7.79957  1.000 14.44258 ?  21  ILE A N     1 
ATOM   141  C  CA    . ILE A 1 21  ? 8.19634   1.45173   -9.04647  1.000 17.61355 ?  21  ILE A CA    1 
ATOM   142  C  C     . ILE A 1 21  ? 7.65185   0.39610   -10.00505 1.000 17.66793 ?  21  ILE A C     1 
ATOM   143  O  O     . ILE A 1 21  ? 7.59102   0.61637   -11.22144 1.000 17.09769 ?  21  ILE A O     1 
ATOM   144  C  CB    . ILE A 1 21  ? 9.68705   1.24543   -8.73671  1.000 16.90919 ?  21  ILE A CB    1 
ATOM   145  C  CG1   . ILE A 1 21  ? 10.22353  2.45327   -7.96759  1.000 18.99006 ?  21  ILE A CG1   1 
ATOM   146  C  CG2   . ILE A 1 21  ? 10.47104  1.01584   -10.02510 1.000 18.53387 ?  21  ILE A CG2   1 
ATOM   147  C  CD1   . ILE A 1 21  ? 11.60662  2.24824   -7.38926  1.000 19.10066 ?  21  ILE A CD1   1 
ATOM   148  N  N     . GLN A 1 22  ? 7.25605   -0.76781  -9.48345  1.000 13.74294 ?  22  GLN A N     1 
ATOM   149  C  CA    . GLN A 1 22  ? 6.62801   -1.77740  -10.32912 1.000 13.66287 ?  22  GLN A CA    1 
ATOM   150  C  C     . GLN A 1 22  ? 5.35663   -1.22504  -10.97152 1.000 18.06571 ?  22  GLN A C     1 
ATOM   151  O  O     . GLN A 1 22  ? 5.14148   -1.35902  -12.18647 1.000 16.52207 ?  22  GLN A O     1 
ATOM   152  C  CB    . GLN A 1 22  ? 6.32793   -3.02581  -9.48592  1.000 15.05034 ?  22  GLN A CB    1 
ATOM   153  C  CG    . GLN A 1 22  ? 5.76064   -4.20438  -10.24281 1.000 19.43499 ?  22  GLN A CG    1 
ATOM   154  C  CD    . GLN A 1 22  ? 6.60526   -4.60737  -11.44188 1.000 16.84946 ?  22  GLN A CD    1 
ATOM   155  O  OE1   . GLN A 1 22  ? 6.25509   -4.29243  -12.56730 1.000 19.65963 ?  22  GLN A OE1   1 
ATOM   156  N  NE2   . GLN A 1 22  ? 7.69958   -5.32523  -11.20840 1.000 16.26783 ?  22  GLN A NE2   1 
ATOM   157  N  N     . LEU A 1 23  ? 4.51996   -0.56781  -10.16950 1.000 15.70561 ?  23  LEU A N     1 
ATOM   158  C  CA    . LEU A 1 23  ? 3.27451   0.00398   -10.67137 1.000 15.33621 ?  23  LEU A CA    1 
ATOM   159  C  C     . LEU A 1 23  ? 3.54253   1.02445   -11.77667 1.000 18.40002 ?  23  LEU A C     1 
ATOM   160  O  O     . LEU A 1 23  ? 2.89933   0.99380   -12.83338 1.000 21.02101 ?  23  LEU A O     1 
ATOM   161  C  CB    . LEU A 1 23  ? 2.51490   0.64310   -9.50208  1.000 16.82351 ?  23  LEU A CB    1 
ATOM   162  C  CG    . LEU A 1 23  ? 1.00530   0.93264   -9.48242  1.000 23.68576 ?  23  LEU A CG    1 
ATOM   163  C  CD1   . LEU A 1 23  ? 0.66631   2.42013   -9.35913  1.000 17.52919 ?  23  LEU A CD1   1 
ATOM   164  C  CD2   . LEU A 1 23  ? 0.22566   0.25940   -10.58437 1.000 18.34030 ?  23  LEU A CD2   1 
ATOM   165  N  N     . ILE A 1 24  ? 4.50461   1.92294   -11.55847 1.000 17.39522 ?  24  ILE A N     1 
ATOM   166  C  CA    . ILE A 1 24  ? 4.72898   3.01798   -12.50099 1.000 19.57097 ?  24  ILE A CA    1 
ATOM   167  C  C     . ILE A 1 24  ? 5.45096   2.52293   -13.75160 1.000 24.14276 ?  24  ILE A C     1 
ATOM   168  O  O     . ILE A 1 24  ? 5.05576   2.83571   -14.88398 1.000 22.82090 ?  24  ILE A O     1 
ATOM   169  C  CB    . ILE A 1 24  ? 5.51746   4.16291   -11.83412 1.000 20.87958 ?  24  ILE A CB    1 
ATOM   170  C  CG1   . ILE A 1 24  ? 4.88695   4.60925   -10.51455 1.000 23.00193 ?  24  ILE A CG1   1 
ATOM   171  C  CG2   . ILE A 1 24  ? 5.64725   5.34964   -12.79688 1.000 26.49456 ?  24  ILE A CG2   1 
ATOM   172  C  CD1   . ILE A 1 24  ? 3.65264   5.38746   -10.64720 1.000 23.85905 ?  24  ILE A CD1   1 
ATOM   173  N  N     . GLN A 1 25  ? 6.52131   1.74662   -13.57650 1.000 19.48387 ?  25  GLN A N     1 
ATOM   174  C  CA    . GLN A 1 25  ? 7.41525   1.44729   -14.69829 1.000 19.64954 ?  25  GLN A CA    1 
ATOM   175  C  C     . GLN A 1 25  ? 7.51758   -0.01450  -15.09051 1.000 20.01117 ?  25  GLN A C     1 
ATOM   176  O  O     . GLN A 1 25  ? 8.30348   -0.32701  -15.99805 1.000 19.68854 ?  25  GLN A O     1 
ATOM   177  C  CB    . GLN A 1 25  ? 8.83649   1.88804   -14.38959 1.000 26.60979 ?  25  GLN A CB    1 
ATOM   178  C  CG    . GLN A 1 25  ? 9.03689   3.30296   -14.04630 1.000 29.18359 ?  25  GLN A CG    1 
ATOM   179  C  CD    . GLN A 1 25  ? 9.58188   3.31332   -12.69605 1.000 32.33353 ?  25  GLN A CD    1 
ATOM   180  O  OE1   . GLN A 1 25  ? 10.68877  2.83621   -12.48873 1.000 39.73425 ?  25  GLN A OE1   1 
ATOM   181  N  NE2   . GLN A 1 25  ? 8.79407   3.83346   -11.71939 1.000 34.65850 ?  25  GLN A NE2   1 
ATOM   182  N  N     . ASN A 1 26  ? 6.80149   -0.91811  -14.42917 1.000 17.39090 ?  26  ASN A N     1 
ATOM   183  C  CA    . ASN A 1 26  ? 6.80395   -2.31584  -14.84302 1.000 19.49066 ?  26  ASN A CA    1 
ATOM   184  C  C     . ASN A 1 26  ? 8.21333   -2.89333  -14.75593 1.000 20.66104 ?  26  ASN A C     1 
ATOM   185  O  O     . ASN A 1 26  ? 8.68359   -3.56838  -15.66721 1.000 22.98214 ?  26  ASN A O     1 
ATOM   186  C  CB    . ASN A 1 26  ? 6.23500   -2.46443  -16.25791 1.000 18.28022 ?  26  ASN A CB    1 
ATOM   187  C  CG    . ASN A 1 26  ? 4.75682   -2.16590  -16.31433 1.000 27.24393 ?  26  ASN A CG    1 
ATOM   188  O  OD1   . ASN A 1 26  ? 3.93120   -3.07526  -16.22683 1.000 33.06230 ?  26  ASN A OD1   1 
ATOM   189  N  ND2   . ASN A 1 26  ? 4.40946   -0.88539  -16.44113 1.000 26.40239 ?  26  ASN A ND2   1 
ATOM   190  N  N     . HIS A 1 27  ? 8.90439   -2.59002  -13.66005 1.000 16.80793 ?  27  HIS A N     1 
ATOM   191  C  CA    . HIS A 1 27  ? 10.28312  -3.01376  -13.45762 1.000 20.93814 ?  27  HIS A CA    1 
ATOM   192  C  C     . HIS A 1 27  ? 10.46342  -3.28181  -11.97443 1.000 16.81658 ?  27  HIS A C     1 
ATOM   193  O  O     . HIS A 1 27  ? 9.94307   -2.52581  -11.14435 1.000 17.52462 ?  27  HIS A O     1 
ATOM   194  C  CB    . HIS A 1 27  ? 11.26721  -1.93651  -13.93622 1.000 21.70051 ?  27  HIS A CB    1 
ATOM   195  C  CG    . HIS A 1 27  ? 12.70639  -2.25144  -13.66883 1.000 23.99455 ?  27  HIS A CG    1 
ATOM   196  N  ND1   . HIS A 1 27  ? 13.41741  -1.66163  -12.64417 1.000 27.70219 ?  27  HIS A ND1   1 
ATOM   197  C  CD2   . HIS A 1 27  ? 13.57946  -3.06341  -14.31246 1.000 26.39829 ?  27  HIS A CD2   1 
ATOM   198  C  CE1   . HIS A 1 27  ? 14.65713  -2.12121  -12.64758 1.000 24.95609 ?  27  HIS A CE1   1 
ATOM   199  N  NE2   . HIS A 1 27  ? 14.78427  -2.96891  -13.65519 1.000 30.62863 ?  27  HIS A NE2   1 
ATOM   200  N  N     . PHE A 1 28  ? 11.17121  -4.36851  -11.65097 1.000 15.45492 ?  28  PHE A N     1 
ATOM   201  C  CA    . PHE A 1 28  ? 11.49087  -4.70866  -10.26564 1.000 16.80794 ?  28  PHE A CA    1 
ATOM   202  C  C     . PHE A 1 28  ? 12.86533  -4.15279  -9.92049  1.000 18.23242 ?  28  PHE A C     1 
ATOM   203  O  O     . PHE A 1 28  ? 13.85974  -4.47725  -10.58334 1.000 19.28175 ?  28  PHE A O     1 
ATOM   204  C  CB    . PHE A 1 28  ? 11.46484  -6.22056  -10.04168 1.000 13.67120 ?  28  PHE A CB    1 
ATOM   205  C  CG    . PHE A 1 28  ? 11.94775  -6.64153  -8.67512  1.000 16.10133 ?  28  PHE A CG    1 
ATOM   206  C  CD1   . PHE A 1 28  ? 11.30819  -6.17612  -7.53520  1.000 13.97177 ?  28  PHE A CD1   1 
ATOM   207  C  CD2   . PHE A 1 28  ? 13.02870  -7.50136  -8.53328  1.000 15.67260 ?  28  PHE A CD2   1 
ATOM   208  C  CE1   . PHE A 1 28  ? 11.73739  -6.56394  -6.27886  1.000 14.02566 ?  28  PHE A CE1   1 
ATOM   209  C  CE2   . PHE A 1 28  ? 13.47489  -7.88942  -7.28141  1.000 17.57002 ?  28  PHE A CE2   1 
ATOM   210  C  CZ    . PHE A 1 28  ? 12.82407  -7.42225  -6.14672  1.000 15.37462 ?  28  PHE A CZ    1 
ATOM   211  N  N     . VAL A 1 29  ? 12.92598  -3.32859  -8.88383  1.000 18.61708 ?  29  VAL A N     1 
ATOM   212  C  CA    . VAL A 1 29  ? 14.16972  -2.69807  -8.46965  1.000 20.30898 ?  29  VAL A CA    1 
ATOM   213  C  C     . VAL A 1 29  ? 14.77222  -3.52813  -7.34592  1.000 28.45367 ?  29  VAL A C     1 
ATOM   214  O  O     . VAL A 1 29  ? 14.12531  -3.79231  -6.32425  1.000 26.51142 ?  29  VAL A O     1 
ATOM   215  C  CB    . VAL A 1 29  ? 13.95145  -1.23365  -8.06680  1.000 26.42670 ?  29  VAL A CB    1 
ATOM   216  C  CG1   . VAL A 1 29  ? 15.18043  -0.68607  -7.43537  1.000 31.07794 ?  29  VAL A CG1   1 
ATOM   217  C  CG2   . VAL A 1 29  ? 13.60248  -0.40619  -9.29507  1.000 25.73446 ?  29  VAL A CG2   1 
ATOM   218  N  N     . ASP A 1 30  ? 16.00684  -3.96982  -7.56177  1.000 21.83903 ?  30  ASP A N     1 
ATOM   219  C  CA    . ASP A 1 30  ? 16.67701  -4.86643  -6.63468  1.000 28.60333 ?  30  ASP A CA    1 
ATOM   220  C  C     . ASP A 1 30  ? 17.11254  -4.14142  -5.37537  1.000 24.94256 ?  30  ASP A C     1 
ATOM   221  O  O     . ASP A 1 30  ? 17.29261  -4.76180  -4.32146  1.000 27.16179 ?  30  ASP A O     1 
ATOM   222  C  CB    . ASP A 1 30  ? 17.88073  -5.47227  -7.33867  1.000 34.14687 ?  30  ASP A CB    1 
ATOM   223  C  CG    . ASP A 1 30  ? 18.15963  -6.84192  -6.89530  1.000 36.20943 ?  30  ASP A CG    1 
ATOM   224  O  OD1   . ASP A 1 30  ? 18.88989  -6.99884  -5.93082  1.000 46.75492 ?  30  ASP A OD1   1 
ATOM   225  O  OD2   . ASP A 1 30  ? 17.62863  -7.76276  -7.50329  1.000 40.78085 -1 30  ASP A OD2   1 
ATOM   226  N  N     . GLU A 1 31  ? 17.32854  -2.84000  -5.48593  1.000 26.75516 ?  31  GLU A N     1 
ATOM   227  C  CA    . GLU A 1 31  ? 17.70682  -2.00069  -4.36625  1.000 27.94066 ?  31  GLU A CA    1 
ATOM   228  C  C     . GLU A 1 31  ? 17.30351  -0.58603  -4.73725  1.000 31.04999 ?  31  GLU A C     1 
ATOM   229  O  O     . GLU A 1 31  ? 17.63650  -0.11179  -5.82592  1.000 31.53874 ?  31  GLU A O     1 
ATOM   230  C  CB    . GLU A 1 31  ? 19.21143  -2.07329  -4.08391  1.000 32.51120 ?  31  GLU A CB    1 
ATOM   231  C  CG    . GLU A 1 31  ? 19.64736  -1.25369  -2.88500  1.000 40.63375 ?  31  GLU A CG    1 
ATOM   232  C  CD    . GLU A 1 31  ? 21.16145  -1.14728  -2.76016  1.000 53.15951 ?  31  GLU A CD    1 
ATOM   233  O  OE1   . GLU A 1 31  ? 21.84784  -1.36929  -3.77505  1.000 54.63946 ?  31  GLU A OE1   1 
ATOM   234  O  OE2   . GLU A 1 31  ? 21.63763  -0.83942  -1.64930  1.000 55.00441 -1 31  GLU A OE2   1 
ATOM   235  N  N     . TYR A 1 32  ? 16.55727  0.06201   -3.86055  1.000 20.09989 ?  32  TYR A N     1 
ATOM   236  C  CA    . TYR A 1 32  ? 16.18297  1.45103   -4.04347  1.000 19.89383 ?  32  TYR A CA    1 
ATOM   237  C  C     . TYR A 1 32  ? 16.47697  2.18681   -2.75364  1.000 19.86919 ?  32  TYR A C     1 
ATOM   238  O  O     . TYR A 1 32  ? 16.09947  1.72116   -1.67118  1.000 17.34152 ?  32  TYR A O     1 
ATOM   239  C  CB    . TYR A 1 32  ? 14.71275  1.59513   -4.41697  1.000 17.33576 ?  32  TYR A CB    1 
ATOM   240  C  CG    . TYR A 1 32  ? 14.30950  2.99885   -4.74849  1.000 19.74466 ?  32  TYR A CG    1 
ATOM   241  C  CD1   . TYR A 1 32  ? 14.61418  3.54555   -5.98748  1.000 20.37629 ?  32  TYR A CD1   1 
ATOM   242  C  CD2   . TYR A 1 32  ? 13.61544  3.78936   -3.83340  1.000 18.40961 ?  32  TYR A CD2   1 
ATOM   243  C  CE1   . TYR A 1 32  ? 14.23865  4.82750   -6.31039  1.000 24.05822 ?  32  TYR A CE1   1 
ATOM   244  C  CE2   . TYR A 1 32  ? 13.23112  5.08509   -4.15244  1.000 19.90877 ?  32  TYR A CE2   1 
ATOM   245  C  CZ    . TYR A 1 32  ? 13.55505  5.59580   -5.40041  1.000 22.71425 ?  32  TYR A CZ    1 
ATOM   246  O  OH    . TYR A 1 32  ? 13.19328  6.87892   -5.75866  1.000 20.54347 ?  32  TYR A OH    1 
ATOM   247  N  N     . ASP A 1 33  ? 17.16180  3.32278   -2.87516  1.000 19.53746 ?  33  ASP A N     1 
ATOM   248  C  CA    . ASP A 1 33  ? 17.59597  4.14220   -1.75335  1.000 20.06645 ?  33  ASP A CA    1 
ATOM   249  C  C     . ASP A 1 33  ? 16.52017  4.19352   -0.67363  1.000 19.45488 ?  33  ASP A C     1 
ATOM   250  O  O     . ASP A 1 33  ? 15.42338  4.71254   -0.91717  1.000 17.43571 ?  33  ASP A O     1 
ATOM   251  C  CB    . ASP A 1 33  ? 17.92341  5.55113   -2.24621  1.000 19.76567 ?  33  ASP A CB    1 
ATOM   252  C  CG    . ASP A 1 33  ? 18.66591  6.37556   -1.22480  1.000 25.63893 ?  33  ASP A CG    1 
ATOM   253  O  OD1   . ASP A 1 33  ? 18.55602  6.09187   -0.01043  1.000 22.61974 ?  33  ASP A OD1   1 
ATOM   254  O  OD2   . ASP A 1 33  ? 19.36025  7.32775   -1.64488  1.000 25.55112 -1 33  ASP A OD2   1 
ATOM   255  N  N     . PRO A 1 34  ? 16.77802  3.64265   0.51851   1.000 16.80240 ?  34  PRO A N     1 
ATOM   256  C  CA    . PRO A 1 34  ? 15.73269  3.62550   1.55593   1.000 17.32933 ?  34  PRO A CA    1 
ATOM   257  C  C     . PRO A 1 34  ? 15.39273  4.99483   2.10838   1.000 19.38137 ?  34  PRO A C     1 
ATOM   258  O  O     . PRO A 1 34  ? 14.41129  5.10941   2.85512   1.000 20.77505 ?  34  PRO A O     1 
ATOM   259  C  CB    . PRO A 1 34  ? 16.32574  2.72618   2.65440   1.000 17.13645 ?  34  PRO A CB    1 
ATOM   260  C  CG    . PRO A 1 34  ? 17.47896  2.00833   2.01903   1.000 23.01081 ?  34  PRO A CG    1 
ATOM   261  C  CD    . PRO A 1 34  ? 17.98501  2.90172   0.92501   1.000 19.38924 ?  34  PRO A CD    1 
ATOM   262  N  N     . THR A 1 35  ? 16.16503  6.03684   1.78435   1.000 21.01882 ?  35  THR A N     1 
ATOM   263  C  CA    . THR A 1 35  ? 15.88381  7.36942   2.29757   1.000 23.64489 ?  35  THR A CA    1 
ATOM   264  C  C     . THR A 1 35  ? 15.10382  8.24124   1.31992   1.000 23.29447 ?  35  THR A C     1 
ATOM   265  O  O     . THR A 1 35  ? 14.70954  9.35071   1.69083   1.000 27.52396 ?  35  THR A O     1 
ATOM   266  C  CB    . THR A 1 35  ? 17.18723  8.09555   2.68707   1.000 23.60470 ?  35  THR A CB    1 
ATOM   267  O  OG1   . THR A 1 35  ? 17.90664  8.47886   1.50635   1.000 24.83029 ?  35  THR A OG1   1 
ATOM   268  C  CG2   . THR A 1 35  ? 18.07123  7.20186   3.56122   1.000 22.64464 ?  35  THR A CG2   1 
ATOM   269  N  N     . ILE A 1 36  ? 14.86460  7.78744   0.09198   1.000 20.09452 ?  36  ILE A N     1 
ATOM   270  C  CA    . ILE A 1 36  ? 14.18042  8.62808   -0.88835  1.000 19.17387 ?  36  ILE A CA    1 
ATOM   271  C  C     . ILE A 1 36  ? 12.67860  8.51869   -0.65291  1.000 19.92789 ?  36  ILE A C     1 
ATOM   272  O  O     . ILE A 1 36  ? 12.07208  7.46436   -0.87056  1.000 18.69498 ?  36  ILE A O     1 
ATOM   273  C  CB    . ILE A 1 36  ? 14.54638  8.25687   -2.32718  1.000 19.33088 ?  36  ILE A CB    1 
ATOM   274  C  CG1   . ILE A 1 36  ? 16.01156  8.60385   -2.59913  1.000 22.36807 ?  36  ILE A CG1   1 
ATOM   275  C  CG2   . ILE A 1 36  ? 13.66224  9.01836   -3.32108  1.000 20.59083 ?  36  ILE A CG2   1 
ATOM   276  C  CD1   . ILE A 1 36  ? 16.42968  8.30760   -4.01383  1.000 22.85297 ?  36  ILE A CD1   1 
ATOM   277  N  N     . GLU A 1 37  ? 12.08639  9.60981   -0.18787  1.000 18.47860 ?  37  GLU A N     1 
ATOM   278  C  CA    . GLU A 1 37  ? 10.64398  9.75831   -0.06926  1.000 19.75999 ?  37  GLU A CA    1 
ATOM   279  C  C     . GLU A 1 37  ? 10.21121  10.75814  -1.12960  1.000 23.94240 ?  37  GLU A C     1 
ATOM   280  O  O     . GLU A 1 37  ? 10.74001  11.87571  -1.18498  1.000 20.45415 ?  37  GLU A O     1 
ATOM   281  C  CB    . GLU A 1 37  ? 10.26532  10.22581  1.33514   1.000 19.01916 ?  37  GLU A CB    1 
ATOM   282  C  CG    . GLU A 1 37  ? 8.79219   10.51499  1.55585   1.000 16.33097 ?  37  GLU A CG    1 
ATOM   283  C  CD    . GLU A 1 37  ? 8.45028   10.72977  3.02668   1.000 22.84528 ?  37  GLU A CD    1 
ATOM   284  O  OE1   . GLU A 1 37  ? 8.04089   11.85369  3.38638   1.000 27.21855 ?  37  GLU A OE1   1 
ATOM   285  O  OE2   . GLU A 1 37  ? 8.59248   9.77930   3.83344   1.000 25.24873 -1 37  GLU A OE2   1 
ATOM   286  N  N     . ASP A 1 38  ? 9.29437   10.34498  -1.99781  1.000 17.96512 ?  38  ASP A N     1 
ATOM   287  C  CA    . ASP A 1 38  ? 8.84416   11.22433  -3.06517  1.000 17.96879 ?  38  ASP A CA    1 
ATOM   288  C  C     . ASP A 1 38  ? 7.45305   10.78361  -3.48708  1.000 20.82914 ?  38  ASP A C     1 
ATOM   289  O  O     . ASP A 1 38  ? 6.98297   9.70690   -3.11983  1.000 15.65676 ?  38  ASP A O     1 
ATOM   290  C  CB    . ASP A 1 38  ? 9.82721   11.20670  -4.23679  1.000 17.72594 ?  38  ASP A CB    1 
ATOM   291  C  CG    . ASP A 1 38  ? 9.67513   12.40672  -5.14546  1.000 23.02464 ?  38  ASP A CG    1 
ATOM   292  O  OD1   . ASP A 1 38  ? 8.88440   13.32426  -4.81781  1.000 21.54291 ?  38  ASP A OD1   1 
ATOM   293  O  OD2   . ASP A 1 38  ? 10.37000  12.42802  -6.18157  1.000 26.84624 -1 38  ASP A OD2   1 
ATOM   294  N  N     . SER A 1 39  ? 6.78813   11.64316  -4.24388  1.000 19.76326 ?  39  SER A N     1 
ATOM   295  C  CA    . SER A 1 39  ? 5.46507   11.35372  -4.76849  1.000 16.31102 ?  39  SER A CA    1 
ATOM   296  C  C     . SER A 1 39  ? 5.56907   11.12056  -6.26692  1.000 22.49917 ?  39  SER A C     1 
ATOM   297  O  O     . SER A 1 39  ? 6.40382   11.72830  -6.94628  1.000 24.21543 ?  39  SER A O     1 
ATOM   298  C  CB    . SER A 1 39  ? 4.48577   12.48549  -4.46746  1.000 22.91424 ?  39  SER A CB    1 
ATOM   299  O  OG    . SER A 1 39  ? 4.82155   13.65247  -5.19252  1.000 30.00227 ?  39  SER A OG    1 
ATOM   300  N  N     . TYR A 1 40  ? 4.74497   10.21565  -6.77126  1.000 17.56422 ?  40  TYR A N     1 
ATOM   301  C  CA    . TYR A 1 40  ? 4.81964   9.80244   -8.16010  1.000 19.59680 ?  40  TYR A CA    1 
ATOM   302  C  C     . TYR A 1 40  ? 3.43083   9.84687   -8.76248  1.000 20.42093 ?  40  TYR A C     1 
ATOM   303  O  O     . TYR A 1 40  ? 2.42857   9.66580   -8.06868  1.000 20.03888 ?  40  TYR A O     1 
ATOM   304  C  CB    . TYR A 1 40  ? 5.42541   8.40603   -8.28296  1.000 16.47588 ?  40  TYR A CB    1 
ATOM   305  C  CG    . TYR A 1 40  ? 6.78427   8.35224   -7.62543  1.000 20.37952 ?  40  TYR A CG    1 
ATOM   306  C  CD1   . TYR A 1 40  ? 6.93676   7.87083   -6.32881  1.000 15.54449 ?  40  TYR A CD1   1 
ATOM   307  C  CD2   . TYR A 1 40  ? 7.90626   8.85212   -8.27759  1.000 20.99425 ?  40  TYR A CD2   1 
ATOM   308  C  CE1   . TYR A 1 40  ? 8.18034   7.84516   -5.71630  1.000 16.91151 ?  40  TYR A CE1   1 
ATOM   309  C  CE2   . TYR A 1 40  ? 9.14633   8.83581   -7.67699  1.000 22.43530 ?  40  TYR A CE2   1 
ATOM   310  C  CZ    . TYR A 1 40  ? 9.28341   8.33256   -6.40077  1.000 20.76290 ?  40  TYR A CZ    1 
ATOM   311  O  OH    . TYR A 1 40  ? 10.52379  8.31209   -5.80008  1.000 23.79501 ?  40  TYR A OH    1 
ATOM   312  N  N     . ARG A 1 41  ? 3.37418   10.11411  -10.05818 1.000 17.48487 ?  41  ARG A N     1 
ATOM   313  C  CA    . ARG A 1 41  ? 2.09547   10.26744  -10.72414 1.000 19.49755 ?  41  ARG A CA    1 
ATOM   314  C  C     . ARG A 1 41  ? 1.96049   9.23456   -11.82484 1.000 20.03641 ?  41  ARG A C     1 
ATOM   315  O  O     . ARG A 1 41  ? 2.94876   8.79807   -12.42200 1.000 21.03277 ?  41  ARG A O     1 
ATOM   316  C  CB    . ARG A 1 41  ? 1.92241   11.68669  -11.25634 1.000 22.57132 ?  41  ARG A CB    1 
ATOM   317  C  CG    . ARG A 1 41  ? 1.36325   12.57435  -10.16285 1.000 26.40980 ?  41  ARG A CG    1 
ATOM   318  C  CD    . ARG A 1 41  ? 1.76969   14.00530  -10.29375 1.000 29.12708 ?  41  ARG A CD    1 
ATOM   319  N  NE    . ARG A 1 41  ? 1.46657   14.72826  -9.06497  1.000 26.48062 ?  41  ARG A NE    1 
ATOM   320  C  CZ    . ARG A 1 41  ? 2.28874   14.80296  -8.02387  1.000 29.50229 ?  41  ARG A CZ    1 
ATOM   321  N  NH1   . ARG A 1 41  ? 3.46620   14.18717  -8.05961  1.000 30.79889 1  41  ARG A NH1   1 
ATOM   322  N  NH2   . ARG A 1 41  ? 1.93805   15.49277  -6.94740  1.000 31.49056 ?  41  ARG A NH2   1 
ATOM   323  N  N     . LYS A 1 42  ? 0.72334   8.82351   -12.06767 1.000 18.97195 ?  42  LYS A N     1 
ATOM   324  C  CA    . LYS A 1 42  ? 0.47953   7.70483   -12.96590 1.000 20.36790 ?  42  LYS A CA    1 
ATOM   325  C  C     . LYS A 1 42  ? -0.93298  7.82029   -13.50463 1.000 21.08206 ?  42  LYS A C     1 
ATOM   326  O  O     . LYS A 1 42  ? -1.89478  7.85951   -12.72772 1.000 18.19918 ?  42  LYS A O     1 
ATOM   327  C  CB    . LYS A 1 42  ? 0.68891   6.39301   -12.22223 1.000 19.26854 ?  42  LYS A CB    1 
ATOM   328  C  CG    . LYS A 1 42  ? 0.04420   5.18623   -12.82964 1.000 27.40867 ?  42  LYS A CG    1 
ATOM   329  C  CD    . LYS A 1 42  ? 0.93175   4.49064   -13.82007 1.000 28.69728 ?  42  LYS A CD    1 
ATOM   330  C  CE    . LYS A 1 42  ? 0.37459   3.10414   -14.10064 1.000 28.69921 ?  42  LYS A CE    1 
ATOM   331  N  NZ    . LYS A 1 42  ? 1.31190   2.30561   -14.91144 1.000 31.08919 1  42  LYS A NZ    1 
ATOM   332  N  N     . GLN A 1 43  ? -1.05934  7.90390   -14.81978 1.000 17.87119 ?  43  GLN A N     1 
ATOM   333  C  CA    . GLN A 1 43  ? -2.36549  7.99574   -15.44370 1.000 18.51364 ?  43  GLN A CA    1 
ATOM   334  C  C     . GLN A 1 43  ? -2.88539  6.58849   -15.69717 1.000 19.16733 ?  43  GLN A C     1 
ATOM   335  O  O     . GLN A 1 43  ? -2.20059  5.75949   -16.30930 1.000 20.30382 ?  43  GLN A O     1 
ATOM   336  C  CB    . GLN A 1 43  ? -2.30390  8.79741   -16.74154 1.000 20.38734 ?  43  GLN A CB    1 
ATOM   337  C  CG    . GLN A 1 43  ? -3.67622  9.08843   -17.32083 1.000 22.86442 ?  43  GLN A CG    1 
ATOM   338  C  CD    . GLN A 1 43  ? -3.60695  9.80303   -18.65247 1.000 30.43432 ?  43  GLN A CD    1 
ATOM   339  O  OE1   . GLN A 1 43  ? -3.41170  11.01414  -18.70472 1.000 34.08914 ?  43  GLN A OE1   1 
ATOM   340  N  NE2   . GLN A 1 43  ? -3.76196  9.05368   -19.73902 1.000 35.14523 ?  43  GLN A NE2   1 
ATOM   341  N  N     . VAL A 1 44  ? -4.09195  6.32104   -15.20931 1.000 18.09229 ?  44  VAL A N     1 
ATOM   342  C  CA    . VAL A 1 44  ? -4.67753  4.98945   -15.21551 1.000 19.98274 ?  44  VAL A CA    1 
ATOM   343  C  C     . VAL A 1 44  ? -6.12268  5.12861   -15.65339 1.000 17.15208 ?  44  VAL A C     1 
ATOM   344  O  O     . VAL A 1 44  ? -6.74182  6.18040   -15.47259 1.000 18.67679 ?  44  VAL A O     1 
ATOM   345  C  CB    . VAL A 1 44  ? -4.62049  4.32406   -13.81339 1.000 16.37707 ?  44  VAL A CB    1 
ATOM   346  C  CG1   . VAL A 1 44  ? -3.20357  4.13144   -13.36076 1.000 22.95594 ?  44  VAL A CG1   1 
ATOM   347  C  CG2   . VAL A 1 44  ? -5.38714  5.17760   -12.80784 1.000 20.34068 ?  44  VAL A CG2   1 
ATOM   348  N  N     . VAL A 1 45  ? -6.65560  4.07168   -16.25238 1.000 17.50170 ?  45  VAL A N     1 
ATOM   349  C  CA    . VAL A 1 45  ? -8.09164  3.95505   -16.47771 1.000 16.96265 ?  45  VAL A CA    1 
ATOM   350  C  C     . VAL A 1 45  ? -8.58531  2.84032   -15.57701 1.000 14.69521 ?  45  VAL A C     1 
ATOM   351  O  O     . VAL A 1 45  ? -8.16041  1.68680   -15.72543 1.000 15.67383 ?  45  VAL A O     1 
ATOM   352  C  CB    . VAL A 1 45  ? -8.43984  3.65953   -17.94067 1.000 19.49948 ?  45  VAL A CB    1 
ATOM   353  C  CG1   . VAL A 1 45  ? -9.94479  3.50089   -18.06888 1.000 17.96976 ?  45  VAL A CG1   1 
ATOM   354  C  CG2   . VAL A 1 45  ? -7.92992  4.76533   -18.84618 1.000 19.77893 ?  45  VAL A CG2   1 
ATOM   355  N  N     . ILE A 1 46  ? -9.46694  3.18028   -14.63763 1.000 14.05373 ?  46  ILE A N     1 
ATOM   356  C  CA    . ILE A 1 46  ? -9.98685  2.22845   -13.66291 1.000 12.14000 ?  46  ILE A CA    1 
ATOM   357  C  C     . ILE A 1 46  ? -11.50020 2.24466   -13.77337 1.000 13.60314 ?  46  ILE A C     1 
ATOM   358  O  O     . ILE A 1 46  ? -12.12995 3.28840   -13.55110 1.000 16.58140 ?  46  ILE A O     1 
ATOM   359  C  CB    . ILE A 1 46  ? -9.53996  2.56880   -12.23193 1.000 16.04090 ?  46  ILE A CB    1 
ATOM   360  C  CG1   . ILE A 1 46  ? -8.01121  2.62900   -12.15763 1.000 13.89779 ?  46  ILE A CG1   1 
ATOM   361  C  CG2   . ILE A 1 46  ? -10.07901 1.54183   -11.23867 1.000 16.64009 ?  46  ILE A CG2   1 
ATOM   362  C  CD1   . ILE A 1 46  ? -7.49288  3.12900   -10.80510 1.000 12.15024 ?  46  ILE A CD1   1 
ATOM   363  N  N     . ASP A 1 47  ? -12.07089 1.10315   -14.15634 1.000 15.15691 ?  47  ASP A N     1 
ATOM   364  C  CA    . ASP A 1 47  ? -13.51090 0.97556   -14.38448 1.000 17.29810 ?  47  ASP A CA    1 
ATOM   365  C  C     . ASP A 1 47  ? -14.03135 2.07894   -15.30695 1.000 18.00850 ?  47  ASP A C     1 
ATOM   366  O  O     . ASP A 1 47  ? -15.03099 2.74870   -15.03342 1.000 19.37805 ?  47  ASP A O     1 
ATOM   367  C  CB    . ASP A 1 47  ? -14.25579 0.95055   -13.04418 1.000 18.74462 ?  47  ASP A CB    1 
ATOM   368  C  CG    . ASP A 1 47  ? -13.69929 -0.08906  -12.09707 1.000 17.80467 ?  47  ASP A CG    1 
ATOM   369  O  OD1   . ASP A 1 47  ? -13.51675 -1.25519  -12.50577 1.000 16.51486 ?  47  ASP A OD1   1 
ATOM   370  O  OD2   . ASP A 1 47  ? -13.42521 0.25167   -10.91955 1.000 20.34760 -1 47  ASP A OD2   1 
ATOM   371  N  N     . GLY A 1 48  ? -13.32866 2.27362   -16.42325 1.000 16.72011 ?  48  GLY A N     1 
ATOM   372  C  CA    . GLY A 1 48  ? -13.77829 3.17423   -17.45891 1.000 17.66498 ?  48  GLY A CA    1 
ATOM   373  C  C     . GLY A 1 48  ? -13.50440 4.63854   -17.21655 1.000 19.57470 ?  48  GLY A C     1 
ATOM   374  O  O     . GLY A 1 48  ? -13.83411 5.46101   -18.07733 1.000 25.77347 ?  48  GLY A O     1 
ATOM   375  N  N     . GLU A 1 49  ? -12.89630 4.98970   -16.08702 1.000 18.61662 ?  49  GLU A N     1 
ATOM   376  C  CA    . GLU A 1 49  ? -12.65824 6.36758   -15.69880 1.000 16.49268 ?  49  GLU A CA    1 
ATOM   377  C  C     . GLU A 1 49  ? -11.16333 6.64615   -15.73135 1.000 17.31470 ?  49  GLU A C     1 
ATOM   378  O  O     . GLU A 1 49  ? -10.37982 5.92120   -15.10718 1.000 15.66780 ?  49  GLU A O     1 
ATOM   379  C  CB    . GLU A 1 49  ? -13.23283 6.61099   -14.30161 1.000 19.70079 ?  49  GLU A CB    1 
ATOM   380  C  CG    . GLU A 1 49  ? -12.70805 7.82192   -13.59142 1.000 20.65520 ?  49  GLU A CG    1 
ATOM   381  C  CD    . GLU A 1 49  ? -13.06901 7.80227   -12.12605 1.000 23.40966 ?  49  GLU A CD    1 
ATOM   382  O  OE1   . GLU A 1 49  ? -12.18443 7.47104   -11.30172 1.000 25.87030 ?  49  GLU A OE1   1 
ATOM   383  O  OE2   . GLU A 1 49  ? -14.23805 8.10831   -11.80735 1.000 28.04621 -1 49  GLU A OE2   1 
ATOM   384  N  N     . THR A 1 50  ? -10.76923 7.67129   -16.47963 1.000 19.61054 ?  50  THR A N     1 
ATOM   385  C  CA    . THR A 1 50  ? -9.37499  8.08951   -16.51805 1.000 19.95764 ?  50  THR A CA    1 
ATOM   386  C  C     . THR A 1 50  ? -9.04115  8.82819   -15.23127 1.000 18.63127 ?  50  THR A C     1 
ATOM   387  O  O     . THR A 1 50  ? -9.76226  9.74585   -14.82404 1.000 21.26100 ?  50  THR A O     1 
ATOM   388  C  CB    . THR A 1 50  ? -9.10561  8.98418   -17.72863 1.000 21.77262 ?  50  THR A CB    1 
ATOM   389  O  OG1   . THR A 1 50  ? -9.38164  8.25431   -18.92905 1.000 24.23799 ?  50  THR A OG1   1 
ATOM   390  C  CG2   . THR A 1 50  ? -7.65761  9.42671   -17.73551 1.000 22.87745 ?  50  THR A CG2   1 
ATOM   391  N  N     . CYS A 1 51  ? -7.95864  8.41499   -14.58054 1.000 18.17896 ?  51  CYS A N     1 
ATOM   392  C  CA    . CYS A 1 51  ? -7.57216  8.94650   -13.28732 1.000 21.21886 ?  51  CYS A CA    1 
ATOM   393  C  C     . CYS A 1 51  ? -6.08543  9.26272   -13.30714 1.000 20.28304 ?  51  CYS A C     1 
ATOM   394  O  O     . CYS A 1 51  ? -5.31225  8.61743   -14.01706 1.000 18.40860 ?  51  CYS A O     1 
ATOM   395  C  CB    . CYS A 1 51  ? -7.85871  7.92795   -12.13751 1.000 19.56587 ?  51  CYS A CB    1 
ATOM   396  S  SG    . CYS A 1 51  ? -9.36313  6.86899   -12.32477 1.000 35.12939 ?  51  CYS A SG    1 
ATOM   397  N  N     . LEU A 1 52  ? -5.68253  10.25753  -12.52337 1.000 19.57997 ?  52  LEU A N     1 
ATOM   398  C  CA    . LEU A 1 52  ? -4.26851  10.50310  -12.26885 1.000 17.56000 ?  52  LEU A CA    1 
ATOM   399  C  C     . LEU A 1 52  ? -4.01099  10.12460  -10.82025 1.000 18.89318 ?  52  LEU A C     1 
ATOM   400  O  O     . LEU A 1 52  ? -4.54098  10.76024  -9.90420  1.000 20.97171 ?  52  LEU A O     1 
ATOM   401  C  CB    . LEU A 1 52  ? -3.86712  11.95126  -12.53888 1.000 16.83151 ?  52  LEU A CB    1 
ATOM   402  C  CG    . LEU A 1 52  ? -2.35375  12.19597  -12.51822 1.000 24.09279 ?  52  LEU A CG    1 
ATOM   403  C  CD1   . LEU A 1 52  ? -1.65289  11.39102  -13.60393 1.000 21.12177 ?  52  LEU A CD1   1 
ATOM   404  C  CD2   . LEU A 1 52  ? -2.02189  13.67627  -12.65588 1.000 26.41580 ?  52  LEU A CD2   1 
ATOM   405  N  N     . LEU A 1 53  ? -3.21678  9.08540   -10.61071 1.000 12.86793 ?  53  LEU A N     1 
ATOM   406  C  CA    . LEU A 1 53  ? -2.87641  8.70135   -9.25402  1.000 16.33342 ?  53  LEU A CA    1 
ATOM   407  C  C     . LEU A 1 53  ? -1.70981  9.54609   -8.78148  1.000 19.24108 ?  53  LEU A C     1 
ATOM   408  O  O     . LEU A 1 53  ? -0.77405  9.81225   -9.53846  1.000 21.49199 ?  53  LEU A O     1 
ATOM   409  C  CB    . LEU A 1 53  ? -2.51158  7.22519   -9.17473  1.000 13.40762 ?  53  LEU A CB    1 
ATOM   410  C  CG    . LEU A 1 53  ? -3.51281  6.19090   -9.69063  1.000 14.26606 ?  53  LEU A CG    1 
ATOM   411  C  CD1   . LEU A 1 53  ? -2.97647  4.78364   -9.42066  1.000 19.29987 ?  53  LEU A CD1   1 
ATOM   412  C  CD2   . LEU A 1 53  ? -4.88822  6.39821   -9.06470  1.000 18.59083 ?  53  LEU A CD2   1 
ATOM   413  N  N     . ASP A 1 54  ? -1.77612  9.96934   -7.52672  1.000 14.29977 ?  54  ASP A N     1 
ATOM   414  C  CA    . ASP A 1 54  ? -0.72827  10.75222  -6.88896  1.000 15.33127 ?  54  ASP A CA    1 
ATOM   415  C  C     . ASP A 1 54  ? -0.29508  9.96638   -5.66123  1.000 14.87736 ?  54  ASP A C     1 
ATOM   416  O  O     . ASP A 1 54  ? -1.03255  9.92010   -4.67274  1.000 15.98896 ?  54  ASP A O     1 
ATOM   417  C  CB    . ASP A 1 54  ? -1.26565  12.13702  -6.53705  1.000 21.13137 ?  54  ASP A CB    1 
ATOM   418  C  CG    . ASP A 1 54  ? -0.22276  13.04163  -5.94512  1.000 23.15994 ?  54  ASP A CG    1 
ATOM   419  O  OD1   . ASP A 1 54  ? 0.96765   12.67467  -5.93729  1.000 24.78954 ?  54  ASP A OD1   1 
ATOM   420  O  OD2   . ASP A 1 54  ? -0.60595  14.14702  -5.49185  1.000 29.30103 -1 54  ASP A OD2   1 
ATOM   421  N  N     . ILE A 1 55  ? 0.88523   9.34391   -5.73169  1.000 14.84236 ?  55  ILE A N     1 
ATOM   422  C  CA    . ILE A 1 55  ? 1.29686   8.28539   -4.80592  1.000 14.93767 ?  55  ILE A CA    1 
ATOM   423  C  C     . ILE A 1 55  ? 2.51011   8.75065   -4.02546  1.000 14.88666 ?  55  ILE A C     1 
ATOM   424  O  O     . ILE A 1 55  ? 3.58448   8.93164   -4.60827  1.000 15.08598 ?  55  ILE A O     1 
ATOM   425  C  CB    . ILE A 1 55  ? 1.63197   6.98290   -5.54691  1.000 14.00539 ?  55  ILE A CB    1 
ATOM   426  C  CG1   . ILE A 1 55  ? 0.44301   6.50123   -6.36953  1.000 13.29026 ?  55  ILE A CG1   1 
ATOM   427  C  CG2   . ILE A 1 55  ? 2.07386   5.89113   -4.56219  1.000 14.14888 ?  55  ILE A CG2   1 
ATOM   428  C  CD1   . ILE A 1 55  ? 0.81780   5.40823   -7.34165  1.000 13.32097 ?  55  ILE A CD1   1 
ATOM   429  N  N     . LEU A 1 56  ? 2.36994   8.86804   -2.69927  1.000 12.85009 ?  56  LEU A N     1 
ATOM   430  C  CA    . LEU A 1 56  ? 3.51358   9.15735   -1.84245  1.000 12.44400 ?  56  LEU A CA    1 
ATOM   431  C  C     . LEU A 1 56  ? 4.13269   7.84989   -1.35266  1.000 14.61510 ?  56  LEU A C     1 
ATOM   432  O  O     . LEU A 1 56  ? 3.46697   7.05192   -0.68260  1.000 14.86040 ?  56  LEU A O     1 
ATOM   433  C  CB    . LEU A 1 56  ? 3.11378   10.03399  -0.65666  1.000 14.80899 ?  56  LEU A CB    1 
ATOM   434  C  CG    . LEU A 1 56  ? 4.26304   10.32604  0.31571   1.000 16.82449 ?  56  LEU A CG    1 
ATOM   435  C  CD1   . LEU A 1 56  ? 5.28621   11.26668  -0.31982  1.000 17.67144 ?  56  LEU A CD1   1 
ATOM   436  C  CD2   . LEU A 1 56  ? 3.76149   10.87885  1.63115   1.000 18.92793 ?  56  LEU A CD2   1 
ATOM   437  N  N     . ASP A 1 57  ? 5.40379   7.64461   -1.68781  1.000 12.58245 ?  57  ASP A N     1 
ATOM   438  C  CA    . ASP A 1 57  ? 6.19908   6.50639   -1.23160  1.000 13.36026 ?  57  ASP A CA    1 
ATOM   439  C  C     . ASP A 1 57  ? 6.97705   6.98355   -0.00452  1.000 13.88718 ?  57  ASP A C     1 
ATOM   440  O  O     . ASP A 1 57  ? 7.97757   7.69310   -0.13136  1.000 15.42863 ?  57  ASP A O     1 
ATOM   441  C  CB    . ASP A 1 57  ? 7.10421   6.02974   -2.36655  1.000 13.42879 ?  57  ASP A CB    1 
ATOM   442  C  CG    . ASP A 1 57  ? 8.09922   4.96623   -1.93721  1.000 14.83529 ?  57  ASP A CG    1 
ATOM   443  O  OD1   . ASP A 1 57  ? 7.79219   4.20038   -0.98570  1.000 16.33645 ?  57  ASP A OD1   1 
ATOM   444  O  OD2   . ASP A 1 57  ? 9.19161   4.89976   -2.56168  1.000 17.00722 -1 57  ASP A OD2   1 
ATOM   445  N  N     . THR A 1 58  ? 6.50477   6.61727   1.19141   1.000 13.99878 ?  58  THR A N     1 
ATOM   446  C  CA    . THR A 1 58  ? 7.12431   7.13219   2.41092   1.000 14.31252 ?  58  THR A CA    1 
ATOM   447  C  C     . THR A 1 58  ? 8.46664   6.46039   2.67926   1.000 14.22768 ?  58  THR A C     1 
ATOM   448  O  O     . THR A 1 58  ? 8.69127   5.29197   2.34482   1.000 14.62523 ?  58  THR A O     1 
ATOM   449  C  CB    . THR A 1 58  ? 6.19552   6.97359   3.63024   1.000 14.34163 ?  58  THR A CB    1 
ATOM   450  O  OG1   . THR A 1 58  ? 5.85407   5.59627   3.83639   1.000 12.30932 ?  58  THR A OG1   1 
ATOM   451  C  CG2   . THR A 1 58  ? 4.91979   7.77880   3.45735   1.000 13.19034 ?  58  THR A CG2   1 
ATOM   452  N  N     . ALA A 1 59  ? 9.37138   7.21907   3.29348   1.000 14.83269 ?  59  ALA A N     1 
ATOM   453  C  CA    . ALA A 1 59  ? 10.70001  6.71717   3.60937   1.000 16.92103 ?  59  ALA A CA    1 
ATOM   454  C  C     . ALA A 1 59  ? 11.31618  7.49395   4.77195   1.000 22.63501 ?  59  ALA A C     1 
ATOM   455  O  O     . ALA A 1 59  ? 12.42364  7.16119   5.21755   1.000 32.03962 ?  59  ALA A O     1 
ATOM   456  C  CB    . ALA A 1 59  ? 11.60296  6.78450   2.37603   1.000 17.57761 ?  59  ALA A CB    1 
ATOM   457  N  N     . ARG A 1 68  ? 5.68291   15.58227  4.00745   1.000 41.72020 ?  68  ARG A N     1 
ATOM   458  C  CA    . ARG A 1 68  ? 4.93513   14.36337  4.28373   1.000 37.75607 ?  68  ARG A CA    1 
ATOM   459  C  C     . ARG A 1 68  ? 3.62863   14.68551  5.00768   1.000 39.22155 ?  68  ARG A C     1 
ATOM   460  O  O     . ARG A 1 68  ? 2.60059   14.03812  4.79494   1.000 35.02397 ?  68  ARG A O     1 
ATOM   461  C  CB    . ARG A 1 68  ? 5.77851   13.39566  5.11372   1.000 34.08002 ?  68  ARG A CB    1 
ATOM   462  C  CG    . ARG A 1 68  ? 5.19943   12.00507  5.22750   1.000 32.42037 ?  68  ARG A CG    1 
ATOM   463  C  CD    . ARG A 1 68  ? 6.08788   11.17892  6.10876   1.000 29.52527 ?  68  ARG A CD    1 
ATOM   464  N  NE    . ARG A 1 68  ? 5.72557   11.38125  7.50235   1.000 35.10242 ?  68  ARG A NE    1 
ATOM   465  C  CZ    . ARG A 1 68  ? 6.39895   10.86867  8.52489   1.000 34.02675 ?  68  ARG A CZ    1 
ATOM   466  N  NH1   . ARG A 1 68  ? 7.47866   10.12942  8.29760   1.000 32.50726 1  68  ARG A NH1   1 
ATOM   467  N  NH2   . ARG A 1 68  ? 5.99878   11.10687  9.77078   1.000 31.49054 ?  68  ARG A NH2   1 
ATOM   468  N  N     . ASP A 1 69  ? 3.70250   15.69643  5.87568   1.000 42.39757 ?  69  ASP A N     1 
ATOM   469  C  CA    . ASP A 1 69  ? 2.52371   16.20426  6.57343   1.000 43.15540 ?  69  ASP A CA    1 
ATOM   470  C  C     . ASP A 1 69  ? 1.38977   16.50073  5.59242   1.000 40.61362 ?  69  ASP A C     1 
ATOM   471  O  O     . ASP A 1 69  ? 0.23440   16.12904  5.82100   1.000 36.99416 ?  69  ASP A O     1 
ATOM   472  C  CB    . ASP A 1 69  ? 2.92361   17.46239  7.35776   1.000 46.77771 ?  69  ASP A CB    1 
ATOM   473  C  CG    . ASP A 1 69  ? 1.81767   17.99922  8.26187   1.000 51.19988 ?  69  ASP A CG    1 
ATOM   474  O  OD1   . ASP A 1 69  ? 0.62688   17.66800  8.07850   1.000 49.06745 ?  69  ASP A OD1   1 
ATOM   475  O  OD2   . ASP A 1 69  ? 2.15637   18.78821  9.17092   1.000 58.03969 -1 69  ASP A OD2   1 
ATOM   476  N  N     . GLN A 1 70  ? 1.71251   17.15176  4.47624   1.000 40.37881 ?  70  GLN A N     1 
ATOM   477  C  CA    . GLN A 1 70  ? 0.69481   17.56063  3.51030   1.000 40.02816 ?  70  GLN A CA    1 
ATOM   478  C  C     . GLN A 1 70  ? -0.05873  16.36483  2.93734   1.000 36.27015 ?  70  GLN A C     1 
ATOM   479  O  O     . GLN A 1 70  ? -1.28533  16.42422  2.75650   1.000 34.51405 ?  70  GLN A O     1 
ATOM   480  C  CB    . GLN A 1 70  ? 1.35116   18.39854  2.40298   1.000 44.68616 ?  70  GLN A CB    1 
ATOM   481  C  CG    . GLN A 1 70  ? 2.33545   17.67289  1.46118   1.000 46.04636 ?  70  GLN A CG    1 
ATOM   482  C  CD    . GLN A 1 70  ? 3.38354   16.80739  2.17650   1.000 50.01682 ?  70  GLN A CD    1 
ATOM   483  O  OE1   . GLN A 1 70  ? 4.18319   17.30240  2.97283   1.000 51.03383 ?  70  GLN A OE1   1 
ATOM   484  N  NE2   . GLN A 1 70  ? 3.39959   15.52217  1.86331   1.000 48.45572 ?  70  GLN A NE2   1 
ATOM   485  N  N     . TYR A 1 71  ? 0.65270   15.26823  2.65354   1.000 35.42610 ?  71  TYR A N     1 
ATOM   486  C  CA    . TYR A 1 71  ? -0.00081  14.10612  2.06230   1.000 34.12663 ?  71  TYR A CA    1 
ATOM   487  C  C     . TYR A 1 71  ? -0.81109  13.33550  3.09417   1.000 30.53976 ?  71  TYR A C     1 
ATOM   488  O  O     . TYR A 1 71  ? -1.84291  12.74090  2.76103   1.000 30.86578 ?  71  TYR A O     1 
ATOM   489  C  CB    . TYR A 1 71  ? 1.03168   13.18765  1.42997   1.000 28.25967 ?  71  TYR A CB    1 
ATOM   490  C  CG    . TYR A 1 71  ? 1.24411   13.39398  -0.04797  1.000 26.38471 ?  71  TYR A CG    1 
ATOM   491  C  CD1   . TYR A 1 71  ? 0.56750   12.62495  -0.99337  1.000 28.48684 ?  71  TYR A CD1   1 
ATOM   492  C  CD2   . TYR A 1 71  ? 2.12086   14.36241  -0.49906  1.000 31.03608 ?  71  TYR A CD2   1 
ATOM   493  C  CE1   . TYR A 1 71  ? 0.78672   12.81671  -2.35149  1.000 25.69378 ?  71  TYR A CE1   1 
ATOM   494  C  CE2   . TYR A 1 71  ? 2.33625   14.57123  -1.83502  1.000 31.35537 ?  71  TYR A CE2   1 
ATOM   495  C  CZ    . TYR A 1 71  ? 1.67155   13.80162  -2.76050  1.000 30.09124 ?  71  TYR A CZ    1 
ATOM   496  O  OH    . TYR A 1 71  ? 1.90907   14.03787  -4.09651  1.000 29.83268 ?  71  TYR A OH    1 
ATOM   497  N  N     . MET A 1 72  ? -0.34557  13.29454  4.34129   1.000 27.38824 ?  72  MET A N     1 
ATOM   498  C  CA    . MET A 1 72  ? -1.13565  12.63470  5.37251   1.000 25.42499 ?  72  MET A CA    1 
ATOM   499  C  C     . MET A 1 72  ? -2.46575  13.34911  5.56393   1.000 29.56271 ?  72  MET A C     1 
ATOM   500  O  O     . MET A 1 72  ? -3.51185  12.70523  5.69553   1.000 29.02737 ?  72  MET A O     1 
ATOM   501  C  CB    . MET A 1 72  ? -0.35245  12.57451  6.68453   1.000 30.18406 ?  72  MET A CB    1 
ATOM   502  C  CG    . MET A 1 72  ? 0.93147   11.76514  6.59645   1.000 27.84235 ?  72  MET A CG    1 
ATOM   503  S  SD    . MET A 1 72  ? 0.67091   10.11027  5.91039   1.000 27.11462 ?  72  MET A SD    1 
ATOM   504  C  CE    . MET A 1 72  ? 2.36128   9.52438   5.84007   1.000 21.49563 ?  72  MET A CE    1 
ATOM   505  N  N     . ARG A 1 73  ? -2.45019  14.68364  5.52663   1.000 30.10760 ?  73  ARG A N     1 
ATOM   506  C  CA    . ARG A 1 73  ? -3.66530  15.45082  5.78161   1.000 31.00630 ?  73  ARG A CA    1 
ATOM   507  C  C     . ARG A 1 73  ? -4.65472  15.33122  4.62909   1.000 28.67651 ?  73  ARG A C     1 
ATOM   508  O  O     . ARG A 1 73  ? -5.85485  15.13252  4.84873   1.000 32.38011 ?  73  ARG A O     1 
ATOM   509  C  CB    . ARG A 1 73  ? -3.31879  16.91872  6.04487   1.000 37.59602 ?  73  ARG A CB    1 
ATOM   510  C  CG    . ARG A 1 73  ? -2.56020  17.16647  7.34745   1.000 40.47266 ?  73  ARG A CG    1 
ATOM   511  C  CD    . ARG A 1 73  ? -2.60533  18.64274  7.72056   1.000 45.00774 ?  73  ARG A CD    1 
ATOM   512  N  NE    . ARG A 1 73  ? -2.41203  19.49195  6.54838   1.000 47.58788 ?  73  ARG A NE    1 
ATOM   513  C  CZ    . ARG A 1 73  ? -1.26403  20.08547  6.23664   1.000 51.03470 ?  73  ARG A CZ    1 
ATOM   514  N  NH1   . ARG A 1 73  ? -0.20432  19.93238  7.02080   1.000 49.20218 1  73  ARG A NH1   1 
ATOM   515  N  NH2   . ARG A 1 73  ? -1.17663  20.83360  5.14318   1.000 48.80754 ?  73  ARG A NH2   1 
ATOM   516  N  N     . THR A 1 74  ? -4.17994  15.45900  3.39267   1.000 24.12159 ?  74  THR A N     1 
ATOM   517  C  CA    . THR A 1 74  ? -5.06595  15.40459  2.24118   1.000 25.23692 ?  74  THR A CA    1 
ATOM   518  C  C     . THR A 1 74  ? -5.08910  14.05085  1.55308   1.000 22.79784 ?  74  THR A C     1 
ATOM   519  O  O     . THR A 1 74  ? -5.88372  13.86081  0.63233   1.000 25.24097 ?  74  THR A O     1 
ATOM   520  C  CB    . THR A 1 74  ? -4.68975  16.48480  1.21142   1.000 28.60285 ?  74  THR A CB    1 
ATOM   521  O  OG1   . THR A 1 74  ? -3.34839  16.27333  0.74776   1.000 29.90736 ?  74  THR A OG1   1 
ATOM   522  C  CG2   . THR A 1 74  ? -4.80620  17.87323  1.82853   1.000 28.92200 ?  74  THR A CG2   1 
ATOM   523  N  N     . GLY A 1 75  ? -4.24173  13.10490  1.97855   1.000 23.15027 ?  75  GLY A N     1 
ATOM   524  C  CA    . GLY A 1 75  ? -4.27232  11.78493  1.37260   1.000 23.94038 ?  75  GLY A CA    1 
ATOM   525  C  C     . GLY A 1 75  ? -5.61951  11.11916  1.55507   1.000 20.32854 ?  75  GLY A C     1 
ATOM   526  O  O     . GLY A 1 75  ? -6.25138  11.21991  2.61374   1.000 20.60666 ?  75  GLY A O     1 
ATOM   527  N  N     . GLU A 1 76  ? -6.07637  10.43292  0.50967   1.000 13.47534 ?  76  GLU A N     1 
ATOM   528  C  CA    . GLU A 1 76  ? -7.41120  9.85817   0.51310   1.000 16.43796 ?  76  GLU A CA    1 
ATOM   529  C  C     . GLU A 1 76  ? -7.42657  8.38115   0.85272   1.000 13.06694 ?  76  GLU A C     1 
ATOM   530  O  O     . GLU A 1 76  ? -8.48341  7.86265   1.22865   1.000 13.90422 ?  76  GLU A O     1 
ATOM   531  C  CB    . GLU A 1 76  ? -8.08171  10.03415  -0.85024  1.000 19.18261 ?  76  GLU A CB    1 
ATOM   532  C  CG    . GLU A 1 76  ? -8.37676  11.48033  -1.23797  1.000 19.69386 ?  76  GLU A CG    1 
ATOM   533  C  CD    . GLU A 1 76  ? -8.76357  11.60849  -2.69625  1.000 25.18619 ?  76  GLU A CD    1 
ATOM   534  O  OE1   . GLU A 1 76  ? -7.87122  11.50484  -3.57004  1.000 21.29846 ?  76  GLU A OE1   1 
ATOM   535  O  OE2   . GLU A 1 76  ? -9.96551  11.79732  -2.97611  1.000 27.81113 -1 76  GLU A OE2   1 
ATOM   536  N  N     . GLY A 1 77  ? -6.30950  7.68843   0.67215   1.000 14.87142 ?  77  GLY A N     1 
ATOM   537  C  CA    . GLY A 1 77  ? -6.26572  6.26879   0.96314   1.000 13.12235 ?  77  GLY A CA    1 
ATOM   538  C  C     . GLY A 1 77  ? -4.84338  5.84382   1.21469   1.000 11.80443 ?  77  GLY A C     1 
ATOM   539  O  O     . GLY A 1 77  ? -3.88868  6.46816   0.74178   1.000 10.81301 ?  77  GLY A O     1 
ATOM   540  N  N     . PHE A 1 78  ? -4.70416  4.76798   1.96480   1.000 9.97598  ?  78  PHE A N     1 
ATOM   541  C  CA    . PHE A 1 78  ? -3.39797  4.31458   2.40590   1.000 11.26967 ?  78  PHE A CA    1 
ATOM   542  C  C     . PHE A 1 78  ? -3.22125  2.84003   2.09243   1.000 10.46289 ?  78  PHE A C     1 
ATOM   543  O  O     . PHE A 1 78  ? -4.13991  2.04429   2.30293   1.000 10.68825 ?  78  PHE A O     1 
ATOM   544  C  CB    . PHE A 1 78  ? -3.22660  4.53087   3.90593   1.000 10.47455 ?  78  PHE A CB    1 
ATOM   545  C  CG    . PHE A 1 78  ? -3.30759  5.97633   4.31894   1.000 12.75338 ?  78  PHE A CG    1 
ATOM   546  C  CD1   . PHE A 1 78  ? -4.53124  6.61961   4.40908   1.000 12.61867 ?  78  PHE A CD1   1 
ATOM   547  C  CD2   . PHE A 1 78  ? -2.14942  6.67968   4.61351   1.000 14.88327 ?  78  PHE A CD2   1 
ATOM   548  C  CE1   . PHE A 1 78  ? -4.60133  7.97279   4.77503   1.000 16.47058 ?  78  PHE A CE1   1 
ATOM   549  C  CE2   . PHE A 1 78  ? -2.21128  8.02127   4.98718   1.000 17.11293 ?  78  PHE A CE2   1 
ATOM   550  C  CZ    . PHE A 1 78  ? -3.43453  8.65874   5.06630   1.000 17.98903 ?  78  PHE A CZ    1 
ATOM   551  N  N     . LEU A 1 79  ? -2.04653  2.47536   1.56949   1.000 10.97286 ?  79  LEU A N     1 
ATOM   552  C  CA    . LEU A 1 79  ? -1.64226  1.07016   1.51711   1.000 8.71460  ?  79  LEU A CA    1 
ATOM   553  C  C     . LEU A 1 79  ? -0.82497  0.77047   2.76534   1.000 9.69671  ?  79  LEU A C     1 
ATOM   554  O  O     . LEU A 1 79  ? 0.17889   1.43523   3.02061   1.000 10.53993 ?  79  LEU A O     1 
ATOM   555  C  CB    . LEU A 1 79  ? -0.81318  0.76253   0.26876   1.000 10.21839 ?  79  LEU A CB    1 
ATOM   556  C  CG    . LEU A 1 79  ? -1.48308  0.70336   -1.09497  1.000 14.70749 ?  79  LEU A CG    1 
ATOM   557  C  CD1   . LEU A 1 79  ? -0.43230  0.26029   -2.10143  1.000 12.79520 ?  79  LEU A CD1   1 
ATOM   558  C  CD2   . LEU A 1 79  ? -2.66607  -0.24937  -1.11048  1.000 12.06443 ?  79  LEU A CD2   1 
ATOM   559  N  N     . CYS A 1 80  ? -1.26956  -0.19476  3.56817   1.000 8.89246  ?  80  CYS A N     1 
ATOM   560  C  CA    . CYS A 1 80  ? -0.50771  -0.61669  4.74443   1.000 7.81029  ?  80  CYS A CA    1 
ATOM   561  C  C     . CYS A 1 80  ? 0.28930   -1.83206  4.30875   1.000 9.33725  ?  80  CYS A C     1 
ATOM   562  O  O     . CYS A 1 80  ? -0.27508  -2.91815  4.15002   1.000 10.08130 ?  80  CYS A O     1 
ATOM   563  C  CB    . CYS A 1 80  ? -1.43365  -0.95367  5.90412   1.000 10.08467 ?  80  CYS A CB    1 
ATOM   564  S  SG    . CYS A 1 80  ? -2.30315  0.49395   6.48920   1.000 38.74381 ?  80  CYS A SG    1 
ATOM   565  N  N     . VAL A 1 81  ? 1.59733   -1.65884  4.10045   1.000 8.38368  ?  81  VAL A N     1 
ATOM   566  C  CA    . VAL A 1 81  ? 2.41735   -2.70142  3.49446   1.000 6.76485  ?  81  VAL A CA    1 
ATOM   567  C  C     . VAL A 1 81  ? 3.25283   -3.39187  4.55908   1.000 6.91581  ?  81  VAL A C     1 
ATOM   568  O  O     . VAL A 1 81  ? 3.92467   -2.72844  5.35914   1.000 8.59785  ?  81  VAL A O     1 
ATOM   569  C  CB    . VAL A 1 81  ? 3.33698   -2.13977  2.39930   1.000 7.12204  ?  81  VAL A CB    1 
ATOM   570  C  CG1   . VAL A 1 81  ? 4.09430   -3.29275  1.74524   1.000 8.39812  ?  81  VAL A CG1   1 
ATOM   571  C  CG2   . VAL A 1 81  ? 2.51947   -1.35841  1.36826   1.000 9.53751  ?  81  VAL A CG2   1 
ATOM   572  N  N     . PHE A 1 82  ? 3.21990   -4.71995  4.56141   1.000 6.64660  ?  82  PHE A N     1 
ATOM   573  C  CA    . PHE A 1 82  ? 4.19372   -5.53573  5.27935   1.000 7.52814  ?  82  PHE A CA    1 
ATOM   574  C  C     . PHE A 1 82  ? 4.73927   -6.57333  4.30607   1.000 7.04610  ?  82  PHE A C     1 
ATOM   575  O  O     . PHE A 1 82  ? 4.26303   -6.69375  3.17193   1.000 8.61737  ?  82  PHE A O     1 
ATOM   576  C  CB    . PHE A 1 82  ? 3.56640   -6.18942  6.52561   1.000 7.87857  ?  82  PHE A CB    1 
ATOM   577  C  CG    . PHE A 1 82  ? 2.58892   -7.28132  6.20185   1.000 7.01467  ?  82  PHE A CG    1 
ATOM   578  C  CD1   . PHE A 1 82  ? 1.27033   -6.97519  5.89171   1.000 7.70069  ?  82  PHE A CD1   1 
ATOM   579  C  CD2   . PHE A 1 82  ? 2.99590   -8.60960  6.21231   1.000 7.59734  ?  82  PHE A CD2   1 
ATOM   580  C  CE1   . PHE A 1 82  ? 0.36420   -7.99348  5.56389   1.000 7.50827  ?  82  PHE A CE1   1 
ATOM   581  C  CE2   . PHE A 1 82  ? 2.09950   -9.63299  5.90178   1.000 8.03420  ?  82  PHE A CE2   1 
ATOM   582  C  CZ    . PHE A 1 82  ? 0.77915   -9.32472  5.57934   1.000 7.35205  ?  82  PHE A CZ    1 
ATOM   583  N  N     . ALA A 1 83  ? 5.76504   -7.31589  4.71830   1.000 6.82895  ?  83  ALA A N     1 
ATOM   584  C  CA    . ALA A 1 83  ? 6.29855   -8.39456  3.88510   1.000 8.08660  ?  83  ALA A CA    1 
ATOM   585  C  C     . ALA A 1 83  ? 5.98382   -9.73188  4.53598   1.000 8.69828  ?  83  ALA A C     1 
ATOM   586  O  O     . ALA A 1 83  ? 6.09699   -9.87619  5.75654   1.000 7.84029  ?  83  ALA A O     1 
ATOM   587  C  CB    . ALA A 1 83  ? 7.81271   -8.26482  3.68232   1.000 9.04217  ?  83  ALA A CB    1 
ATOM   588  N  N     . ILE A 1 84  ? 5.58649   -10.71146 3.71861   1.000 7.56416  ?  84  ILE A N     1 
ATOM   589  C  CA    . ILE A 1 84  ? 5.10488   -11.96531 4.28758   1.000 8.82870  ?  84  ILE A CA    1 
ATOM   590  C  C     . ILE A 1 84  ? 6.22702   -12.80123 4.88109   1.000 8.46676  ?  84  ILE A C     1 
ATOM   591  O  O     . ILE A 1 84  ? 5.94693   -13.79961 5.56372   1.000 10.22485 ?  84  ILE A O     1 
ATOM   592  C  CB    . ILE A 1 84  ? 4.32682   -12.80052 3.25049   1.000 9.66893  ?  84  ILE A CB    1 
ATOM   593  C  CG1   . ILE A 1 84  ? 5.23485   -13.27331 2.12765   1.000 11.71709 ?  84  ILE A CG1   1 
ATOM   594  C  CG2   . ILE A 1 84  ? 3.10135   -12.01767 2.72034   1.000 9.43943  ?  84  ILE A CG2   1 
ATOM   595  C  CD1   . ILE A 1 84  ? 4.55301   -14.32660 1.28386   1.000 16.75479 ?  84  ILE A CD1   1 
ATOM   596  N  N     . ASN A 1 85  ? 7.48294   -12.40542 4.65582   1.000 8.44126  ?  85  ASN A N     1 
ATOM   597  C  CA    . ASN A 1 85  ? 8.64234   -13.00607 5.30182   1.000 9.71723  ?  85  ASN A CA    1 
ATOM   598  C  C     . ASN A 1 85  ? 9.26273   -12.06441 6.32267   1.000 9.42091  ?  85  ASN A C     1 
ATOM   599  O  O     . ASN A 1 85  ? 10.46927  -12.12157 6.57647   1.000 10.26134 ?  85  ASN A O     1 
ATOM   600  C  CB    . ASN A 1 85  ? 9.69561   -13.38927 4.26634   1.000 10.75963 ?  85  ASN A CB    1 
ATOM   601  C  CG    . ASN A 1 85  ? 10.38056  -12.16956 3.65517   1.000 9.69967  ?  85  ASN A CG    1 
ATOM   602  O  OD1   . ASN A 1 85  ? 9.78551   -11.08811 3.53467   1.000 12.36858 ?  85  ASN A OD1   1 
ATOM   603  N  ND2   . ASN A 1 85  ? 11.64384  -12.33788 3.27243   1.000 15.21117 ?  85  ASN A ND2   1 
ATOM   604  N  N     . ASN A 1 86  ? 8.46183   -11.17253 6.90350   1.000 9.78301  ?  86  ASN A N     1 
ATOM   605  C  CA    . ASN A 1 86  ? 8.98789   -10.20696 7.86455   1.000 9.07477  ?  86  ASN A CA    1 
ATOM   606  C  C     . ASN A 1 86  ? 7.93097   -10.06670 8.95998   1.000 7.44462  ?  86  ASN A C     1 
ATOM   607  O  O     . ASN A 1 86  ? 7.05974   -9.19694  8.88768   1.000 8.38801  ?  86  ASN A O     1 
ATOM   608  C  CB    . ASN A 1 86  ? 9.30095   -8.88646  7.15680   1.000 9.45323  ?  86  ASN A CB    1 
ATOM   609  C  CG    . ASN A 1 86  ? 9.93354   -7.84198  8.07044   1.000 12.47869 ?  86  ASN A CG    1 
ATOM   610  O  OD1   . ASN A 1 86  ? 9.80108   -7.87886  9.29151   1.000 11.15301 ?  86  ASN A OD1   1 
ATOM   611  N  ND2   . ASN A 1 86  ? 10.60234  -6.87093  7.45627   1.000 17.64406 ?  86  ASN A ND2   1 
ATOM   612  N  N     . THR A 1 87  ? 8.00438   -10.94431 9.97486   1.000 7.70918  ?  87  THR A N     1 
ATOM   613  C  CA    . THR A 1 87  ? 6.97207   -10.93753 11.00650  1.000 7.93292  ?  87  THR A CA    1 
ATOM   614  C  C     . THR A 1 87  ? 6.89967   -9.58446  11.70652  1.000 9.21070  ?  87  THR A C     1 
ATOM   615  O  O     . THR A 1 87  ? 5.80310   -9.08096  11.97269  1.000 8.79851  ?  87  THR A O     1 
ATOM   616  C  CB    . THR A 1 87  ? 7.21748   -12.05688 12.01474  1.000 10.71417 ?  87  THR A CB    1 
ATOM   617  O  OG1   . THR A 1 87  ? 7.09967   -13.30845 11.33960  1.000 13.56350 ?  87  THR A OG1   1 
ATOM   618  C  CG2   . THR A 1 87  ? 6.17597   -12.02788 13.13350  1.000 11.35134 ?  87  THR A CG2   1 
ATOM   619  N  N     . LYS A 1 88  ? 8.05224   -8.97145  11.99212  1.000 8.28683  ?  88  LYS A N     1 
ATOM   620  C  CA    . LYS A 1 88  ? 8.03626   -7.67682  12.67383  1.000 8.13685  ?  88  LYS A CA    1 
ATOM   621  C  C     . LYS A 1 88  ? 7.26417   -6.64064  11.86854  1.000 9.34031  ?  88  LYS A C     1 
ATOM   622  O  O     . LYS A 1 88  ? 6.50605   -5.84732  12.44114  1.000 9.98036  ?  88  LYS A O     1 
ATOM   623  C  CB    . LYS A 1 88  ? 9.45896   -7.19104  12.92713  1.000 11.98694 ?  88  LYS A CB    1 
ATOM   624  C  CG    . LYS A 1 88  ? 9.54935   -5.76283  13.41654  1.000 17.50859 ?  88  LYS A CG    1 
ATOM   625  C  CD    . LYS A 1 88  ? 9.13149   -5.65536  14.85818  1.000 22.91256 ?  88  LYS A CD    1 
ATOM   626  C  CE    . LYS A 1 88  ? 9.93505   -4.56873  15.58138  1.000 28.21634 ?  88  LYS A CE    1 
ATOM   627  N  NZ    . LYS A 1 88  ? 9.86478   -3.25514  14.88320  1.000 30.54780 1  88  LYS A NZ    1 
ATOM   628  N  N     . SER A 1 89  ? 7.42587   -6.64581  10.53861  1.000 8.46483  ?  89  SER A N     1 
ATOM   629  C  CA    . SER A 1 89  ? 6.72946   -5.64727  9.72496   1.000 9.45338  ?  89  SER A CA    1 
ATOM   630  C  C     . SER A 1 89  ? 5.22302   -5.83257  9.80349   1.000 8.66724  ?  89  SER A C     1 
ATOM   631  O  O     . SER A 1 89  ? 4.47112   -4.84856  9.77037   1.000 7.73300  ?  89  SER A O     1 
ATOM   632  C  CB    . SER A 1 89  ? 7.20468   -5.69245  8.26708   1.000 8.88526  ?  89  SER A CB    1 
ATOM   633  O  OG    . SER A 1 89  ? 6.78161   -6.86412  7.55981   1.000 9.03378  ?  89  SER A OG    1 
ATOM   634  N  N     . PHE A 1 90  ? 4.77219   -7.08532  9.91888   1.000 8.60531  ?  90  PHE A N     1 
ATOM   635  C  CA    . PHE A 1 90  ? 3.35280   -7.36184  10.09034  1.000 7.46575  ?  90  PHE A CA    1 
ATOM   636  C  C     . PHE A 1 90  ? 2.86923   -6.86602  11.44595  1.000 7.68387  ?  90  PHE A C     1 
ATOM   637  O  O     . PHE A 1 90  ? 1.82059   -6.22357  11.54953  1.000 8.37501  ?  90  PHE A O     1 
ATOM   638  C  CB    . PHE A 1 90  ? 3.11668   -8.86289  9.95218   1.000 8.41988  ?  90  PHE A CB    1 
ATOM   639  C  CG    . PHE A 1 90  ? 1.69148   -9.28126  10.16714  1.000 10.18790 ?  90  PHE A CG    1 
ATOM   640  C  CD1   . PHE A 1 90  ? 0.72865   -8.98610  9.21752   1.000 6.85767  ?  90  PHE A CD1   1 
ATOM   641  C  CD2   . PHE A 1 90  ? 1.32403   -9.99850  11.29891  1.000 10.13056 ?  90  PHE A CD2   1 
ATOM   642  C  CE1   . PHE A 1 90  ? -0.58348  -9.38411  9.40649   1.000 9.64692  ?  90  PHE A CE1   1 
ATOM   643  C  CE2   . PHE A 1 90  ? 0.00843   -10.40596 11.49277  1.000 11.06875 ?  90  PHE A CE2   1 
ATOM   644  C  CZ    . PHE A 1 90  ? -0.94553  -10.10066 10.54735  1.000 10.60510 ?  90  PHE A CZ    1 
ATOM   645  N  N     . GLU A 1 91  ? 3.62533   -7.17712  12.49847  1.000 8.34724  ?  91  GLU A N     1 
ATOM   646  C  CA    . GLU A 1 91  ? 3.26949   -6.70341  13.83417  1.000 9.78863  ?  91  GLU A CA    1 
ATOM   647  C  C     . GLU A 1 91  ? 3.24690   -5.18083  13.89079  1.000 9.81014  ?  91  GLU A C     1 
ATOM   648  O  O     . GLU A 1 91  ? 2.44391   -4.60465  14.64251  1.000 12.13873 ?  91  GLU A O     1 
ATOM   649  C  CB    . GLU A 1 91  ? 4.24861   -7.27690  14.85839  1.000 11.02642 ?  91  GLU A CB    1 
ATOM   650  C  CG    . GLU A 1 91  ? 4.25831   -8.80843  14.86102  1.000 9.04546  ?  91  GLU A CG    1 
ATOM   651  C  CD    . GLU A 1 91  ? 5.44802   -9.39758  15.61046  1.000 10.95406 ?  91  GLU A CD    1 
ATOM   652  O  OE1   . GLU A 1 91  ? 6.46241   -8.68755  15.81018  1.000 12.45475 ?  91  GLU A OE1   1 
ATOM   653  O  OE2   . GLU A 1 91  ? 5.36506   -10.58279 15.99210  1.000 12.85406 -1 91  GLU A OE2   1 
ATOM   654  N  N     . ASP A 1 92  ? 4.11010   -4.52035  13.10595  1.000 9.93531  ?  92  ASP A N     1 
ATOM   655  C  CA    . ASP A 1 92  ? 4.16243   -3.05913  13.06230  1.000 8.85747  ?  92  ASP A CA    1 
ATOM   656  C  C     . ASP A 1 92  ? 2.89622   -2.44289  12.48551  1.000 10.68598 ?  92  ASP A C     1 
ATOM   657  O  O     . ASP A 1 92  ? 2.67641   -1.24587  12.69748  1.000 11.06220 ?  92  ASP A O     1 
ATOM   658  C  CB    . ASP A 1 92  ? 5.31936   -2.54933  12.18954  1.000 11.92515 ?  92  ASP A CB    1 
ATOM   659  C  CG    . ASP A 1 92  ? 6.67100   -2.56308  12.88958  1.000 20.72225 ?  92  ASP A CG    1 
ATOM   660  O  OD1   . ASP A 1 92  ? 6.74040   -2.82396  14.10632  1.000 20.39123 ?  92  ASP A OD1   1 
ATOM   661  O  OD2   . ASP A 1 92  ? 7.67734   -2.29448  12.19105  1.000 23.81841 -1 92  ASP A OD2   1 
ATOM   662  N  N     . ILE A 1 93  ? 2.09734   -3.20627  11.72090  1.000 7.90287  ?  93  ILE A N     1 
ATOM   663  C  CA    . ILE A 1 93  ? 0.99049   -2.60433  10.96770  1.000 9.39140  ?  93  ILE A CA    1 
ATOM   664  C  C     . ILE A 1 93  ? 0.05224   -1.85271  11.89731  1.000 9.35462  ?  93  ILE A C     1 
ATOM   665  O  O     . ILE A 1 93  ? -0.42975  -0.76188  11.56367  1.000 11.03263 ?  93  ILE A O     1 
ATOM   666  C  CB    . ILE A 1 93  ? 0.23652   -3.67374  10.15497  1.000 8.42834  ?  93  ILE A CB    1 
ATOM   667  C  CG1   . ILE A 1 93  ? 1.10149   -4.16332  8.99111   1.000 9.04327  ?  93  ILE A CG1   1 
ATOM   668  C  CG2   . ILE A 1 93  ? -1.14405  -3.15272  9.69030   1.000 10.96500 ?  93  ILE A CG2   1 
ATOM   669  C  CD1   . ILE A 1 93  ? 1.28364   -3.15057  7.84751   1.000 10.84816 ?  93  ILE A CD1   1 
ATOM   670  N  N     . HIS A 1 94  ? -0.20513  -2.41887  13.08172  1.000 9.66410  ?  94  HIS A N     1 
ATOM   671  C  CA    . HIS A 1 94  ? -1.05054  -1.77637  14.08197  1.000 12.82071 ?  94  HIS A CA    1 
ATOM   672  C  C     . HIS A 1 94  ? -0.60867  -0.34205  14.34179  1.000 12.38945 ?  94  HIS A C     1 
ATOM   673  O  O     . HIS A 1 94  ? -1.43790  0.57574   14.39463  1.000 13.67898 ?  94  HIS A O     1 
ATOM   674  C  CB    . HIS A 1 94  ? -1.00803  -2.59963  15.37775  1.000 14.47908 ?  94  HIS A CB    1 
ATOM   675  C  CG    . HIS A 1 94  ? -1.77698  -1.99652  16.51445  1.000 17.98251 ?  94  HIS A CG    1 
ATOM   676  N  ND1   . HIS A 1 94  ? -3.15257  -1.97101  16.54866  1.000 19.33023 ?  94  HIS A ND1   1 
ATOM   677  C  CD2   . HIS A 1 94  ? -1.35876  -1.41503  17.66439  1.000 24.61125 ?  94  HIS A CD2   1 
ATOM   678  C  CE1   . HIS A 1 94  ? -3.55462  -1.37969  17.66126  1.000 23.08768 ?  94  HIS A CE1   1 
ATOM   679  N  NE2   . HIS A 1 94  ? -2.48563  -1.03413  18.35683  1.000 23.43815 ?  94  HIS A NE2   1 
ATOM   680  N  N     . GLN A 1 95  ? 0.70011   -0.12823  14.47459  1.000 12.16879 ?  95  GLN A N     1 
ATOM   681  C  CA    . GLN A 1 95  ? 1.20464   1.20323   14.79566  1.000 13.79123 ?  95  GLN A CA    1 
ATOM   682  C  C     . GLN A 1 95  ? 1.00904   2.16344   13.63283  1.000 14.10740 ?  95  GLN A C     1 
ATOM   683  O  O     . GLN A 1 95  ? 0.68952   3.34190   13.84509  1.000 12.29790 ?  95  GLN A O     1 
ATOM   684  C  CB    . GLN A 1 95  ? 2.67778   1.11872   15.19324  1.000 15.43437 ?  95  GLN A CB    1 
ATOM   685  C  CG    . GLN A 1 95  ? 2.91062   0.13119   16.33569  1.000 17.70239 ?  95  GLN A CG    1 
ATOM   686  C  CD    . GLN A 1 95  ? 4.33582   0.13401   16.83219  1.000 27.12966 ?  95  GLN A CD    1 
ATOM   687  O  OE1   . GLN A 1 95  ? 4.94084   1.19337   17.00721  1.000 28.04882 ?  95  GLN A OE1   1 
ATOM   688  N  NE2   . GLN A 1 95  ? 4.88673   -1.05721  17.06343  1.000 27.63439 ?  95  GLN A NE2   1 
ATOM   689  N  N     . TYR A 1 96  ? 1.18447   1.68276   12.39728  1.000 10.87319 ?  96  TYR A N     1 
ATOM   690  C  CA    . TYR A 1 96  ? 0.90597   2.53272   11.23894  1.000 10.17591 ?  96  TYR A CA    1 
ATOM   691  C  C     . TYR A 1 96  ? -0.56585  2.90003   11.15331  1.000 12.17730 ?  96  TYR A C     1 
ATOM   692  O  O     . TYR A 1 96  ? -0.90665  4.05700   10.87121  1.000 11.89174 ?  96  TYR A O     1 
ATOM   693  C  CB    . TYR A 1 96  ? 1.36932   1.83910   9.94550   1.000 8.96641  ?  96  TYR A CB    1 
ATOM   694  C  CG    . TYR A 1 96  ? 2.86946   1.90433   9.87524   1.000 10.82514 ?  96  TYR A CG    1 
ATOM   695  C  CD1   . TYR A 1 96  ? 3.49389   3.06231   9.44711   1.000 12.91695 ?  96  TYR A CD1   1 
ATOM   696  C  CD2   . TYR A 1 96  ? 3.66129   0.85034   10.31468  1.000 12.34577 ?  96  TYR A CD2   1 
ATOM   697  C  CE1   . TYR A 1 96  ? 4.86444   3.16814   9.43060   1.000 14.14196 ?  96  TYR A CE1   1 
ATOM   698  C  CE2   . TYR A 1 96  ? 5.03884   0.95320   10.30300  1.000 13.68069 ?  96  TYR A CE2   1 
ATOM   699  C  CZ    . TYR A 1 96  ? 5.62887   2.11777   9.85840   1.000 15.35582 ?  96  TYR A CZ    1 
ATOM   700  O  OH    . TYR A 1 96  ? 6.99653   2.23305   9.83903   1.000 17.53711 ?  96  TYR A OH    1 
ATOM   701  N  N     . ARG A 1 97  ? -1.45694  1.93537   11.37804  1.000 11.04053 ?  97  ARG A N     1 
ATOM   702  C  CA    . ARG A 1 97  ? -2.87439  2.26662   11.34085  1.000 10.83365 ?  97  ARG A CA    1 
ATOM   703  C  C     . ARG A 1 97  ? -3.23171  3.25633   12.44415  1.000 13.36321 ?  97  ARG A C     1 
ATOM   704  O  O     . ARG A 1 97  ? -4.04982  4.16096   12.23190  1.000 13.85051 ?  97  ARG A O     1 
ATOM   705  C  CB    . ARG A 1 97  ? -3.73361  1.01490   11.45811  1.000 11.62841 ?  97  ARG A CB    1 
ATOM   706  C  CG    . ARG A 1 97  ? -5.23113  1.34358   11.40040  1.000 16.38234 ?  97  ARG A CG    1 
ATOM   707  C  CD    . ARG A 1 97  ? -6.05623  0.08963   11.30029  1.000 16.21040 ?  97  ARG A CD    1 
ATOM   708  N  NE    . ARG A 1 97  ? -7.48464  0.32083   11.54634  1.000 17.88870 ?  97  ARG A NE    1 
ATOM   709  C  CZ    . ARG A 1 97  ? -8.07643  0.22764   12.73728  1.000 23.24089 ?  97  ARG A CZ    1 
ATOM   710  N  NH1   . ARG A 1 97  ? -9.38445  0.43243   12.83881  1.000 26.63216 1  97  ARG A NH1   1 
ATOM   711  N  NH2   . ARG A 1 97  ? -7.37513  -0.05811  13.83287  1.000 21.50131 ?  97  ARG A NH2   1 
ATOM   712  N  N     . GLU A 1 98  ? -2.62126  3.11414   13.62583  1.000 11.65936 ?  98  GLU A N     1 
ATOM   713  C  CA    . GLU A 1 98  ? -2.90924  4.06481   14.70732  1.000 12.63713 ?  98  GLU A CA    1 
ATOM   714  C  C     . GLU A 1 98  ? -2.47117  5.47935   14.34355  1.000 15.52024 ?  98  GLU A C     1 
ATOM   715  O  O     . GLU A 1 98  ? -3.13613  6.45261   14.72179  1.000 18.11210 ?  98  GLU A O     1 
ATOM   716  C  CB    . GLU A 1 98  ? -2.24491  3.62337   16.00351  1.000 15.23811 ?  98  GLU A CB    1 
ATOM   717  C  CG    . GLU A 1 98  ? -2.89938  2.41934   16.66253  1.000 18.59868 ?  98  GLU A CG    1 
ATOM   718  C  CD    . GLU A 1 98  ? -4.34497  2.67828   17.02471  1.000 24.02395 ?  98  GLU A CD    1 
ATOM   719  O  OE1   . GLU A 1 98  ? -5.22673  1.94858   16.53053  1.000 22.96235 ?  98  GLU A OE1   1 
ATOM   720  O  OE2   . GLU A 1 98  ? -4.60197  3.62084   17.80333  1.000 28.48352 -1 98  GLU A OE2   1 
ATOM   721  N  N     . GLN A 1 99  ? -1.35382  5.61801   13.61757  1.000 13.89215 ?  99  GLN A N     1 
ATOM   722  C  CA    . GLN A 1 99  ? -0.90854  6.94190   13.17377  1.000 15.29789 ?  99  GLN A CA    1 
ATOM   723  C  C     . GLN A 1 99  ? -1.87295  7.54312   12.16099  1.000 14.77852 ?  99  GLN A C     1 
ATOM   724  O  O     . GLN A 1 99  ? -2.15530  8.74770   12.19862  1.000 15.94361 ?  99  GLN A O     1 
ATOM   725  C  CB    . GLN A 1 99  ? 0.49142   6.86620   12.56114  1.000 18.64772 ?  99  GLN A CB    1 
ATOM   726  C  CG    . GLN A 1 99  ? 1.57473   6.41006   13.50430  1.000 18.90880 ?  99  GLN A CG    1 
ATOM   727  C  CD    . GLN A 1 99  ? 1.53993   7.16222   14.81220  1.000 26.82366 ?  99  GLN A CD    1 
ATOM   728  O  OE1   . GLN A 1 99  ? 1.58566   8.38988   14.83524  1.000 27.86611 ?  99  GLN A OE1   1 
ATOM   729  N  NE2   . GLN A 1 99  ? 1.43713   6.42560   15.91332  1.000 30.43770 ?  99  GLN A NE2   1 
ATOM   730  N  N     . ILE A 1 100 ? -2.37326  6.72463   11.23101  1.000 12.48584 ?  100 ILE A N     1 
ATOM   731  C  CA    . ILE A 1 100 ? -3.34310  7.21221   10.25340  1.000 12.64923 ?  100 ILE A CA    1 
ATOM   732  C  C     . ILE A 1 100 ? -4.63037  7.64433   10.94791  1.000 14.27626 ?  100 ILE A C     1 
ATOM   733  O  O     . ILE A 1 100 ? -5.22829  8.67277   10.59893  1.000 15.59548 ?  100 ILE A O     1 
ATOM   734  C  CB    . ILE A 1 100 ? -3.61829  6.13373   9.19156   1.000 14.32903 ?  100 ILE A CB    1 
ATOM   735  C  CG1   . ILE A 1 100 ? -2.34813  5.81096   8.40642   1.000 11.21784 ?  100 ILE A CG1   1 
ATOM   736  C  CG2   . ILE A 1 100 ? -4.74159  6.58229   8.23925   1.000 14.64604 ?  100 ILE A CG2   1 
ATOM   737  C  CD1   . ILE A 1 100 ? -2.46939  4.53844   7.58081   1.000 15.16414 ?  100 ILE A CD1   1 
ATOM   738  N  N     . LYS A 1 101 ? -5.08759  6.85344   11.92168  1.000 13.14958 ?  101 LYS A N     1 
ATOM   739  C  CA    . LYS A 1 101 ? -6.30266  7.19688   12.66046  1.000 14.20654 ?  101 LYS A CA    1 
ATOM   740  C  C     . LYS A 1 101 ? -6.15079  8.52892   13.37900  1.000 17.80312 ?  101 LYS A C     1 
ATOM   741  O  O     . LYS A 1 101 ? -7.09414  9.32821   13.42634  1.000 17.06836 ?  101 LYS A O     1 
ATOM   742  C  CB    . LYS A 1 101 ? -6.64762  6.09738   13.66471  1.000 15.08094 ?  101 LYS A CB    1 
ATOM   743  C  CG    . LYS A 1 101 ? -7.30433  4.86893   13.05364  1.000 19.10586 ?  101 LYS A CG    1 
ATOM   744  C  CD    . LYS A 1 101 ? -7.19600  3.67965   14.00411  1.000 21.03401 ?  101 LYS A CD    1 
ATOM   745  C  CE    . LYS A 1 101 ? -7.84461  3.97229   15.34482  1.000 26.92062 ?  101 LYS A CE    1 
ATOM   746  N  NZ    . LYS A 1 101 ? -7.85212  2.75311   16.20814  1.000 27.10629 1  101 LYS A NZ    1 
ATOM   747  N  N     . ARG A 1 102 ? -4.97147  8.78449   13.94262  1.000 15.39510 ?  102 ARG A N     1 
ATOM   748  C  CA    . ARG A 1 102 ? -4.73144  10.06326  14.60554  1.000 16.84085 ?  102 ARG A CA    1 
ATOM   749  C  C     . ARG A 1 102 ? -4.76699  11.21821  13.60824  1.000 19.04390 ?  102 ARG A C     1 
ATOM   750  O  O     . ARG A 1 102 ? -5.44516  12.23155  13.83892  1.000 18.38877 ?  102 ARG A O     1 
ATOM   751  C  CB    . ARG A 1 102 ? -3.39325  10.02670  15.34265  1.000 20.22902 ?  102 ARG A CB    1 
ATOM   752  C  CG    . ARG A 1 102 ? -3.04270  11.33363  16.04830  1.000 28.41073 ?  102 ARG A CG    1 
ATOM   753  C  CD    . ARG A 1 102 ? -1.71323  11.23734  16.77345  1.000 30.25497 ?  102 ARG A CD    1 
ATOM   754  N  NE    . ARG A 1 102 ? -0.64334  10.83263  15.86751  1.000 36.22835 ?  102 ARG A NE    1 
ATOM   755  C  CZ    . ARG A 1 102 ? -0.14296  11.61834  14.92197  1.000 31.89609 ?  102 ARG A CZ    1 
ATOM   756  N  NH1   . ARG A 1 102 ? -0.62261  12.84316  14.76789  1.000 37.85625 1  102 ARG A NH1   1 
ATOM   757  N  NH2   . ARG A 1 102 ? 0.82875   11.18205  14.12983  1.000 35.67034 ?  102 ARG A NH2   1 
ATOM   758  N  N     . VAL A 1 103 ? -4.04811  11.08615  12.48761  1.000 14.78375 ?  103 VAL A N     1 
ATOM   759  C  CA    . VAL A 1 103 ? -3.97929  12.19179  11.53346  1.000 17.35967 ?  103 VAL A CA    1 
ATOM   760  C  C     . VAL A 1 103 ? -5.33625  12.44706  10.88531  1.000 17.39621 ?  103 VAL A C     1 
ATOM   761  O  O     . VAL A 1 103 ? -5.66384  13.59524  10.56559  1.000 24.03792 ?  103 VAL A O     1 
ATOM   762  C  CB    . VAL A 1 103 ? -2.86963  11.96143  10.47888  1.000 20.31973 ?  103 VAL A CB    1 
ATOM   763  C  CG1   . VAL A 1 103 ? -1.52901  11.76081  11.13597  1.000 22.85401 ?  103 VAL A CG1   1 
ATOM   764  C  CG2   . VAL A 1 103 ? -3.20327  10.80798  9.56765   1.000 24.14260 ?  103 VAL A CG2   1 
ATOM   765  N  N     . LYS A 1 104 ? -6.17559  11.41873  10.72836  1.000 15.07862 ?  104 LYS A N     1 
ATOM   766  C  CA    . LYS A 1 104 ? -7.49450  11.58527  10.13011  1.000 16.73694 ?  104 LYS A CA    1 
ATOM   767  C  C     . LYS A 1 104 ? -8.62383  11.73427  11.14750  1.000 17.84580 ?  104 LYS A C     1 
ATOM   768  O  O     . LYS A 1 104 ? -9.76668  11.96012  10.73883  1.000 20.19546 ?  104 LYS A O     1 
ATOM   769  C  CB    . LYS A 1 104 ? -7.81223  10.40112  9.21572   1.000 19.27436 ?  104 LYS A CB    1 
ATOM   770  C  CG    . LYS A 1 104 ? -6.87511  10.26143  8.03365   1.000 17.70517 ?  104 LYS A CG    1 
ATOM   771  C  CD    . LYS A 1 104 ? -6.94486  11.50172  7.16007   1.000 19.08871 ?  104 LYS A CD    1 
ATOM   772  C  CE    . LYS A 1 104 ? -6.33773  11.23008  5.79811   1.000 21.68836 ?  104 LYS A CE    1 
ATOM   773  N  NZ    . LYS A 1 104 ? -6.44920  12.41598  4.90888   1.000 20.34454 1  104 LYS A NZ    1 
ATOM   774  N  N     . ASP A 1 105 ? -8.33479  11.60698  12.44250  1.000 15.61608 ?  105 ASP A N     1 
ATOM   775  C  CA    . ASP A 1 105 ? -9.34606  11.56304  13.50515  1.000 19.40354 ?  105 ASP A CA    1 
ATOM   776  C  C     . ASP A 1 105 ? -10.52279 10.66721  13.12160  1.000 21.71002 ?  105 ASP A C     1 
ATOM   777  O  O     . ASP A 1 105 ? -11.69567 11.03093  13.24561  1.000 22.87150 ?  105 ASP A O     1 
ATOM   778  C  CB    . ASP A 1 105 ? -9.82949  12.96977  13.87203  1.000 20.37503 ?  105 ASP A CB    1 
ATOM   779  C  CG    . ASP A 1 105 ? -10.71123 12.97332  15.10740  1.000 21.34704 ?  105 ASP A CG    1 
ATOM   780  O  OD1   . ASP A 1 105 ? -11.69368 13.74896  15.14484  1.000 28.31061 ?  105 ASP A OD1   1 
ATOM   781  O  OD2   . ASP A 1 105 ? -10.42963 12.18944  16.04144  1.000 25.92328 -1 105 ASP A OD2   1 
ATOM   782  N  N     . SER A 1 106 ? -10.19776 9.46889   12.64416  1.000 17.89782 ?  106 SER A N     1 
ATOM   783  C  CA    . SER A 1 106 ? -11.22461 8.56397   12.16026  1.000 17.80053 ?  106 SER A CA    1 
ATOM   784  C  C     . SER A 1 106 ? -10.62364 7.17293   12.05762  1.000 19.95866 ?  106 SER A C     1 
ATOM   785  O  O     . SER A 1 106 ? -9.44332  7.03219   11.73762  1.000 19.36710 ?  106 SER A O     1 
ATOM   786  C  CB    . SER A 1 106 ? -11.75722 9.01730   10.79445  1.000 23.00030 ?  106 SER A CB    1 
ATOM   787  O  OG    . SER A 1 106 ? -12.78661 8.16287   10.32701  1.000 26.55658 ?  106 SER A OG    1 
ATOM   788  N  N     . ASP A 1 107 ? -11.42791 6.15279   12.34512  1.000 24.33727 ?  107 ASP A N     1 
ATOM   789  C  CA    . ASP A 1 107 ? -11.05257 4.78944   11.99983  1.000 25.61977 ?  107 ASP A CA    1 
ATOM   790  C  C     . ASP A 1 107 ? -11.78156 4.31363   10.75480  1.000 28.57523 ?  107 ASP A C     1 
ATOM   791  O  O     . ASP A 1 107 ? -11.81812 3.10870   10.48404  1.000 32.16067 ?  107 ASP A O     1 
ATOM   792  C  CB    . ASP A 1 107 ? -11.30418 3.83682   13.17011  1.000 36.24146 ?  107 ASP A CB    1 
ATOM   793  C  CG    . ASP A 1 107 ? -12.72364 3.89750   13.67195  1.000 42.10426 ?  107 ASP A CG    1 
ATOM   794  O  OD1   . ASP A 1 107 ? -12.91720 3.99555   14.90315  1.000 53.13087 ?  107 ASP A OD1   1 
ATOM   795  O  OD2   . ASP A 1 107 ? -13.64551 3.85621   12.83475  1.000 42.25158 -1 107 ASP A OD2   1 
ATOM   796  N  N     . ASP A 1 108 ? -12.36292 5.24419   10.00456  1.000 20.50124 ?  108 ASP A N     1 
ATOM   797  C  CA    . ASP A 1 108 ? -13.06428 4.98010   8.75508   1.000 21.49671 ?  108 ASP A CA    1 
ATOM   798  C  C     . ASP A 1 108 ? -12.29723 5.68423   7.63894   1.000 20.59416 ?  108 ASP A C     1 
ATOM   799  O  O     . ASP A 1 108 ? -12.73997 6.69708   7.09244   1.000 25.04640 ?  108 ASP A O     1 
ATOM   800  C  CB    . ASP A 1 108 ? -14.51902 5.46793   8.84695   1.000 25.90040 ?  108 ASP A CB    1 
ATOM   801  C  CG    . ASP A 1 108 ? -15.33199 5.08993   7.63953   1.000 36.45418 ?  108 ASP A CG    1 
ATOM   802  O  OD1   . ASP A 1 108 ? -14.98447 4.07497   6.99228   1.000 35.39173 ?  108 ASP A OD1   1 
ATOM   803  O  OD2   . ASP A 1 108 ? -16.31041 5.80752   7.34171   1.000 38.30492 -1 108 ASP A OD2   1 
ATOM   804  N  N     . VAL A 1 109 ? -11.10768 5.17441   7.34881   1.000 15.87835 ?  109 VAL A N     1 
ATOM   805  C  CA    . VAL A 1 109 ? -10.23450 5.75914   6.33640   1.000 12.98082 ?  109 VAL A CA    1 
ATOM   806  C  C     . VAL A 1 109 ? -10.01159 4.68923   5.27452   1.000 12.11363 ?  109 VAL A C     1 
ATOM   807  O  O     . VAL A 1 109 ? -9.75816  3.53708   5.63973   1.000 12.35534 ?  109 VAL A O     1 
ATOM   808  C  CB    . VAL A 1 109 ? -8.90501  6.21721   6.95734   1.000 14.36322 ?  109 VAL A CB    1 
ATOM   809  C  CG1   . VAL A 1 109 ? -7.97167  6.74188   5.89467   1.000 13.88008 ?  109 VAL A CG1   1 
ATOM   810  C  CG2   . VAL A 1 109 ? -9.14697  7.28051   8.03647   1.000 18.83173 ?  109 VAL A CG2   1 
ATOM   811  N  N     . PRO A 1 110 ? -10.09040 5.00183   3.97736   1.000 12.83561 ?  110 PRO A N     1 
ATOM   812  C  CA    . PRO A 1 110 ? -9.79936  3.97943   2.95045   1.000 11.02327 ?  110 PRO A CA    1 
ATOM   813  C  C     . PRO A 1 110 ? -8.38634  3.44239   3.09785   1.000 11.84182 ?  110 PRO A C     1 
ATOM   814  O  O     . PRO A 1 110 ? -7.41047  4.19087   3.05653   1.000 10.77704 ?  110 PRO A O     1 
ATOM   815  C  CB    . PRO A 1 110 ? -9.97909  4.73421   1.63253   1.000 13.07911 ?  110 PRO A CB    1 
ATOM   816  C  CG    . PRO A 1 110 ? -10.88326 5.87622   1.97745   1.000 14.82626 ?  110 PRO A CG    1 
ATOM   817  C  CD    . PRO A 1 110 ? -10.49805 6.27918   3.37486   1.000 14.44216 ?  110 PRO A CD    1 
ATOM   818  N  N     . MET A 1 111 ? -8.29166  2.12498   3.27483   1.000 12.09894 ?  111 MET A N     1 
ATOM   819  C  CA    . MET A 1 111 ? -7.02419  1.44641   3.48438   1.000 10.52274 ?  111 MET A CA    1 
ATOM   820  C  C     . MET A 1 111 ? -7.10551  0.06491   2.86643   1.000 9.99711  ?  111 MET A C     1 
ATOM   821  O  O     . MET A 1 111 ? -8.18133  -0.52632  2.77307   1.000 10.36260 ?  111 MET A O     1 
ATOM   822  C  CB    . MET A 1 111 ? -6.67553  1.30002   4.97484   1.000 11.69745 ?  111 MET A CB    1 
ATOM   823  C  CG    . MET A 1 111 ? -6.46519  2.62311   5.69168   1.000 15.81259 ?  111 MET A CG    1 
ATOM   824  S  SD    . MET A 1 111 ? -5.95048  2.31826   7.37958   1.000 15.88826 ?  111 MET A SD    1 
ATOM   825  C  CE    . MET A 1 111 ? -7.44115  1.67777   8.09861   1.000 24.73161 ?  111 MET A CE    1 
ATOM   826  N  N     . VAL A 1 112 ? -5.95900  -0.43497  2.42790   1.000 8.50228  ?  112 VAL A N     1 
ATOM   827  C  CA    . VAL A 1 112 ? -5.81560  -1.81639  1.98310   1.000 9.96627  ?  112 VAL A CA    1 
ATOM   828  C  C     . VAL A 1 112 ? -4.58764  -2.37223  2.67894   1.000 8.35758  ?  112 VAL A C     1 
ATOM   829  O  O     . VAL A 1 112 ? -3.53768  -1.72214  2.68488   1.000 8.59638  ?  112 VAL A O     1 
ATOM   830  C  CB    . VAL A 1 112 ? -5.66030  -1.92188  0.45139   1.000 10.05078 ?  112 VAL A CB    1 
ATOM   831  C  CG1   . VAL A 1 112 ? -5.31797  -3.35953  0.02859   1.000 9.54082  ?  112 VAL A CG1   1 
ATOM   832  C  CG2   . VAL A 1 112 ? -6.93417  -1.44132  -0.24063  1.000 11.31457 ?  112 VAL A CG2   1 
ATOM   833  N  N     . LEU A 1 113 ? -4.72037  -3.56023  3.26671   1.000 7.26124  ?  113 LEU A N     1 
ATOM   834  C  CA    . LEU A 1 113 ? -3.57661  -4.26199  3.83507   1.000 6.97269  ?  113 LEU A CA    1 
ATOM   835  C  C     . LEU A 1 113 ? -2.87947  -5.05983  2.74236   1.000 7.66136  ?  113 LEU A C     1 
ATOM   836  O  O     . LEU A 1 113 ? -3.52043  -5.85556  2.05539   1.000 8.02560  ?  113 LEU A O     1 
ATOM   837  C  CB    . LEU A 1 113 ? -4.04510  -5.18896  4.95232   1.000 7.88162  ?  113 LEU A CB    1 
ATOM   838  C  CG    . LEU A 1 113 ? -2.94001  -5.98817  5.63623   1.000 6.17065  ?  113 LEU A CG    1 
ATOM   839  C  CD1   . LEU A 1 113 ? -2.05049  -5.03875  6.44706   1.000 8.49512  ?  113 LEU A CD1   1 
ATOM   840  C  CD2   . LEU A 1 113 ? -3.60034  -7.04011  6.54162   1.000 8.45490  ?  113 LEU A CD2   1 
ATOM   841  N  N     . VAL A 1 114 ? -1.57245  -4.84091  2.57611   1.000 7.18009  ?  114 VAL A N     1 
ATOM   842  C  CA    . VAL A 1 114 ? -0.80274  -5.42779  1.47500   1.000 5.48162  ?  114 VAL A CA    1 
ATOM   843  C  C     . VAL A 1 114 ? 0.28647   -6.30873  2.05812   1.000 9.36163  ?  114 VAL A C     1 
ATOM   844  O  O     . VAL A 1 114 ? 1.14092   -5.81775  2.79869   1.000 7.98962  ?  114 VAL A O     1 
ATOM   845  C  CB    . VAL A 1 114 ? -0.18665  -4.34136  0.58114   1.000 6.71951  ?  114 VAL A CB    1 
ATOM   846  C  CG1   . VAL A 1 114 ? 0.74392   -4.98041  -0.46751  1.000 9.23542  ?  114 VAL A CG1   1 
ATOM   847  C  CG2   . VAL A 1 114 ? -1.28879  -3.52730  -0.08933  1.000 9.59952  ?  114 VAL A CG2   1 
ATOM   848  N  N     . GLY A 1 115 ? 0.24966   -7.60431  1.72884   1.000 7.73904  ?  115 GLY A N     1 
ATOM   849  C  CA    . GLY A 1 115 ? 1.31860   -8.52082  2.11254   1.000 7.18090  ?  115 GLY A CA    1 
ATOM   850  C  C     . GLY A 1 115 ? 2.23177   -8.74798  0.92552   1.000 8.03385  ?  115 GLY A C     1 
ATOM   851  O  O     . GLY A 1 115 ? 1.86080   -9.45826  -0.01626  1.000 10.09868 ?  115 GLY A O     1 
ATOM   852  N  N     . ASN A 1 116 ? 3.41668   -8.14971  0.94746   1.000 8.38560  ?  116 ASN A N     1 
ATOM   853  C  CA    . ASN A 1 116 ? 4.32476   -8.15518  -0.19455  1.000 8.14371  ?  116 ASN A CA    1 
ATOM   854  C  C     . ASN A 1 116 ? 5.36590   -9.28123  -0.08174  1.000 9.92734  ?  116 ASN A C     1 
ATOM   855  O  O     . ASN A 1 116 ? 5.48464   -9.96180  0.94368   1.000 8.38730  ?  116 ASN A O     1 
ATOM   856  C  CB    . ASN A 1 116 ? 4.99773   -6.78509  -0.30357  1.000 7.95290  ?  116 ASN A CB    1 
ATOM   857  C  CG    . ASN A 1 116 ? 5.74697   -6.60071  -1.60777  1.000 10.56582 ?  116 ASN A CG    1 
ATOM   858  O  OD1   . ASN A 1 116 ? 5.26785   -6.99976  -2.67276  1.000 10.22085 ?  116 ASN A OD1   1 
ATOM   859  N  ND2   . ASN A 1 116 ? 6.92535   -6.00917  -1.52645  1.000 9.09477  ?  116 ASN A ND2   1 
ATOM   860  N  N     . LYS A 1 117 ? 6.11065   -9.47660  -1.18472  1.000 10.20418 ?  117 LYS A N     1 
ATOM   861  C  CA    . LYS A 1 117 ? 7.14526   -10.50907 -1.34475  1.000 11.00422 ?  117 LYS A CA    1 
ATOM   862  C  C     . LYS A 1 117 ? 6.53383   -11.91417 -1.38952  1.000 11.69781 ?  117 LYS A C     1 
ATOM   863  O  O     . LYS A 1 117 ? 7.10110   -12.87987 -0.87925  1.000 11.88455 ?  117 LYS A O     1 
ATOM   864  C  CB    . LYS A 1 117 ? 8.23302   -10.40448 -0.26345  1.000 10.86782 ?  117 LYS A CB    1 
ATOM   865  C  CG    . LYS A 1 117 ? 8.73161   -8.98260  -0.02510  1.000 10.23664 ?  117 LYS A CG    1 
ATOM   866  C  CD    . LYS A 1 117 ? 10.12233  -8.97327  0.62767   1.000 10.96270 ?  117 LYS A CD    1 
ATOM   867  C  CE    . LYS A 1 117 ? 10.53904  -7.54249  0.96230   1.000 11.00548 ?  117 LYS A CE    1 
ATOM   868  N  NZ    . LYS A 1 117 ? 11.93069  -7.53676  1.53673   1.000 12.52604 1  117 LYS A NZ    1 
ATOM   869  N  N     . CYS A 1 118 ? 5.38571   -12.04801 -2.05398  1.000 9.75985  ?  118 CYS A N     1 
ATOM   870  C  CA    . CYS A 1 118 ? 4.73866   -13.35243 -2.08583  1.000 12.29456 ?  118 CYS A CA    1 
ATOM   871  C  C     . CYS A 1 118 ? 5.48073   -14.35537 -2.95665  1.000 14.14613 ?  118 CYS A C     1 
ATOM   872  O  O     . CYS A 1 118 ? 5.14939   -15.54608 -2.92187  1.000 15.70626 ?  118 CYS A O     1 
ATOM   873  C  CB    . CYS A 1 118 ? 3.30905   -13.20391 -2.57269  1.000 18.76464 ?  118 CYS A CB    1 
ATOM   874  S  SG    . CYS A 1 118 ? 3.32242   -12.76739 -4.25390  1.000 27.22104 ?  118 CYS A SG    1 
ATOM   875  N  N     . ASP A 1 119 ? 6.48173   -13.90946 -3.71403  1.000 11.14280 ?  119 ASP A N     1 
ATOM   876  C  CA    . ASP A 1 119 ? 7.30526   -14.81049 -4.51233  1.000 14.06937 ?  119 ASP A CA    1 
ATOM   877  C  C     . ASP A 1 119 ? 8.31702   -15.57731 -3.68153  1.000 14.86597 ?  119 ASP A C     1 
ATOM   878  O  O     . ASP A 1 119 ? 8.91037   -16.53644 -4.19533  1.000 15.31929 ?  119 ASP A O     1 
ATOM   879  C  CB    . ASP A 1 119 ? 8.04908   -14.01617 -5.58488  1.000 14.26977 ?  119 ASP A CB    1 
ATOM   880  C  CG    . ASP A 1 119 ? 8.95883   -12.95870 -4.98874  1.000 14.48639 ?  119 ASP A CG    1 
ATOM   881  O  OD1   . ASP A 1 119 ? 8.42537   -11.91424 -4.53017  1.000 13.06500 ?  119 ASP A OD1   1 
ATOM   882  O  OD2   . ASP A 1 119 ? 10.19967  -13.16944 -4.97648  1.000 15.96752 -1 119 ASP A OD2   1 
ATOM   883  N  N     . LEU A 1 120 ? 8.54077   -15.16804 -2.43612  1.000 13.91984 ?  120 LEU A N     1 
ATOM   884  C  CA    . LEU A 1 120 ? 9.54082   -15.78199 -1.57066  1.000 15.18088 ?  120 LEU A CA    1 
ATOM   885  C  C     . LEU A 1 120 ? 8.96469   -16.98144 -0.83245  1.000 18.05154 ?  120 LEU A C     1 
ATOM   886  O  O     . LEU A 1 120 ? 7.81073   -16.97635 -0.40010  1.000 17.08796 ?  120 LEU A O     1 
ATOM   887  C  CB    . LEU A 1 120 ? 10.08657  -14.76505 -0.56622  1.000 14.61304 ?  120 LEU A CB    1 
ATOM   888  C  CG    . LEU A 1 120 ? 10.90693  -13.62377 -1.17081  1.000 14.73771 ?  120 LEU A CG    1 
ATOM   889  C  CD1   . LEU A 1 120 ? 11.50218  -12.70788 -0.09281  1.000 16.91897 ?  120 LEU A CD1   1 
ATOM   890  C  CD2   . LEU A 1 120 ? 11.99482  -14.18923 -2.07012  1.000 16.39369 ?  120 LEU A CD2   1 
ATOM   891  N  N     . ALA A 1 121 ? 9.78929   -18.00670 -0.67720  1.000 16.16210 ?  121 ALA A N     1 
ATOM   892  C  CA    . ALA A 1 121 ? 9.36001   -19.22673 -0.02766  1.000 16.09707 ?  121 ALA A CA    1 
ATOM   893  C  C     . ALA A 1 121 ? 9.36670   -19.07189 1.48957   1.000 14.32115 ?  121 ALA A C     1 
ATOM   894  O  O     . ALA A 1 121 ? 9.98885   -18.16640 2.05136   1.000 28.16115 ?  121 ALA A O     1 
ATOM   895  C  CB    . ALA A 1 121 ? 10.27433  -20.38986 -0.43283  1.000 19.12870 ?  121 ALA A CB    1 
ATOM   896  N  N     . ALA A 1 122 ? 8.64388   -19.98254 2.14260   1.000 15.40763 ?  122 ALA A N     1 
ATOM   897  C  CA    . ALA A 1 122 ? 8.69131   -20.17303 3.59120   1.000 17.67507 ?  122 ALA A CA    1 
ATOM   898  C  C     . ALA A 1 122 ? 8.23722   -18.92453 4.34295   1.000 18.91876 ?  122 ALA A C     1 
ATOM   899  O  O     . ALA A 1 122 ? 8.86639   -18.48740 5.31083   1.000 18.34531 ?  122 ALA A O     1 
ATOM   900  C  CB    . ALA A 1 122 ? 10.08686  -20.61746 4.03868   1.000 18.39112 ?  122 ALA A CB    1 
ATOM   901  N  N     . ARG A 1 123 ? 7.10851   -18.37356 3.89883   1.000 17.03710 ?  123 ARG A N     1 
ATOM   902  C  CA    . ARG A 1 123 ? 6.48635   -17.23121 4.55943   1.000 11.35715 ?  123 ARG A CA    1 
ATOM   903  C  C     . ARG A 1 123 ? 6.41106   -17.42632 6.07063   1.000 15.07575 ?  123 ARG A C     1 
ATOM   904  O  O     . ARG A 1 123 ? 6.20582   -18.53679 6.56526   1.000 15.72887 ?  123 ARG A O     1 
ATOM   905  C  CB    . ARG A 1 123 ? 5.07631   -17.01754 3.98001   1.000 17.03372 ?  123 ARG A CB    1 
ATOM   906  C  CG    . ARG A 1 123 ? 4.13498   -18.19639 4.18741   1.000 21.80516 ?  123 ARG A CG    1 
ATOM   907  C  CD    . ARG A 1 123 ? 2.80995   -18.04500 3.45064   1.000 18.20857 ?  123 ARG A CD    1 
ATOM   908  N  NE    . ARG A 1 123 ? 2.16026   -16.78962 3.72325   1.000 25.48693 ?  123 ARG A NE    1 
ATOM   909  C  CZ    . ARG A 1 123 ? 1.51180   -16.07397 2.82171   1.000 18.38732 ?  123 ARG A CZ    1 
ATOM   910  N  NH1   . ARG A 1 123 ? 0.93065   -14.94526 3.17467   1.000 16.18171 1  123 ARG A NH1   1 
ATOM   911  N  NH2   . ARG A 1 123 ? 1.43513   -16.48878 1.56772   1.000 29.05526 ?  123 ARG A NH2   1 
ATOM   912  N  N     . THR A 1 124 ? 6.57467   -16.32919 6.81068   1.000 11.40403 ?  124 THR A N     1 
ATOM   913  C  CA    . THR A 1 124 ? 6.42897   -16.36844 8.26001   1.000 10.23636 ?  124 THR A CA    1 
ATOM   914  C  C     . THR A 1 124 ? 5.14520   -15.71606 8.73585   1.000 11.13838 ?  124 THR A C     1 
ATOM   915  O  O     . THR A 1 124 ? 4.80666   -15.85462 9.91442   1.000 11.98685 ?  124 THR A O     1 
ATOM   916  C  CB    . THR A 1 124 ? 7.62861   -15.70473 8.95690   1.000 13.87538 ?  124 THR A CB    1 
ATOM   917  O  OG1   . THR A 1 124 ? 7.84230   -14.39544 8.41884   1.000 13.91818 ?  124 THR A OG1   1 
ATOM   918  C  CG2   . THR A 1 124 ? 8.88965   -16.53451 8.75438   1.000 13.93698 ?  124 THR A CG2   1 
ATOM   919  N  N     . VAL A 1 125 ? 4.42181   -15.03129 7.85268   1.000 9.43076  ?  125 VAL A N     1 
ATOM   920  C  CA    . VAL A 1 125 ? 3.07997   -14.52953 8.12768   1.000 8.79469  ?  125 VAL A CA    1 
ATOM   921  C  C     . VAL A 1 125 ? 2.12129   -15.27334 7.20806   1.000 10.81769 ?  125 VAL A C     1 
ATOM   922  O  O     . VAL A 1 125 ? 2.23969   -15.18828 5.97749   1.000 11.28805 ?  125 VAL A O     1 
ATOM   923  C  CB    . VAL A 1 125 ? 2.98409   -13.01638 7.88472   1.000 10.29281 ?  125 VAL A CB    1 
ATOM   924  C  CG1   . VAL A 1 125 ? 1.60330   -12.51789 8.27638   1.000 9.59052  ?  125 VAL A CG1   1 
ATOM   925  C  CG2   . VAL A 1 125 ? 4.06993   -12.27464 8.65153   1.000 12.66751 ?  125 VAL A CG2   1 
ATOM   926  N  N     . GLU A 1 126 ? 1.18853   -16.01531 7.79999   1.000 10.65955 ?  126 GLU A N     1 
ATOM   927  C  CA    . GLU A 1 126 ? 0.23801   -16.78316 7.00977   1.000 13.06950 ?  126 GLU A CA    1 
ATOM   928  C  C     . GLU A 1 126 ? -0.81085  -15.85975 6.41681   1.000 13.22896 ?  126 GLU A C     1 
ATOM   929  O  O     . GLU A 1 126 ? -1.16340  -14.83947 7.01034   1.000 12.06669 ?  126 GLU A O     1 
ATOM   930  C  CB    . GLU A 1 126 ? -0.46309  -17.83639 7.86311   1.000 13.82047 ?  126 GLU A CB    1 
ATOM   931  C  CG    . GLU A 1 126 ? 0.43226   -18.96345 8.37792   1.000 18.46020 ?  126 GLU A CG    1 
ATOM   932  C  CD    . GLU A 1 126 ? 1.30450   -19.61305 7.30031   1.000 24.74750 ?  126 GLU A CD    1 
ATOM   933  O  OE1   . GLU A 1 126 ? 2.49965   -19.87110 7.57328   1.000 36.70973 ?  126 GLU A OE1   1 
ATOM   934  O  OE2   . GLU A 1 126 ? 0.80758   -19.88314 6.18768   1.000 28.49985 -1 126 GLU A OE2   1 
ATOM   935  N  N     . SER A 1 127 ? -1.31341  -16.22960 5.23417   1.000 13.73609 ?  127 SER A N     1 
ATOM   936  C  CA    . SER A 1 127 ? -2.39418  -15.45142 4.63390   1.000 12.66075 ?  127 SER A CA    1 
ATOM   937  C  C     . SER A 1 127 ? -3.54538  -15.29075 5.61861   1.000 13.92706 ?  127 SER A C     1 
ATOM   938  O  O     . SER A 1 127 ? -4.08226  -14.19157 5.78280   1.000 13.65206 ?  127 SER A O     1 
ATOM   939  C  CB    . SER A 1 127 ? -2.88084  -16.11544 3.34903   1.000 15.14624 ?  127 SER A CB    1 
ATOM   940  O  OG    . SER A 1 127 ? -3.90995  -15.33948 2.74224   1.000 15.51850 ?  127 SER A OG    1 
ATOM   941  N  N     . ARG A 1 128 ? -3.90189  -16.38129 6.30951   1.000 14.46016 ?  128 ARG A N     1 
ATOM   942  C  CA    . ARG A 1 128 ? -4.94878  -16.36552 7.33294   1.000 18.29334 ?  128 ARG A CA    1 
ATOM   943  C  C     . ARG A 1 128 ? -4.72114  -15.28329 8.38382   1.000 15.86517 ?  128 ARG A C     1 
ATOM   944  O  O     . ARG A 1 128 ? -5.66246  -14.57148 8.77123   1.000 15.71634 ?  128 ARG A O     1 
ATOM   945  C  CB    . ARG A 1 128 ? -5.01334  -17.75212 7.98800   1.000 23.60685 ?  128 ARG A CB    1 
ATOM   946  C  CG    . ARG A 1 128 ? -5.67380  -17.82313 9.35356   1.000 29.93366 ?  128 ARG A CG    1 
ATOM   947  C  CD    . ARG A 1 128 ? -7.07476  -17.22728 9.36036   1.000 34.27442 ?  128 ARG A CD    1 
ATOM   948  N  NE    . ARG A 1 128 ? -7.99152  -17.85381 10.29548  1.000 40.14123 ?  128 ARG A NE    1 
ATOM   949  C  CZ    . ARG A 1 128 ? -7.84320  -17.87445 11.61544  1.000 37.03218 ?  128 ARG A CZ    1 
ATOM   950  N  NH1   . ARG A 1 128 ? -8.74876  -18.47893 12.37892  1.000 40.46524 1  128 ARG A NH1   1 
ATOM   951  N  NH2   . ARG A 1 128 ? -6.80081  -17.30547 12.18234  1.000 37.90214 ?  128 ARG A NH2   1 
ATOM   952  N  N     . GLN A 1 129 ? -3.48711  -15.16403 8.87973   1.000 14.76109 ?  129 GLN A N     1 
ATOM   953  C  CA    . GLN A 1 129 ? -3.18177  -14.14698 9.87597   1.000 14.05023 ?  129 GLN A CA    1 
ATOM   954  C  C     . GLN A 1 129 ? -3.51091  -12.76292 9.34574   1.000 11.22349 ?  129 GLN A C     1 
ATOM   955  O  O     . GLN A 1 129 ? -4.12706  -11.94332 10.03896  1.000 12.10271 ?  129 GLN A O     1 
ATOM   956  C  CB    . GLN A 1 129 ? -1.70705  -14.20874 10.26840  1.000 15.90488 ?  129 GLN A CB    1 
ATOM   957  C  CG    . GLN A 1 129 ? -1.34232  -15.37833 11.17196  1.000 15.77525 ?  129 GLN A CG    1 
ATOM   958  C  CD    . GLN A 1 129 ? 0.14214   -15.47273 11.44193  1.000 17.49474 ?  129 GLN A CD    1 
ATOM   959  O  OE1   . GLN A 1 129 ? 0.91460   -15.85948 10.56851  1.000 15.99633 ?  129 GLN A OE1   1 
ATOM   960  N  NE2   . GLN A 1 129 ? 0.54952   -15.14674 12.66964  1.000 17.81743 ?  129 GLN A NE2   1 
ATOM   961  N  N     . ALA A 1 130 ? -3.07443  -12.48457 8.12156   1.000 11.60141 ?  130 ALA A N     1 
ATOM   962  C  CA    . ALA A 1 130 ? -3.27326  -11.16610 7.54483   1.000 10.54619 ?  130 ALA A CA    1 
ATOM   963  C  C     . ALA A 1 130 ? -4.74456  -10.92243 7.24748   1.000 10.93960 ?  130 ALA A C     1 
ATOM   964  O  O     . ALA A 1 130 ? -5.25352  -9.81096  7.45181   1.000 12.12641 ?  130 ALA A O     1 
ATOM   965  C  CB    . ALA A 1 130 ? -2.43433  -11.02953 6.28027   1.000 10.97589 ?  130 ALA A CB    1 
ATOM   966  N  N     . GLN A 1 131 ? -5.43936  -11.94728 6.74623   1.000 12.66401 ?  131 GLN A N     1 
ATOM   967  C  CA    . GLN A 1 131 ? -6.87860  -11.81676 6.54215   1.000 16.03068 ?  131 GLN A CA    1 
ATOM   968  C  C     . GLN A 1 131 ? -7.57533  -11.46100 7.84411   1.000 13.03801 ?  131 GLN A C     1 
ATOM   969  O  O     . GLN A 1 131 ? -8.49636  -10.63227 7.85120   1.000 17.31408 ?  131 GLN A O     1 
ATOM   970  C  CB    . GLN A 1 131 ? -7.46530  -13.10862 5.96887   1.000 15.46728 ?  131 GLN A CB    1 
ATOM   971  C  CG    . GLN A 1 131 ? -6.97777  -13.50212 4.59698   1.000 17.68371 ?  131 GLN A CG    1 
ATOM   972  C  CD    . GLN A 1 131 ? -7.48001  -14.87632 4.21611   1.000 19.75098 ?  131 GLN A CD    1 
ATOM   973  O  OE1   . GLN A 1 131 ? -8.58310  -15.26785 4.60297   1.000 17.72071 ?  131 GLN A OE1   1 
ATOM   974  N  NE2   . GLN A 1 131 ? -6.67277  -15.62158 3.46848   1.000 17.38422 ?  131 GLN A NE2   1 
ATOM   975  N  N     . ASP A 1 132 ? -7.15653  -12.07914 8.96059   1.000 14.85930 ?  132 ASP A N     1 
ATOM   976  C  CA    . ASP A 1 132 ? -7.78730  -11.79707 10.24632  1.000 16.03420 ?  132 ASP A CA    1 
ATOM   977  C  C     . ASP A 1 132 ? -7.50874  -10.37060 10.69807  1.000 14.76916 ?  132 ASP A C     1 
ATOM   978  O  O     . ASP A 1 132 ? -8.38302  -9.71660  11.27926  1.000 15.70994 ?  132 ASP A O     1 
ATOM   979  C  CB    . ASP A 1 132 ? -7.30971  -12.77884 11.32032  1.000 18.86846 ?  132 ASP A CB    1 
ATOM   980  C  CG    . ASP A 1 132 ? -7.84313  -14.18232 11.11361  1.000 24.96370 ?  132 ASP A CG    1 
ATOM   981  O  OD1   . ASP A 1 132 ? -8.73244  -14.36775 10.24808  1.000 26.72931 ?  132 ASP A OD1   1 
ATOM   982  O  OD2   . ASP A 1 132 ? -7.37677  -15.08926 11.84025  1.000 28.71845 -1 132 ASP A OD2   1 
ATOM   983  N  N     . LEU A 1 133 ? -6.29445  -9.87628  10.45035  1.000 12.94613 ?  133 LEU A N     1 
ATOM   984  C  CA    . LEU A 1 133 ? -5.97415  -8.49166  10.78195  1.000 11.23807 ?  133 LEU A CA    1 
ATOM   985  C  C     . LEU A 1 133 ? -6.82166  -7.53210  9.95880   1.000 11.71178 ?  133 LEU A C     1 
ATOM   986  O  O     . LEU A 1 133 ? -7.42242  -6.59115  10.49642  1.000 12.90819 ?  133 LEU A O     1 
ATOM   987  C  CB    . LEU A 1 133 ? -4.48538  -8.21818  10.54482  1.000 12.21434 ?  133 LEU A CB    1 
ATOM   988  C  CG    . LEU A 1 133 ? -4.05908  -6.81903  11.00823  1.000 11.99358 ?  133 LEU A CG    1 
ATOM   989  C  CD1   . LEU A 1 133 ? -4.31923  -6.63654  12.50168  1.000 15.30337 ?  133 LEU A CD1   1 
ATOM   990  C  CD2   . LEU A 1 133 ? -2.59651  -6.56931  10.68629  1.000 11.81796 ?  133 LEU A CD2   1 
ATOM   991  N  N     . ALA A 1 134 ? -6.88589  -7.76381  8.64573   1.000 10.44293 ?  134 ALA A N     1 
ATOM   992  C  CA    . ALA A 1 134 ? -7.67382  -6.88834  7.78236   1.000 7.76318  ?  134 ALA A CA    1 
ATOM   993  C  C     . ALA A 1 134 ? -9.14830  -6.92456  8.16642   1.000 13.14091 ?  134 ALA A C     1 
ATOM   994  O  O     . ALA A 1 134 ? -9.82532  -5.88779  8.16696   1.000 13.85814 ?  134 ALA A O     1 
ATOM   995  C  CB    . ALA A 1 134 ? -7.47304  -7.28932  6.32032   1.000 9.76280  ?  134 ALA A CB    1 
ATOM   996  N  N     . ARG A 1 135 ? -9.66235  -8.10959  8.50149   1.000 12.15888 ?  135 ARG A N     1 
ATOM   997  C  CA    . ARG A 1 135 ? -11.05735 -8.20080  8.92445   1.000 13.82017 ?  135 ARG A CA    1 
ATOM   998  C  C     . ARG A 1 135 ? -11.30537 -7.34446  10.15767  1.000 14.22327 ?  135 ARG A C     1 
ATOM   999  O  O     . ARG A 1 135 ? -12.33738 -6.65993  10.25915  1.000 13.95424 ?  135 ARG A O     1 
ATOM   1000 C  CB    . ARG A 1 135 ? -11.42406 -9.66080  9.18280   1.000 16.79443 ?  135 ARG A CB    1 
ATOM   1001 C  CG    . ARG A 1 135 ? -12.85870 -9.85881  9.69704   1.000 17.25571 ?  135 ARG A CG    1 
ATOM   1002 C  CD    . ARG A 1 135 ? -13.31019 -11.29846 9.52327   1.000 25.28516 ?  135 ARG A CD    1 
ATOM   1003 N  NE    . ARG A 1 135 ? -12.51224 -12.21847 10.32216  1.000 31.35951 ?  135 ARG A NE    1 
ATOM   1004 C  CZ    . ARG A 1 135 ? -11.58401 -13.03787 9.83793   1.000 30.07839 ?  135 ARG A CZ    1 
ATOM   1005 N  NH1   . ARG A 1 135 ? -11.32787 -13.08032 8.53368   1.000 33.30308 1  135 ARG A NH1   1 
ATOM   1006 N  NH2   . ARG A 1 135 ? -10.91603 -13.82897 10.66379  1.000 33.80186 ?  135 ARG A NH2   1 
ATOM   1007 N  N     . SER A 1 136 ? -10.35589 -7.34672  11.09407  1.000 14.81283 ?  136 SER A N     1 
ATOM   1008 C  CA    . SER A 1 136 ? -10.51396 -6.55736  12.30955  1.000 14.89133 ?  136 SER A CA    1 
ATOM   1009 C  C     . SER A 1 136 ? -10.53091 -5.06175  12.01891  1.000 14.77196 ?  136 SER A C     1 
ATOM   1010 O  O     . SER A 1 136 ? -11.15714 -4.29144  12.76205  1.000 16.98219 ?  136 SER A O     1 
ATOM   1011 C  CB    . SER A 1 136 ? -9.40392  -6.90699  13.30388  1.000 15.86664 ?  136 SER A CB    1 
ATOM   1012 O  OG    . SER A 1 136 ? -8.22662  -6.17269  13.04839  1.000 16.32397 ?  136 SER A OG    1 
ATOM   1013 N  N     . TYR A 1 137 ? -9.87978  -4.63592  10.94281  1.000 14.18591 ?  137 TYR A N     1 
ATOM   1014 C  CA    . TYR A 1 137 ? -9.88355  -3.24438  10.51468  1.000 13.99874 ?  137 TYR A CA    1 
ATOM   1015 C  C     . TYR A 1 137 ? -11.02869 -2.92528  9.56670   1.000 13.94379 ?  137 TYR A C     1 
ATOM   1016 O  O     . TYR A 1 137 ? -11.28437 -1.74334  9.29537   1.000 14.86374 ?  137 TYR A O     1 
ATOM   1017 C  CB    . TYR A 1 137 ? -8.56786  -2.89666  9.80972   1.000 12.39577 ?  137 TYR A CB    1 
ATOM   1018 C  CG    . TYR A 1 137 ? -7.31281  -3.01906  10.65020  1.000 13.34189 ?  137 TYR A CG    1 
ATOM   1019 C  CD1   . TYR A 1 137 ? -7.36500  -3.05314  12.03978  1.000 16.41589 ?  137 TYR A CD1   1 
ATOM   1020 C  CD2   . TYR A 1 137 ? -6.06899  -3.09499  10.03921  1.000 12.16064 ?  137 TYR A CD2   1 
ATOM   1021 C  CE1   . TYR A 1 137 ? -6.19127  -3.15504  12.79568  1.000 14.06065 ?  137 TYR A CE1   1 
ATOM   1022 C  CE2   . TYR A 1 137 ? -4.91044  -3.19864  10.76987  1.000 15.09040 ?  137 TYR A CE2   1 
ATOM   1023 C  CZ    . TYR A 1 137 ? -4.96847  -3.23255  12.13961  1.000 14.45876 ?  137 TYR A CZ    1 
ATOM   1024 O  OH    . TYR A 1 137 ? -3.80271  -3.32478  12.85298  1.000 14.58619 ?  137 TYR A OH    1 
ATOM   1025 N  N     . GLY A 1 138 ? -11.70713 -3.94477  9.05255   1.000 12.76877 ?  138 GLY A N     1 
ATOM   1026 C  CA    . GLY A 1 138 ? -12.73901 -3.76015  8.05657   1.000 13.68707 ?  138 GLY A CA    1 
ATOM   1027 C  C     . GLY A 1 138 ? -12.20817 -3.34672  6.70451   1.000 13.93661 ?  138 GLY A C     1 
ATOM   1028 O  O     . GLY A 1 138 ? -12.84555 -2.54013  6.02176   1.000 12.20380 ?  138 GLY A O     1 
ATOM   1029 N  N     . ILE A 1 139 ? -11.05567 -3.88488  6.29118   1.000 11.53622 ?  139 ILE A N     1 
ATOM   1030 C  CA    . ILE A 1 139 ? -10.41330 -3.51316  5.03601   1.000 13.04664 ?  139 ILE A CA    1 
ATOM   1031 C  C     . ILE A 1 139 ? -10.00455 -4.76584  4.28052   1.000 10.47668 ?  139 ILE A C     1 
ATOM   1032 O  O     . ILE A 1 139 ? -9.90675  -5.86449  4.86220   1.000 11.28731 ?  139 ILE A O     1 
ATOM   1033 C  CB    . ILE A 1 139 ? -9.18101  -2.59848  5.26723   1.000 9.84182  ?  139 ILE A CB    1 
ATOM   1034 C  CG1   . ILE A 1 139 ? -8.04603  -3.36726  5.94275   1.000 11.57660 ?  139 ILE A CG1   1 
ATOM   1035 C  CG2   . ILE A 1 139 ? -9.55803  -1.35910  6.07934   1.000 10.44932 ?  139 ILE A CG2   1 
ATOM   1036 C  CD1   . ILE A 1 139 ? -6.81777  -2.50822  6.15219   1.000 10.45734 ?  139 ILE A CD1   1 
ATOM   1037 N  N     . PRO A 1 140 ? -9.75693  -4.65026  2.97187   1.000 10.50346 ?  140 PRO A N     1 
ATOM   1038 C  CA    . PRO A 1 140 ? -9.27417  -5.79482  2.19339   1.000 10.70429 ?  140 PRO A CA    1 
ATOM   1039 C  C     . PRO A 1 140 ? -7.82779  -6.13652  2.51446   1.000 8.98196  ?  140 PRO A C     1 
ATOM   1040 O  O     . PRO A 1 140 ? -7.03776  -5.27791  2.92015   1.000 10.97294 ?  140 PRO A O     1 
ATOM   1041 C  CB    . PRO A 1 140 ? -9.39019  -5.32162  0.74136   1.000 10.92577 ?  140 PRO A CB    1 
ATOM   1042 C  CG    . PRO A 1 140 ? -10.24210 -4.10275  0.76865   1.000 13.28296 ?  140 PRO A CG    1 
ATOM   1043 C  CD    . PRO A 1 140 ? -10.07091 -3.48661  2.11779   1.000 12.80258 ?  140 PRO A CD    1 
ATOM   1044 N  N     . TYR A 1 141 ? -7.49213  -7.41173  2.33082   1.000 7.86251  ?  141 TYR A N     1 
ATOM   1045 C  CA    . TYR A 1 141 ? -6.11229  -7.88425  2.31910   1.000 8.02963  ?  141 TYR A CA    1 
ATOM   1046 C  C     . TYR A 1 141 ? -5.76692  -8.37225  0.91866   1.000 11.18137 ?  141 TYR A C     1 
ATOM   1047 O  O     . TYR A 1 141 ? -6.51351  -9.16922  0.34027   1.000 11.45306 ?  141 TYR A O     1 
ATOM   1048 C  CB    . TYR A 1 141 ? -5.90525  -9.02340  3.31581   1.000 11.23070 ?  141 TYR A CB    1 
ATOM   1049 C  CG    . TYR A 1 141 ? -4.55947  -9.68834  3.20754   1.000 10.89783 ?  141 TYR A CG    1 
ATOM   1050 C  CD1   . TYR A 1 141 ? -3.39324  -8.95202  3.35934   1.000 10.36458 ?  141 TYR A CD1   1 
ATOM   1051 C  CD2   . TYR A 1 141 ? -4.45271  -11.05149 2.95026   1.000 11.45571 ?  141 TYR A CD2   1 
ATOM   1052 C  CE1   . TYR A 1 141 ? -2.15721  -9.53881  3.26100   1.000 10.02527 ?  141 TYR A CE1   1 
ATOM   1053 C  CE2   . TYR A 1 141 ? -3.20434  -11.66084 2.85176   1.000 12.40943 ?  141 TYR A CE2   1 
ATOM   1054 C  CZ    . TYR A 1 141 ? -2.06160  -10.89611 3.02312   1.000 14.80472 ?  141 TYR A CZ    1 
ATOM   1055 O  OH    . TYR A 1 141 ? -0.80715  -11.46389 2.95071   1.000 15.33235 ?  141 TYR A OH    1 
ATOM   1056 N  N     . ILE A 1 142 ? -4.63588  -7.91175  0.38304   1.000 9.15328  ?  142 ILE A N     1 
ATOM   1057 C  CA    . ILE A 1 142 ? -4.18174  -8.32642  -0.94084  1.000 9.43738  ?  142 ILE A CA    1 
ATOM   1058 C  C     . ILE A 1 142 ? -2.70062  -8.68122  -0.86450  1.000 9.89171  ?  142 ILE A C     1 
ATOM   1059 O  O     . ILE A 1 142 ? -1.89997  -7.90366  -0.33311  1.000 10.69997 ?  142 ILE A O     1 
ATOM   1060 C  CB    . ILE A 1 142 ? -4.42811  -7.22748  -1.98676  1.000 9.21641  ?  142 ILE A CB    1 
ATOM   1061 C  CG1   . ILE A 1 142 ? -5.93459  -6.98063  -2.11583  1.000 11.89776 ?  142 ILE A CG1   1 
ATOM   1062 C  CG2   . ILE A 1 142 ? -3.82050  -7.62160  -3.35444  1.000 11.89037 ?  142 ILE A CG2   1 
ATOM   1063 C  CD1   . ILE A 1 142 ? -6.31200  -5.86682  -3.03834  1.000 14.30377 ?  142 ILE A CD1   1 
ATOM   1064 N  N     . GLU A 1 143 ? -2.33703  -9.85098  -1.39361  1.000 9.10636  ?  143 GLU A N     1 
ATOM   1065 C  CA    . GLU A 1 143 ? -0.94137  -10.27451 -1.43271  1.000 10.19831 ?  143 GLU A CA    1 
ATOM   1066 C  C     . GLU A 1 143 ? -0.31419  -9.86202  -2.74996  1.000 11.03083 ?  143 GLU A C     1 
ATOM   1067 O  O     . GLU A 1 143 ? -0.92920  -9.99922  -3.81321  1.000 13.81079 ?  143 GLU A O     1 
ATOM   1068 C  CB    . GLU A 1 143 ? -0.79792  -11.79057 -1.26127  1.000 12.36616 ?  143 GLU A CB    1 
ATOM   1069 C  CG    . GLU A 1 143 ? -1.13142  -12.23920 0.12659   1.000 17.24829 ?  143 GLU A CG    1 
ATOM   1070 C  CD    . GLU A 1 143 ? -0.44065  -13.52737 0.56857   1.000 14.86716 ?  143 GLU A CD    1 
ATOM   1071 O  OE1   . GLU A 1 143 ? 0.15026   -14.25432 -0.26399  1.000 20.04493 ?  143 GLU A OE1   1 
ATOM   1072 O  OE2   . GLU A 1 143 ? -0.51539  -13.80208 1.77745   1.000 20.84051 -1 143 GLU A OE2   1 
ATOM   1073 N  N     . THR A 1 144 ? 0.92070   -9.37771  -2.67935  1.000 8.97770  ?  144 THR A N     1 
ATOM   1074 C  CA    . THR A 1 144 ? 1.60031   -8.84407  -3.84882  1.000 10.11303 ?  144 THR A CA    1 
ATOM   1075 C  C     . THR A 1 144 ? 3.01731   -9.38841  -3.94247  1.000 11.51725 ?  144 THR A C     1 
ATOM   1076 O  O     . THR A 1 144 ? 3.61816   -9.80053  -2.94717  1.000 10.13894 ?  144 THR A O     1 
ATOM   1077 C  CB    . THR A 1 144 ? 1.69690   -7.31589  -3.80758  1.000 12.24415 ?  144 THR A CB    1 
ATOM   1078 O  OG1   . THR A 1 144 ? 2.47264   -6.92108  -2.66394  1.000 10.63047 ?  144 THR A OG1   1 
ATOM   1079 C  CG2   . THR A 1 144 ? 0.31347   -6.65850  -3.74418  1.000 10.64214 ?  144 THR A CG2   1 
ATOM   1080 N  N     . SER A 1 145 ? 3.56477   -9.32582  -5.15667  1.000 10.51818 ?  145 SER A N     1 
ATOM   1081 C  CA    . SER A 1 145 ? 5.00528   -9.43635  -5.38055  1.000 9.13857  ?  145 SER A CA    1 
ATOM   1082 C  C     . SER A 1 145 ? 5.43957   -8.28710  -6.27966  1.000 11.62931 ?  145 SER A C     1 
ATOM   1083 O  O     . SER A 1 145 ? 5.05151   -8.23378  -7.45192  1.000 11.81340 ?  145 SER A O     1 
ATOM   1084 C  CB    . SER A 1 145 ? 5.38804   -10.77145 -6.01694  1.000 12.69877 ?  145 SER A CB    1 
ATOM   1085 O  OG    . SER A 1 145 ? 6.76346   -10.76543 -6.38480  1.000 12.79122 ?  145 SER A OG    1 
ATOM   1086 N  N     . ALA A 1 146 ? 6.24219   -7.37028  -5.73659  1.000 11.31434 ?  146 ALA A N     1 
ATOM   1087 C  CA    . ALA A 1 146 ? 6.85085   -6.34129  -6.57535  1.000 13.75023 ?  146 ALA A CA    1 
ATOM   1088 C  C     . ALA A 1 146 ? 7.80032   -6.95341  -7.59800  1.000 13.60768 ?  146 ALA A C     1 
ATOM   1089 O  O     . ALA A 1 146 ? 8.02300   -6.37365  -8.67069  1.000 15.54500 ?  146 ALA A O     1 
ATOM   1090 C  CB    . ALA A 1 146 ? 7.58399   -5.32055  -5.70407  1.000 12.87769 ?  146 ALA A CB    1 
ATOM   1091 N  N     . LYS A 1 147 ? 8.34713   -8.12954  -7.29338  1.000 12.29210 ?  147 LYS A N     1 
ATOM   1092 C  CA    . LYS A 1 147 ? 9.26079   -8.79610  -8.21359  1.000 13.53628 ?  147 LYS A CA    1 
ATOM   1093 C  C     . LYS A 1 147 ? 8.53637   -9.30964  -9.45272  1.000 17.01882 ?  147 LYS A C     1 
ATOM   1094 O  O     . LYS A 1 147 ? 8.96462   -9.04278  -10.58689 1.000 17.27242 ?  147 LYS A O     1 
ATOM   1095 C  CB    . LYS A 1 147 ? 9.97629   -9.93522  -7.49568  1.000 13.10248 ?  147 LYS A CB    1 
ATOM   1096 C  CG    . LYS A 1 147 ? 10.92841  -10.70128 -8.41539  1.000 16.39215 ?  147 LYS A CG    1 
ATOM   1097 C  CD    . LYS A 1 147 ? 11.77285  -11.66072 -7.62128  1.000 21.67468 ?  147 LYS A CD    1 
ATOM   1098 C  CE    . LYS A 1 147 ? 12.88441  -12.22827 -8.49523  1.000 23.64563 ?  147 LYS A CE    1 
ATOM   1099 N  NZ    . LYS A 1 147 ? 13.52680  -13.38280 -7.82509  1.000 27.44198 1  147 LYS A NZ    1 
ATOM   1100 N  N     . THR A 1 148 ? 7.44290   -10.05306 -9.26166  1.000 13.45901 ?  148 THR A N     1 
ATOM   1101 C  CA    . THR A 1 148 ? 6.72065   -10.68995 -10.36221 1.000 15.62802 ?  148 THR A CA    1 
ATOM   1102 C  C     . THR A 1 148 ? 5.55931   -9.86226  -10.89073 1.000 17.88766 ?  148 THR A C     1 
ATOM   1103 O  O     . THR A 1 148 ? 5.01857   -10.20152 -11.95473 1.000 17.80135 ?  148 THR A O     1 
ATOM   1104 C  CB    . THR A 1 148 ? 6.15552   -12.05850 -9.95408  1.000 15.83444 ?  148 THR A CB    1 
ATOM   1105 O  OG1   . THR A 1 148 ? 5.04742   -11.88417 -9.05558  1.000 14.78928 ?  148 THR A OG1   1 
ATOM   1106 C  CG2   . THR A 1 148 ? 7.22196   -12.94530 -9.31884  1.000 15.42341 ?  148 THR A CG2   1 
ATOM   1107 N  N     . ARG A 1 149 ? 5.15397   -8.81710  -10.16617 1.000 14.64198 ?  149 ARG A N     1 
ATOM   1108 C  CA    . ARG A 1 149 ? 4.02610   -7.92532  -10.42010 1.000 14.33352 ?  149 ARG A CA    1 
ATOM   1109 C  C     . ARG A 1 149 ? 2.70413   -8.54592  -9.98136  1.000 14.70880 ?  149 ARG A C     1 
ATOM   1110 O  O     . ARG A 1 149 ? 1.67694   -7.87537  -10.09024 1.000 13.82273 ?  149 ARG A O     1 
ATOM   1111 C  CB    . ARG A 1 149 ? 3.91942   -7.47838  -11.89310 1.000 15.47671 ?  149 ARG A CB    1 
ATOM   1112 C  CG    . ARG A 1 149 ? 3.32603   -6.08659  -12.08541 1.000 21.16345 ?  149 ARG A CG    1 
ATOM   1113 C  CD    . ARG A 1 149 ? 3.70843   -5.49205  -13.44767 1.000 26.40341 ?  149 ARG A CD    1 
ATOM   1114 N  NE    . ARG A 1 149 ? 3.45312   -4.04869  -13.46944 1.000 24.87648 ?  149 ARG A NE    1 
ATOM   1115 C  CZ    . ARG A 1 149 ? 2.24561   -3.55511  -13.68264 1.000 22.13098 ?  149 ARG A CZ    1 
ATOM   1116 N  NH1   . ARG A 1 149 ? 1.24753   -4.39502  -13.87722 1.000 27.27950 1  149 ARG A NH1   1 
ATOM   1117 N  NH2   . ARG A 1 149 ? 2.02350   -2.24778  -13.69375 1.000 27.20083 ?  149 ARG A NH2   1 
ATOM   1118 N  N     . GLN A 1 150 ? 2.68467   -9.78116  -9.47553  1.000 13.50598 ?  150 GLN A N     1 
ATOM   1119 C  CA    . GLN A 1 150 ? 1.42316   -10.38197 -9.06488  1.000 12.96352 ?  150 GLN A CA    1 
ATOM   1120 C  C     . GLN A 1 150 ? 0.75115   -9.51931  -8.00877  1.000 12.93209 ?  150 GLN A C     1 
ATOM   1121 O  O     . GLN A 1 150 ? 1.37522   -9.13778  -7.01632  1.000 11.29679 ?  150 GLN A O     1 
ATOM   1122 C  CB    . GLN A 1 150 ? 1.63446   -11.79162 -8.52072  1.000 16.54804 ?  150 GLN A CB    1 
ATOM   1123 C  CG    . GLN A 1 150 ? 0.33964   -12.46033 -8.10520  1.000 21.50134 ?  150 GLN A CG    1 
ATOM   1124 C  CD    . GLN A 1 150 ? 0.53803   -13.89814 -7.66609  1.000 28.67250 ?  150 GLN A CD    1 
ATOM   1125 O  OE1   . GLN A 1 150 ? 1.66931   -14.34949 -7.47741  1.000 32.78864 ?  150 GLN A OE1   1 
ATOM   1126 N  NE2   . GLN A 1 150 ? -0.56389  -14.62735 -7.49995  1.000 33.44630 ?  150 GLN A NE2   1 
ATOM   1127 N  N     . GLY A 1 151 ? -0.50768  -9.16460  -8.26290  1.000 12.87546 ?  151 GLY A N     1 
ATOM   1128 C  CA    . GLY A 1 151 ? -1.30521  -8.43933  -7.29792  1.000 12.13076 ?  151 GLY A CA    1 
ATOM   1129 C  C     . GLY A 1 151 ? -1.02265  -6.95648  -7.19017  1.000 12.88989 ?  151 GLY A C     1 
ATOM   1130 O  O     . GLY A 1 151 ? -1.74599  -6.27179  -6.46067  1.000 11.50561 ?  151 GLY A O     1 
ATOM   1131 N  N     . VAL A 1 152 ? -0.00082  -6.43460  -7.88038  1.000 11.82287 ?  152 VAL A N     1 
ATOM   1132 C  CA    . VAL A 1 152 ? 0.37668   -5.03179  -7.70199  1.000 9.73949  ?  152 VAL A CA    1 
ATOM   1133 C  C     . VAL A 1 152 ? -0.73809  -4.10919  -8.18425  1.000 10.39924 ?  152 VAL A C     1 
ATOM   1134 O  O     . VAL A 1 152 ? -1.19052  -3.21971  -7.45265  1.000 11.81318 ?  152 VAL A O     1 
ATOM   1135 C  CB    . VAL A 1 152 ? 1.70710   -4.72824  -8.40898  1.000 10.99167 ?  152 VAL A CB    1 
ATOM   1136 C  CG1   . VAL A 1 152 ? 2.01072   -3.23694  -8.34044  1.000 10.58629 ?  152 VAL A CG1   1 
ATOM   1137 C  CG2   . VAL A 1 152 ? 2.83601   -5.56623  -7.79769  1.000 13.42908 ?  152 VAL A CG2   1 
ATOM   1138 N  N     . GLU A 1 153 ? -1.19419  -4.29539  -9.42239  1.000 12.25185 ?  153 GLU A N     1 
ATOM   1139 C  CA    . GLU A 1 153 ? -2.31801  -3.48298  -9.88282  1.000 13.31159 ?  153 GLU A CA    1 
ATOM   1140 C  C     . GLU A 1 153 ? -3.53883  -3.68479  -8.99505  1.000 13.90885 ?  153 GLU A C     1 
ATOM   1141 O  O     . GLU A 1 153 ? -4.22479  -2.71223  -8.64606  1.000 16.88018 ?  153 GLU A O     1 
ATOM   1142 C  CB    . GLU A 1 153 ? -2.64532  -3.79633  -11.34321 1.000 15.40302 ?  153 GLU A CB    1 
ATOM   1143 C  CG    . GLU A 1 153 ? -1.66674  -3.17623  -12.30933 1.000 22.22204 ?  153 GLU A CG    1 
ATOM   1144 C  CD    . GLU A 1 153 ? -2.03570  -3.43633  -13.75724 1.000 23.63983 ?  153 GLU A CD    1 
ATOM   1145 O  OE1   . GLU A 1 153 ? -3.19333  -3.82922  -14.01561 1.000 30.01738 ?  153 GLU A OE1   1 
ATOM   1146 O  OE2   . GLU A 1 153 ? -1.16489  -3.24364  -14.62624 1.000 25.24784 -1 153 GLU A OE2   1 
ATOM   1147 N  N     . ASP A 1 154 ? -3.79869  -4.92847  -8.57923  1.000 13.22230 ?  154 ASP A N     1 
ATOM   1148 C  CA    . ASP A 1 154 ? -4.93806  -5.19355  -7.70526  1.000 15.36224 ?  154 ASP A CA    1 
ATOM   1149 C  C     . ASP A 1 154 ? -4.86838  -4.37283  -6.42397  1.000 14.32385 ?  154 ASP A C     1 
ATOM   1150 O  O     . ASP A 1 154 ? -5.88208  -3.82376  -5.97813  1.000 12.18753 ?  154 ASP A O     1 
ATOM   1151 C  CB    . ASP A 1 154 ? -5.02534  -6.67918  -7.37024  1.000 19.72493 ?  154 ASP A CB    1 
ATOM   1152 C  CG    . ASP A 1 154 ? -5.54682  -7.50751  -8.52120  1.000 27.98938 ?  154 ASP A CG    1 
ATOM   1153 O  OD1   . ASP A 1 154 ? -5.89703  -6.92093  -9.56996  1.000 28.92863 ?  154 ASP A OD1   1 
ATOM   1154 O  OD2   . ASP A 1 154 ? -5.61223  -8.74682  -8.36980  1.000 35.48657 -1 154 ASP A OD2   1 
ATOM   1155 N  N     . ALA A 1 155 ? -3.68749  -4.27017  -5.81324  1.000 11.61121 ?  155 ALA A N     1 
ATOM   1156 C  CA    . ALA A 1 155 ? -3.59432  -3.54481  -4.54845  1.000 10.53524 ?  155 ALA A CA    1 
ATOM   1157 C  C     . ALA A 1 155 ? -3.90824  -2.06764  -4.74240  1.000 10.35516 ?  155 ALA A C     1 
ATOM   1158 O  O     . ALA A 1 155 ? -4.73239  -1.49640  -4.02286  1.000 12.71878 ?  155 ALA A O     1 
ATOM   1159 C  CB    . ALA A 1 155 ? -2.20742  -3.70820  -3.93578  1.000 11.46448 ?  155 ALA A CB    1 
ATOM   1160 N  N     . PHE A 1 156 ? -3.25822  -1.43131  -5.71731  1.000 10.67689 ?  156 PHE A N     1 
ATOM   1161 C  CA    . PHE A 1 156 ? -3.48582  -0.00614  -5.92281  1.000 12.63388 ?  156 PHE A CA    1 
ATOM   1162 C  C     . PHE A 1 156 ? -4.89874  0.27034   -6.43570  1.000 13.39765 ?  156 PHE A C     1 
ATOM   1163 O  O     . PHE A 1 156 ? -5.55438  1.21951   -5.98762  1.000 11.00011 ?  156 PHE A O     1 
ATOM   1164 C  CB    . PHE A 1 156 ? -2.43387  0.55336   -6.88121  1.000 12.34572 ?  156 PHE A CB    1 
ATOM   1165 C  CG    . PHE A 1 156 ? -1.08397  0.75670   -6.25562  1.000 11.65240 ?  156 PHE A CG    1 
ATOM   1166 C  CD1   . PHE A 1 156 ? -0.80240  1.91786   -5.54513  1.000 11.57349 ?  156 PHE A CD1   1 
ATOM   1167 C  CD2   . PHE A 1 156 ? -0.08928  -0.20589  -6.37960  1.000 11.92906 ?  156 PHE A CD2   1 
ATOM   1168 C  CE1   . PHE A 1 156 ? 0.45192   2.11376   -4.98509  1.000 12.19258 ?  156 PHE A CE1   1 
ATOM   1169 C  CE2   . PHE A 1 156 ? 1.16297   -0.01819  -5.81569  1.000 10.71152 ?  156 PHE A CE2   1 
ATOM   1170 C  CZ    . PHE A 1 156 ? 1.43400   1.15032   -5.12019  1.000 15.31915 ?  156 PHE A CZ    1 
ATOM   1171 N  N     . TYR A 1 157 ? -5.40387  -0.55267  -7.35365  1.000 13.47731 ?  157 TYR A N     1 
ATOM   1172 C  CA    . TYR A 1 157 ? -6.73356  -0.27047  -7.88949  1.000 16.24263 ?  157 TYR A CA    1 
ATOM   1173 C  C     . TYR A 1 157 ? -7.82606  -0.56463  -6.86782  1.000 13.14379 ?  157 TYR A C     1 
ATOM   1174 O  O     . TYR A 1 157 ? -8.84654  0.13876   -6.83086  1.000 13.88714 ?  157 TYR A O     1 
ATOM   1175 C  CB    . TYR A 1 157 ? -6.97133  -1.06184  -9.16931  1.000 14.89673 ?  157 TYR A CB    1 
ATOM   1176 C  CG    . TYR A 1 157 ? -6.04655  -0.67312  -10.29429 1.000 17.00279 ?  157 TYR A CG    1 
ATOM   1177 C  CD1   . TYR A 1 157 ? -5.13004  0.35658   -10.14845 1.000 18.97762 ?  157 TYR A CD1   1 
ATOM   1178 C  CD2   . TYR A 1 157 ? -6.10334  -1.33281  -11.51074 1.000 28.58876 ?  157 TYR A CD2   1 
ATOM   1179 C  CE1   . TYR A 1 157 ? -4.27559  0.70747   -11.18355 1.000 27.14777 ?  157 TYR A CE1   1 
ATOM   1180 C  CE2   . TYR A 1 157 ? -5.26858  -0.98811  -12.54149 1.000 30.10654 ?  157 TYR A CE2   1 
ATOM   1181 C  CZ    . TYR A 1 157 ? -4.35433  0.02813   -12.37455 1.000 28.77807 ?  157 TYR A CZ    1 
ATOM   1182 O  OH    . TYR A 1 157 ? -3.52169  0.36688   -13.42246 1.000 38.81160 ?  157 TYR A OH    1 
ATOM   1183 N  N     . THR A 1 158 ? -7.62914  -1.57708  -6.01928  1.000 11.49285 ?  158 THR A N     1 
ATOM   1184 C  CA    . THR A 1 158 ? -8.58395  -1.81329  -4.94104  1.000 14.01360 ?  158 THR A CA    1 
ATOM   1185 C  C     . THR A 1 158 ? -8.62037  -0.63385  -3.98260  1.000 11.27017 ?  158 THR A C     1 
ATOM   1186 O  O     . THR A 1 158 ? -9.69115  -0.27064  -3.47941  1.000 13.47450 ?  158 THR A O     1 
ATOM   1187 C  CB    . THR A 1 158 ? -8.24422  -3.10136  -4.19643  1.000 12.91608 ?  158 THR A CB    1 
ATOM   1188 O  OG1   . THR A 1 158 ? -8.42479  -4.21375  -5.08123  1.000 13.35924 ?  158 THR A OG1   1 
ATOM   1189 C  CG2   . THR A 1 158 ? -9.13000  -3.28527  -2.95973  1.000 12.47117 ?  158 THR A CG2   1 
ATOM   1190 N  N     . LEU A 1 159 ? -7.46181  -0.02668  -3.70650  1.000 12.04547 ?  159 LEU A N     1 
ATOM   1191 C  CA    . LEU A 1 159 ? -7.46096  1.15411   -2.84619  1.000 11.01470 ?  159 LEU A CA    1 
ATOM   1192 C  C     . LEU A 1 159 ? -8.27216  2.28323   -3.48287  1.000 13.01131 ?  159 LEU A C     1 
ATOM   1193 O  O     . LEU A 1 159 ? -9.02302  2.98559   -2.79499  1.000 14.29397 ?  159 LEU A O     1 
ATOM   1194 C  CB    . LEU A 1 159 ? -6.02268  1.59269   -2.54282  1.000 11.15009 ?  159 LEU A CB    1 
ATOM   1195 C  CG    . LEU A 1 159 ? -5.88216  2.83839   -1.65384  1.000 10.26642 ?  159 LEU A CG    1 
ATOM   1196 C  CD1   . LEU A 1 159 ? -6.66484  2.64175   -0.32385  1.000 11.44766 ?  159 LEU A CD1   1 
ATOM   1197 C  CD2   . LEU A 1 159 ? -4.43152  3.19758   -1.38961  1.000 10.92898 ?  159 LEU A CD2   1 
ATOM   1198 N  N     . VAL A 1 160 ? -8.17451  2.44351   -4.80284  1.000 11.39176 ?  160 VAL A N     1 
ATOM   1199 C  CA    . VAL A 1 160 ? -9.03824  3.41168   -5.48520  1.000 11.07478 ?  160 VAL A CA    1 
ATOM   1200 C  C     . VAL A 1 160 ? -10.51225 3.06485   -5.29273  1.000 14.56838 ?  160 VAL A C     1 
ATOM   1201 O  O     . VAL A 1 160 ? -11.33997 3.94038   -4.99516  1.000 16.18592 ?  160 VAL A O     1 
ATOM   1202 C  CB    . VAL A 1 160 ? -8.65487  3.49832   -6.97426  1.000 15.25805 ?  160 VAL A CB    1 
ATOM   1203 C  CG1   . VAL A 1 160 ? -9.71000  4.29660   -7.73948  1.000 14.18966 ?  160 VAL A CG1   1 
ATOM   1204 C  CG2   . VAL A 1 160 ? -7.27638  4.12020   -7.13603  1.000 15.44899 ?  160 VAL A CG2   1 
ATOM   1205 N  N     . ARG A 1 161 ? -10.87380 1.79390   -5.46082  1.000 14.83352 ?  161 ARG A N     1 
ATOM   1206 C  CA    . ARG A 1 161 ? -12.26497 1.38755   -5.28901  1.000 13.98202 ?  161 ARG A CA    1 
ATOM   1207 C  C     . ARG A 1 161 ? -12.73468 1.51659   -3.84159  1.000 17.36975 ?  161 ARG A C     1 
ATOM   1208 O  O     . ARG A 1 161 ? -13.94181 1.68054   -3.59793  1.000 17.91955 ?  161 ARG A O     1 
ATOM   1209 C  CB    . ARG A 1 161 ? -12.43834 -0.03767  -5.78939  1.000 14.14921 ?  161 ARG A CB    1 
ATOM   1210 C  CG    . ARG A 1 161 ? -12.12285 -0.14913  -7.27588  1.000 14.34793 ?  161 ARG A CG    1 
ATOM   1211 C  CD    . ARG A 1 161 ? -12.42463 -1.52616  -7.78918  1.000 17.90393 ?  161 ARG A CD    1 
ATOM   1212 N  NE    . ARG A 1 161 ? -12.19300 -1.57511  -9.22808  1.000 16.50182 ?  161 ARG A NE    1 
ATOM   1213 C  CZ    . ARG A 1 161 ? -11.27184 -2.33724  -9.80164  1.000 18.06129 ?  161 ARG A CZ    1 
ATOM   1214 N  NH1   . ARG A 1 161 ? -10.51015 -3.13960  -9.06282  1.000 20.20914 1  161 ARG A NH1   1 
ATOM   1215 N  NH2   . ARG A 1 161 ? -11.13518 -2.31416  -11.11667 1.000 16.60310 ?  161 ARG A NH2   1 
ATOM   1216 N  N     . GLU A 1 162 ? -11.81104 1.46548   -2.88187  1.000 15.05419 ?  162 GLU A N     1 
ATOM   1217 C  CA    . GLU A 1 162 ? -12.16837 1.74409   -1.49352  1.000 16.48848 ?  162 GLU A CA    1 
ATOM   1218 C  C     . GLU A 1 162 ? -12.43496 3.22594   -1.28096  1.000 16.32572 ?  162 GLU A C     1 
ATOM   1219 O  O     . GLU A 1 162 ? -13.37059 3.60145   -0.56303  1.000 18.22483 ?  162 GLU A O     1 
ATOM   1220 C  CB    . GLU A 1 162 ? -11.05235 1.28045   -0.55766  1.000 12.91433 ?  162 GLU A CB    1 
ATOM   1221 C  CG    . GLU A 1 162 ? -10.96028 -0.23539  -0.40499  1.000 16.04448 ?  162 GLU A CG    1 
ATOM   1222 C  CD    . GLU A 1 162 ? -12.19893 -0.83371  0.23227   1.000 20.75322 ?  162 GLU A CD    1 
ATOM   1223 O  OE1   . GLU A 1 162 ? -12.60077 -0.38432  1.33347   1.000 21.66969 ?  162 GLU A OE1   1 
ATOM   1224 O  OE2   . GLU A 1 162 ? -12.77522 -1.75639  -0.37442  1.000 19.72465 -1 162 GLU A OE2   1 
ATOM   1225 N  N     . ILE A 1 163 ? -11.60104 4.07715   -1.87122  1.000 12.41684 ?  163 ILE A N     1 
ATOM   1226 C  CA    . ILE A 1 163 ? -11.81986 5.51420   -1.77979  1.000 14.99864 ?  163 ILE A CA    1 
ATOM   1227 C  C     . ILE A 1 163 ? -13.17862 5.87659   -2.36758  1.000 17.84500 ?  163 ILE A C     1 
ATOM   1228 O  O     . ILE A 1 163 ? -13.89535 6.73534   -1.83827  1.000 15.71746 ?  163 ILE A O     1 
ATOM   1229 C  CB    . ILE A 1 163 ? -10.66845 6.26319   -2.47405  1.000 13.96626 ?  163 ILE A CB    1 
ATOM   1230 C  CG1   . ILE A 1 163 ? -9.36934  6.08265   -1.68366  1.000 13.32164 ?  163 ILE A CG1   1 
ATOM   1231 C  CG2   . ILE A 1 163 ? -11.00545 7.74376   -2.65042  1.000 18.65573 ?  163 ILE A CG2   1 
ATOM   1232 C  CD1   . ILE A 1 163 ? -8.13466  6.58265   -2.38127  1.000 13.36652 ?  163 ILE A CD1   1 
ATOM   1233 N  N     . ARG A 1 164 ? -13.57521 5.19897   -3.44521  1.000 15.92694 ?  164 ARG A N     1 
ATOM   1234 C  CA    . ARG A 1 164 ? -14.84392 5.52622   -4.08323  1.000 13.46255 ?  164 ARG A CA    1 
ATOM   1235 C  C     . ARG A 1 164 ? -16.04617 5.11370   -3.25287  1.000 15.68908 ?  164 ARG A C     1 
ATOM   1236 O  O     . ARG A 1 164 ? -17.14258 5.62351   -3.49262  1.000 18.62778 ?  164 ARG A O     1 
ATOM   1237 C  CB    . ARG A 1 164 ? -14.94852 4.85801   -5.45166  1.000 16.71622 ?  164 ARG A CB    1 
ATOM   1238 C  CG    . ARG A 1 164 ? -13.99191 5.38428   -6.49642  1.000 15.89220 ?  164 ARG A CG    1 
ATOM   1239 C  CD    . ARG A 1 164 ? -14.08581 4.45614   -7.70178  1.000 14.18456 ?  164 ARG A CD    1 
ATOM   1240 N  NE    . ARG A 1 164 ? -13.25626 4.87941   -8.82229  1.000 14.72030 ?  164 ARG A NE    1 
ATOM   1241 C  CZ    . ARG A 1 164 ? -13.00003 4.09897   -9.86720  1.000 14.75274 ?  164 ARG A CZ    1 
ATOM   1242 N  NH1   . ARG A 1 164 ? -13.50879 2.88033   -9.91165  1.000 15.14290 1  164 ARG A NH1   1 
ATOM   1243 N  NH2   . ARG A 1 164 ? -12.23403 4.53119   -10.86522 1.000 16.83167 ?  164 ARG A NH2   1 
ATOM   1244 N  N     . GLN A 1 165 ? -15.88730 4.16388   -2.33827  1.000 17.80299 ?  165 GLN A N     1 
ATOM   1245 C  CA    . GLN A 1 165 ? -16.95652 3.84519   -1.40068  1.000 21.80277 ?  165 GLN A CA    1 
ATOM   1246 C  C     . GLN A 1 165 ? -17.07286 4.86779   -0.28166  1.000 25.57193 ?  165 GLN A C     1 
ATOM   1247 O  O     . GLN A 1 165 ? -18.01411 4.78866   0.52254   1.000 24.29563 ?  165 GLN A O     1 
ATOM   1248 C  CB    . GLN A 1 165 ? -16.72853 2.46045   -0.79792  1.000 20.20645 ?  165 GLN A CB    1 
ATOM   1249 C  CG    . GLN A 1 165 ? -16.82814 1.32452   -1.79520  1.000 19.80376 ?  165 GLN A CG    1 
ATOM   1250 C  CD    . GLN A 1 165 ? -16.53353 -0.00508  -1.14847  1.000 22.21135 ?  165 GLN A CD    1 
ATOM   1251 O  OE1   . GLN A 1 165 ? -15.58924 -0.70384  -1.52715  1.000 26.10831 ?  165 GLN A OE1   1 
ATOM   1252 N  NE2   . GLN A 1 165 ? -17.33650 -0.36269  -0.15772  1.000 23.49179 ?  165 GLN A NE2   1 
ATOM   1253 N  N     . HIS A 1 166 ? -16.14263 5.81404   -0.20943  1.000 24.37211 ?  166 HIS A N     1 
ATOM   1254 C  CA    . HIS A 1 166 ? -16.07256 6.72083   0.91716   1.000 27.00638 ?  166 HIS A CA    1 
ATOM   1255 C  C     . HIS A 1 166 ? -16.80215 8.01523   0.59787   1.000 29.50332 ?  166 HIS A C     1 
ATOM   1256 O  O     . HIS A 1 166 ? -17.53776 8.53444   1.43262   1.000 42.73589 ?  166 HIS A O     1 
ATOM   1257 C  CB    . HIS A 1 166 ? -14.61369 6.99105   1.28173   1.000 25.46583 ?  166 HIS A CB    1 
ATOM   1258 C  CG    . HIS A 1 166 ? -14.41756 7.42833   2.69816   1.000 29.74173 ?  166 HIS A CG    1 
ATOM   1259 N  ND1   . HIS A 1 166 ? -14.04238 8.71069   3.03651   1.000 33.91742 ?  166 HIS A ND1   1 
ATOM   1260 C  CD2   . HIS A 1 166 ? -14.55449 6.75476   3.86451   1.000 30.08243 ?  166 HIS A CD2   1 
ATOM   1261 C  CE1   . HIS A 1 166 ? -13.95025 8.80646   4.35195   1.000 30.99509 ?  166 HIS A CE1   1 
ATOM   1262 N  NE2   . HIS A 1 166 ? -14.25857 7.63439   4.87755   1.000 31.75689 ?  166 HIS A NE2   1 
HETATM 1263 P  PB    . GDP B 2 .   ? 10.96407  -0.04603  1.34265   1.000 11.78642 ?  201 GDP A PB    1 
HETATM 1264 O  O1B   . GDP B 2 .   ? 9.62669   -0.36962  1.95682   1.000 10.86270 ?  201 GDP A O1B   1 
HETATM 1265 O  O2B   . GDP B 2 .   ? 10.81044  1.07726   0.34730   1.000 10.56540 -1 201 GDP A O2B   1 
HETATM 1266 O  O3B   . GDP B 2 .   ? 11.99711  0.26718   2.40646   1.000 12.55977 ?  201 GDP A O3B   1 
HETATM 1267 O  O3A   . GDP B 2 .   ? 11.45236  -1.39038  0.59064   1.000 11.62695 ?  201 GDP A O3A   1 
HETATM 1268 P  PA    . GDP B 2 .   ? 12.22390  -1.50610  -0.82657  1.000 14.76933 ?  201 GDP A PA    1 
HETATM 1269 O  O1A   . GDP B 2 .   ? 11.28192  -1.23112  -1.95162  1.000 12.76253 ?  201 GDP A O1A   1 
HETATM 1270 O  O2A   . GDP B 2 .   ? 13.48053  -0.67066  -0.82951  1.000 16.05278 -1 201 GDP A O2A   1 
HETATM 1271 O  "O5'" . GDP B 2 .   ? 12.57164  -3.06866  -0.82779  1.000 12.89155 ?  201 GDP A "O5'" 1 
HETATM 1272 C  "C5'" . GDP B 2 .   ? 13.46013  -3.58284  0.16238   1.000 13.57605 ?  201 GDP A "C5'" 1 
HETATM 1273 C  "C4'" . GDP B 2 .   ? 14.12169  -4.83292  -0.38184  1.000 13.48350 ?  201 GDP A "C4'" 1 
HETATM 1274 O  "O4'" . GDP B 2 .   ? 13.13733  -5.83318  -0.63035  1.000 13.87450 ?  201 GDP A "O4'" 1 
HETATM 1275 C  "C3'" . GDP B 2 .   ? 14.80704  -4.57912  -1.72130  1.000 14.86580 ?  201 GDP A "C3'" 1 
HETATM 1276 O  "O3'" . GDP B 2 .   ? 16.03488  -5.32186  -1.74854  1.000 16.84553 ?  201 GDP A "O3'" 1 
HETATM 1277 C  "C2'" . GDP B 2 .   ? 13.85256  -5.13772  -2.76061  1.000 15.06972 ?  201 GDP A "C2'" 1 
HETATM 1278 O  "O2'" . GDP B 2 .   ? 14.49494  -5.64031  -3.94668  1.000 17.62945 ?  201 GDP A "O2'" 1 
HETATM 1279 C  "C1'" . GDP B 2 .   ? 13.18852  -6.24988  -1.99002  1.000 12.03912 ?  201 GDP A "C1'" 1 
HETATM 1280 N  N9    . GDP B 2 .   ? 11.81037  -6.47189  -2.42671  1.000 10.30265 ?  201 GDP A N9    1 
HETATM 1281 C  C8    . GDP B 2 .   ? 10.80477  -5.57133  -2.43902  1.000 12.03134 ?  201 GDP A C8    1 
HETATM 1282 N  N7    . GDP B 2 .   ? 9.67912   -6.15154  -2.89467  1.000 10.79514 ?  201 GDP A N7    1 
HETATM 1283 C  C5    . GDP B 2 .   ? 9.95751   -7.44689  -3.14600  1.000 10.62522 ?  201 GDP A C5    1 
HETATM 1284 C  C6    . GDP B 2 .   ? 9.21678   -8.62320  -3.62741  1.000 11.58691 ?  201 GDP A C6    1 
HETATM 1285 O  O6    . GDP B 2 .   ? 7.99744   -8.51719  -3.89035  1.000 11.33272 ?  201 GDP A O6    1 
HETATM 1286 N  N1    . GDP B 2 .   ? 9.88554   -9.79465  -3.75576  1.000 12.33751 ?  201 GDP A N1    1 
HETATM 1287 C  C2    . GDP B 2 .   ? 11.19930  -9.90468  -3.44908  1.000 11.30033 ?  201 GDP A C2    1 
HETATM 1288 N  N2    . GDP B 2 .   ? 11.82271  -11.09819 -3.59520  1.000 15.27473 ?  201 GDP A N2    1 
HETATM 1289 N  N3    . GDP B 2 .   ? 11.94013  -8.86712  -2.99644  1.000 12.05426 ?  201 GDP A N3    1 
HETATM 1290 C  C4    . GDP B 2 .   ? 11.37027  -7.64488  -2.83271  1.000 12.23666 ?  201 GDP A C4    1 
HETATM 1291 C  C21   . MOV C 3 .   ? 10.69491  3.40656   9.53074   1.000 24.12389 ?  202 MOV A C21   1 
HETATM 1292 C  C20   . MOV C 3 .   ? 10.73790  4.82629   8.95454   1.000 21.21926 ?  202 MOV A C20   1 
HETATM 1293 C  C19   . MOV C 3 .   ? 11.55918  4.80011   7.67116   1.000 25.53948 ?  202 MOV A C19   1 
HETATM 1294 N  N6    . MOV C 3 .   ? 10.91842  4.16937   6.57700   1.000 21.98124 ?  202 MOV A N6    1 
HETATM 1295 C  C23   . MOV C 3 .   ? 11.62864  3.40213   5.59418   1.000 24.50842 ?  202 MOV A C23   1 
HETATM 1296 O  O2    . MOV C 3 .   ? 10.98317  2.93051   4.71945   1.000 18.75982 ?  202 MOV A O2    1 
HETATM 1297 C  C24   . MOV C 3 .   ? 13.15611  3.25614   5.70609   1.000 20.68448 ?  202 MOV A C24   1 
HETATM 1298 C  C25   . MOV C 3 .   ? 13.69676  1.83195   5.57741   1.000 25.20224 ?  202 MOV A C25   1 
HETATM 1299 C  C18   . MOV C 3 .   ? 9.52683   4.32266   6.47280   1.000 24.53706 ?  202 MOV A C18   1 
HETATM 1300 C  C17   . MOV C 3 .   ? 9.09826   5.54517   7.24710   1.000 26.32714 ?  202 MOV A C17   1 
HETATM 1301 N  N2    . MOV C 3 .   ? 9.37146   5.40076   8.72237   1.000 19.35619 ?  202 MOV A N2    1 
HETATM 1302 C  C7    . MOV C 3 .   ? 8.46968   5.76471   9.81109   1.000 19.51456 ?  202 MOV A C7    1 
HETATM 1303 N  N3    . MOV C 3 .   ? 8.92712   5.53679   11.03443  1.000 21.75947 ?  202 MOV A N3    1 
HETATM 1304 C  C8    . MOV C 3 .   ? 8.17773   5.81393   12.08749  1.000 24.37296 ?  202 MOV A C8    1 
HETATM 1305 O  O1    . MOV C 3 .   ? 8.68934   5.55590   13.36371  1.000 25.05417 ?  202 MOV A O1    1 
HETATM 1306 N  N4    . MOV C 3 .   ? 6.97310   6.34337   11.98892  1.000 20.58125 ?  202 MOV A N4    1 
HETATM 1307 C  C9    . MOV C 3 .   ? 6.23130   6.59593   13.21535  1.000 22.12212 ?  202 MOV A C9    1 
HETATM 1308 C  C13   . MOV C 3 .   ? 6.22934   7.86181   13.77998  1.000 23.23892 ?  202 MOV A C13   1 
HETATM 1309 C  C22   . MOV C 3 .   ? 6.98326   9.01153   13.12129  1.000 25.94642 ?  202 MOV A C22   1 
HETATM 1310 C  C12   . MOV C 3 .   ? 5.52170   8.03974   14.95575  1.000 20.84035 ?  202 MOV A C12   1 
HETATM 1311 C  C11   . MOV C 3 .   ? 4.85158   6.95987   15.50442  1.000 23.88787 ?  202 MOV A C11   1 
HETATM 1312 N  N5    . MOV C 3 .   ? 4.87824   5.76368   14.94909  1.000 22.21682 ?  202 MOV A N5    1 
HETATM 1313 C  C10   . MOV C 3 .   ? 5.54363   5.55651   13.82830  1.000 21.01497 ?  202 MOV A C10   1 
HETATM 1314 C  C14   . MOV C 3 .   ? 5.54178   4.15159   13.21418  1.000 19.34113 ?  202 MOV A C14   1 
HETATM 1315 C  C16   . MOV C 3 .   ? 4.12127   3.76869   12.80635  1.000 18.02495 ?  202 MOV A C16   1 
HETATM 1316 C  C15   . MOV C 3 .   ? 6.11116   3.13353   14.18705  1.000 23.56719 ?  202 MOV A C15   1 
HETATM 1317 C  C2    . MOV C 3 .   ? 6.42405   6.60926   10.77049  1.000 19.04177 ?  202 MOV A C2    1 
HETATM 1318 N  N1    . MOV C 3 .   ? 5.17212   7.14321   10.71362  1.000 18.24472 ?  202 MOV A N1    1 
HETATM 1319 C  C1    . MOV C 3 .   ? 7.15469   6.33976   9.65008   1.000 17.91942 ?  202 MOV A C1    1 
HETATM 1320 C  C5    . MOV C 3 .   ? 6.53410   6.65708   8.40482   1.000 21.56787 ?  202 MOV A C5    1 
HETATM 1321 C  C4    . MOV C 3 .   ? 5.26224   7.20776   8.35147   1.000 19.36479 ?  202 MOV A C4    1 
HETATM 1322 F  F1    . MOV C 3 .   ? 4.72255   7.50703   7.14073   1.000 20.33907 ?  202 MOV A F1    1 
HETATM 1323 C  C3    . MOV C 3 .   ? 4.59155   7.44860   9.55783   1.000 20.05851 ?  202 MOV A C3    1 
HETATM 1324 C  C6    . MOV C 3 .   ? 3.18558   8.02439   9.54267   1.000 22.35491 ?  202 MOV A C6    1 
HETATM 1325 C  C30   . MOV C 3 .   ? 2.18243   7.30531   8.89458   1.000 21.67431 ?  202 MOV A C30   1 
HETATM 1326 F  F2    . MOV C 3 .   ? 2.49140   6.12410   8.28144   1.000 21.81041 ?  202 MOV A F2    1 
HETATM 1327 C  C29   . MOV C 3 .   ? 0.88604   7.78561   8.85804   1.000 20.52590 ?  202 MOV A C29   1 
HETATM 1328 C  C28   . MOV C 3 .   ? 0.58956   8.98804   9.48128   1.000 22.68923 ?  202 MOV A C28   1 
HETATM 1329 C  C27   . MOV C 3 .   ? 1.58478   9.70086   10.13466  1.000 23.95733 ?  202 MOV A C27   1 
HETATM 1330 C  C26   . MOV C 3 .   ? 2.88369   9.21772   10.17350  1.000 24.60595 ?  202 MOV A C26   1 
HETATM 1331 O  O3    . MOV C 3 .   ? 3.90307   9.91670   10.83033  1.000 24.40294 ?  202 MOV A O3    1 
HETATM 1332 MG MG    . MG  D 4 .   ? 11.70565  2.94234   -0.01164  1.000 14.61115 ?  203 MG  A MG    1 
HETATM 1333 O  O     . HOH E 5 .   ? 2.90778   3.36104   -16.07605 1.000 30.81425 ?  301 HOH A O     1 
HETATM 1334 O  O     . HOH E 5 .   ? -4.31630  17.06793  -7.20691  1.000 43.12348 ?  302 HOH A O     1 
HETATM 1335 O  O     . HOH E 5 .   ? 14.45556  6.89482   6.35643   1.000 35.43997 ?  303 HOH A O     1 
HETATM 1336 O  O     . HOH E 5 .   ? 6.21460   -3.88192  16.16659  1.000 26.47403 ?  304 HOH A O     1 
HETATM 1337 O  O     . HOH E 5 .   ? -4.49983  -10.30240 -6.95859  1.000 23.17632 ?  305 HOH A O     1 
HETATM 1338 O  O     . HOH E 5 .   ? 10.67489  -6.70529  5.03268   1.000 27.14941 ?  306 HOH A O     1 
HETATM 1339 O  O     . HOH E 5 .   ? 11.62544  -14.88440 -6.03631  1.000 24.87173 ?  307 HOH A O     1 
HETATM 1340 O  O     . HOH E 5 .   ? -8.33796  -4.60571  15.01228  1.000 26.89500 ?  308 HOH A O     1 
HETATM 1341 O  O     . HOH E 5 .   ? 9.89095   4.03790   0.48676   1.000 13.94967 ?  309 HOH A O     1 
HETATM 1342 O  O     . HOH E 5 .   ? 13.50836  1.89122   -0.67153  1.000 13.41690 ?  310 HOH A O     1 
HETATM 1343 O  O     . HOH E 5 .   ? -10.81637 0.34314   3.04260   1.000 15.07593 ?  311 HOH A O     1 
HETATM 1344 O  O     . HOH E 5 .   ? 0.20435   -14.76406 -2.79542  1.000 22.18809 ?  312 HOH A O     1 
HETATM 1345 O  O     . HOH E 5 .   ? -2.96046  -11.06241 -5.01512  1.000 21.41918 ?  313 HOH A O     1 
HETATM 1346 O  O     . HOH E 5 .   ? -0.60129  -18.87001 4.23955   1.000 17.07120 ?  314 HOH A O     1 
HETATM 1347 O  O     . HOH E 5 .   ? 20.77877  5.62189   1.28333   1.000 32.55743 ?  315 HOH A O     1 
HETATM 1348 O  O     . HOH E 5 .   ? 8.69375   -17.69965 -6.53147  1.000 33.45381 ?  316 HOH A O     1 
HETATM 1349 O  O     . HOH E 5 .   ? 6.78385   -6.37259  16.99550  1.000 18.44450 ?  317 HOH A O     1 
HETATM 1350 O  O     . HOH E 5 .   ? 3.10135   -3.47867  16.93278  1.000 24.09478 ?  318 HOH A O     1 
HETATM 1351 O  O     . HOH E 5 .   ? -20.16746 3.40395   1.16108   1.000 24.99400 ?  319 HOH A O     1 
HETATM 1352 O  O     . HOH E 5 .   ? -16.09525 8.67263   -13.59625 1.000 30.53533 ?  320 HOH A O     1 
HETATM 1353 O  O     . HOH E 5 .   ? 8.33857   13.22174  -7.96370  1.000 33.22562 ?  321 HOH A O     1 
HETATM 1354 O  O     . HOH E 5 .   ? 10.56435  -5.29843  -16.38730 1.000 27.02127 ?  322 HOH A O     1 
HETATM 1355 O  O     . HOH E 5 .   ? -11.64564 7.08156   -19.67629 1.000 30.69498 ?  323 HOH A O     1 
HETATM 1356 O  O     . HOH E 5 .   ? -16.18571 5.93312   -19.22833 1.000 28.46220 ?  324 HOH A O     1 
HETATM 1357 O  O     . HOH E 5 .   ? 12.81417  4.74764   -0.35838  1.000 15.20649 ?  325 HOH A O     1 
HETATM 1358 O  O     . HOH E 5 .   ? -1.49540  -21.09612 6.79518   1.000 40.86334 ?  326 HOH A O     1 
HETATM 1359 O  O     . HOH E 5 .   ? -4.79804  -0.07898  14.83998  1.000 23.15943 ?  327 HOH A O     1 
HETATM 1360 O  O     . HOH E 5 .   ? -4.77651  6.57029   16.84438  1.000 24.37152 ?  328 HOH A O     1 
HETATM 1361 O  O     . HOH E 5 .   ? -12.01248 -1.88731  13.60347  1.000 36.74638 ?  329 HOH A O     1 
HETATM 1362 O  O     . HOH E 5 .   ? 2.58491   -17.91954 11.03481  1.000 21.28464 ?  330 HOH A O     1 
HETATM 1363 O  O     . HOH E 5 .   ? 12.18596  -7.92494  10.54775  1.000 23.35801 ?  331 HOH A O     1 
HETATM 1364 O  O     . HOH E 5 .   ? 14.62621  -0.37127  2.23239   1.000 17.87062 ?  332 HOH A O     1 
HETATM 1365 O  O     . HOH E 5 .   ? -0.31419  -6.40780  -11.21079 1.000 15.64170 ?  333 HOH A O     1 
HETATM 1366 O  O     . HOH E 5 .   ? 5.94416   -17.86891 11.34276  1.000 17.81236 ?  334 HOH A O     1 
HETATM 1367 O  O     . HOH E 5 .   ? 5.05304   -2.72837  7.83912   1.000 11.29729 ?  335 HOH A O     1 
HETATM 1368 O  O     . HOH E 5 .   ? 8.48108   0.50609   11.33895  1.000 22.72401 ?  336 HOH A O     1 
HETATM 1369 O  O     . HOH E 5 .   ? -10.50921 1.97164   7.74460   1.000 26.07661 ?  337 HOH A O     1 
HETATM 1370 O  O     . HOH E 5 .   ? 10.28839  -2.29146  -8.44271  1.000 15.59081 ?  338 HOH A O     1 
HETATM 1371 O  O     . HOH E 5 .   ? 16.08385  -1.42391  -1.20825  1.000 21.83825 ?  339 HOH A O     1 
HETATM 1372 O  O     . HOH E 5 .   ? 5.88395   -11.99508 -13.83947 1.000 31.24604 ?  340 HOH A O     1 
HETATM 1373 O  O     . HOH E 5 .   ? 10.37994  7.29752   -3.17057  1.000 18.56482 ?  341 HOH A O     1 
HETATM 1374 O  O     . HOH E 5 .   ? 11.19710  -8.78537  4.04249   1.000 14.93549 ?  342 HOH A O     1 
HETATM 1375 O  O     . HOH E 5 .   ? -12.38781 0.37804   7.93865   1.000 26.30928 ?  343 HOH A O     1 
HETATM 1376 O  O     . HOH E 5 .   ? -9.83143  0.52768   9.86135   1.000 30.36108 ?  344 HOH A O     1 
HETATM 1377 O  O     . HOH E 5 .   ? -12.72714 9.42239   -17.31453 1.000 29.42356 ?  345 HOH A O     1 
HETATM 1378 O  O     . HOH E 5 .   ? -11.83991 9.29793   6.93215   1.000 30.24784 ?  346 HOH A O     1 
HETATM 1379 O  O     . HOH E 5 .   ? 5.29720   13.76129  -10.09322 1.000 20.56192 ?  347 HOH A O     1 
HETATM 1380 O  O     . HOH E 5 .   ? 12.30231  2.99567   2.02958   1.000 13.11955 ?  348 HOH A O     1 
HETATM 1381 O  O     . HOH E 5 .   ? -10.57197 -10.68443 12.67683  1.000 23.65835 ?  349 HOH A O     1 
HETATM 1382 O  O     . HOH E 5 .   ? -10.63735 -1.11893  -14.99019 1.000 20.47922 ?  350 HOH A O     1 
HETATM 1383 O  O     . HOH E 5 .   ? 9.00368   -9.62623  16.41229  1.000 11.89850 ?  351 HOH A O     1 
HETATM 1384 O  O     . HOH E 5 .   ? 3.69003   7.75579   -14.89168 1.000 20.26472 ?  352 HOH A O     1 
HETATM 1385 O  O     . HOH E 5 .   ? 12.23743  10.42848  -6.68706  1.000 27.44430 ?  353 HOH A O     1 
HETATM 1386 O  O     . HOH E 5 .   ? -4.21565  -4.30496  15.46304  1.000 18.27716 ?  354 HOH A O     1 
HETATM 1387 O  O     . HOH E 5 .   ? -10.63633 9.52205   1.90447   1.000 23.58517 ?  355 HOH A O     1 
HETATM 1388 O  O     . HOH E 5 .   ? 5.85504   4.15715   6.24482   1.000 14.56278 ?  356 HOH A O     1 
HETATM 1389 O  O     . HOH E 5 .   ? -13.62240 -2.18899  3.23488   1.000 28.51723 ?  357 HOH A O     1 
HETATM 1390 O  O     . HOH E 5 .   ? 3.90009   4.03389   16.95435  1.000 19.98422 ?  358 HOH A O     1 
HETATM 1391 O  O     . HOH E 5 .   ? -11.40210 0.37735   -17.29802 1.000 20.42166 ?  359 HOH A O     1 
HETATM 1392 O  O     . HOH E 5 .   ? 5.39116   -21.10970 5.67657   1.000 24.59955 ?  360 HOH A O     1 
HETATM 1393 O  O     . HOH E 5 .   ? -15.36095 1.50886   -8.24707  1.000 12.63942 ?  361 HOH A O     1 
HETATM 1394 O  O     . HOH E 5 .   ? -10.96039 -4.53615  -6.34839  1.000 21.13005 ?  362 HOH A O     1 
HETATM 1395 O  O     . HOH E 5 .   ? 14.66798  -11.37074 -3.64559  1.000 25.75235 ?  363 HOH A O     1 
HETATM 1396 O  O     . HOH E 5 .   ? -1.77262  -10.30867 -10.56919 1.000 21.32586 ?  364 HOH A O     1 
HETATM 1397 O  O     . HOH E 5 .   ? 12.57590  -10.23524 6.05984   1.000 17.24147 ?  365 HOH A O     1 
HETATM 1398 O  O     . HOH E 5 .   ? -0.58264  -6.62079  -13.97765 1.000 29.68839 ?  366 HOH A O     1 
HETATM 1399 O  O     . HOH E 5 .   ? -2.75993  -7.27859  -9.89415  1.000 18.56518 ?  367 HOH A O     1 
HETATM 1400 O  O     . HOH E 5 .   ? 13.60265  -10.55213 2.12416   1.000 21.79497 ?  368 HOH A O     1 
HETATM 1401 O  O     . HOH E 5 .   ? 11.69006  -6.29595  -13.74290 1.000 23.20016 ?  369 HOH A O     1 
HETATM 1402 O  O     . HOH E 5 .   ? 18.48156  3.89812   -5.39599  1.000 23.00642 ?  370 HOH A O     1 
HETATM 1403 O  O     . HOH E 5 .   ? -10.24754 -10.09892 5.59516   1.000 23.00337 ?  371 HOH A O     1 
HETATM 1404 O  O     . HOH E 5 .   ? -4.65976  1.99288   -16.65607 1.000 27.36109 ?  372 HOH A O     1 
HETATM 1405 O  O     . HOH E 5 .   ? -0.38509  -17.28302 -6.32226  1.000 31.09532 ?  373 HOH A O     1 
HETATM 1406 O  O     . HOH E 5 .   ? -13.13672 6.97870   14.56474  1.000 46.32336 ?  374 HOH A O     1 
HETATM 1407 O  O     . HOH E 5 .   ? 20.35773  7.51459   -4.38340  1.000 25.33483 ?  375 HOH A O     1 
HETATM 1408 O  O     . HOH E 5 .   ? 13.57908  12.02392  0.50123   1.000 31.84754 ?  376 HOH A O     1 
HETATM 1409 O  O     . HOH E 5 .   ? -16.00654 1.04602   -5.57713  1.000 15.22264 ?  377 HOH A O     1 
HETATM 1410 O  O     . HOH E 5 .   ? -12.74677 -4.27555  -1.87170  0.50  23.55421 ?  378 HOH A O     1 
HETATM 1411 O  O     . HOH E 5 .   ? 10.95204  -0.05344  10.12150  1.000 18.42574 ?  379 HOH A O     1 
HETATM 1412 O  O     . HOH E 5 .   ? -0.20167  -5.42185  13.60411  1.000 17.81166 ?  380 HOH A O     1 
HETATM 1413 O  O     . HOH E 5 .   ? -3.20986  -19.15768 5.52284   1.000 19.21590 ?  381 HOH A O     1 
HETATM 1414 O  O     . HOH E 5 .   ? 13.53442  -9.20355  -0.46854  1.000 19.13352 ?  382 HOH A O     1 
HETATM 1415 O  O     . HOH E 5 .   ? 8.81406   -7.22790  -13.26503 1.000 31.65370 ?  383 HOH A O     1 
HETATM 1416 O  O     . HOH E 5 .   ? 12.52408  -18.11587 -1.96956  1.000 29.24530 ?  384 HOH A O     1 
HETATM 1417 O  O     . HOH E 5 .   ? 9.55386   4.69067   -5.56957  1.000 24.64244 ?  385 HOH A O     1 
HETATM 1418 O  O     . HOH E 5 .   ? 0.93134   -12.24203 -4.82963  1.000 21.04201 ?  386 HOH A O     1 
HETATM 1419 O  O     . HOH E 5 .   ? 2.18686   -11.25448 -12.80329 1.000 32.66520 ?  387 HOH A O     1 
HETATM 1420 O  O     . HOH E 5 .   ? -0.00959  -6.39353  15.54852  1.000 25.71835 ?  388 HOH A O     1 
HETATM 1421 O  O     . HOH E 5 .   ? -3.69640  4.24885   -18.73719 1.000 36.89849 ?  389 HOH A O     1 
HETATM 1422 O  O     . HOH E 5 .   ? 16.01375  -8.53098  -3.91345  1.000 30.82378 ?  390 HOH A O     1 
HETATM 1423 O  O     . HOH E 5 .   ? 2.20510   -16.81640 -2.21357  1.000 34.82631 ?  391 HOH A O     1 
HETATM 1424 O  O     . HOH E 5 .   ? -8.68315  -6.59030  -7.84626  0.50  32.66472 ?  392 HOH A O     1 
HETATM 1425 O  O     . HOH E 5 .   ? -1.60200  1.57185   20.21297  1.000 31.61461 ?  393 HOH A O     1 
HETATM 1426 O  O     . HOH E 5 .   ? 7.71609   11.72851  -10.01517 1.000 34.49171 ?  394 HOH A O     1 
HETATM 1427 O  O     . HOH E 5 .   ? -14.13491 13.57445  -10.51392 1.000 40.31203 ?  395 HOH A O     1 
HETATM 1428 O  O     . HOH E 5 .   ? -12.17941 1.06821   5.19832   1.000 22.23912 ?  396 HOH A O     1 
HETATM 1429 O  O     . HOH E 5 .   ? 16.51405  4.73871   5.92389   1.000 29.05089 ?  397 HOH A O     1 
HETATM 1430 O  O     . HOH E 5 .   ? 7.00064   -7.06943  -14.99569 1.000 36.25605 ?  398 HOH A O     1 
HETATM 1431 O  O     . HOH E 5 .   ? 3.53523   5.75809   19.10195  1.000 41.95090 ?  399 HOH A O     1 
HETATM 1432 O  O     . HOH E 5 .   ? 4.39030   -18.35063 13.27731  0.33  15.62238 ?  400 HOH A O     1 
HETATM 1433 O  O     . HOH E 5 .   ? 10.68315  -10.96204 14.69482  0.33  20.09261 ?  401 HOH A O     1 
HETATM 1434 O  O     . HOH E 5 .   ? -12.61343 -3.39232  -4.48072  1.000 25.39538 ?  402 HOH A O     1 
HETATM 1435 O  O     . HOH E 5 .   ? 14.22032  11.23721  8.46952   1.000 43.72033 ?  403 HOH A O     1 
HETATM 1436 O  O     . HOH E 5 .   ? 12.73355  -8.55461  15.15669  0.33  23.40519 ?  404 HOH A O     1 
HETATM 1437 O  O     . HOH E 5 .   ? 10.13026  17.37119  8.06905   1.000 39.58912 ?  405 HOH A O     1 
HETATM 1438 O  O     . HOH E 5 .   ? -16.38919 13.68731  -5.62189  1.000 52.61071 ?  406 HOH A O     1 
HETATM 1439 O  O     . HOH E 5 .   ? -15.16943 15.33784  -6.79392  1.000 50.61369 ?  407 HOH A O     1 
# 
